data_2EQJ
#
_entry.id   2EQJ
#
_entity_poly.entity_id   1
_entity_poly.type   'polypeptide(L)'
_entity_poly.pdbx_seq_one_letter_code
;GSSGSSGKKPACKFEEGQDVLARWSDGLFYLGTIKKINILKQSCFIIFEDSSKSWVLWKDIQTGAT
;
_entity_poly.pdbx_strand_id   A
#
# COMPACT_ATOMS: atom_id res chain seq x y z
N GLY A 1 -11.13 -2.02 -27.90
CA GLY A 1 -10.87 -1.36 -29.17
C GLY A 1 -11.35 0.08 -29.17
N SER A 2 -11.67 0.59 -30.36
CA SER A 2 -12.13 1.96 -30.50
C SER A 2 -13.54 2.12 -29.93
N SER A 3 -14.47 1.32 -30.44
CA SER A 3 -15.86 1.37 -29.99
C SER A 3 -15.99 0.80 -28.58
N GLY A 4 -16.16 1.68 -27.61
CA GLY A 4 -16.30 1.25 -26.23
C GLY A 4 -14.99 1.32 -25.46
N SER A 5 -15.02 0.89 -24.20
CA SER A 5 -13.82 0.92 -23.36
C SER A 5 -13.20 -0.47 -23.26
N SER A 6 -11.90 -0.55 -23.47
CA SER A 6 -11.19 -1.82 -23.41
C SER A 6 -10.21 -1.83 -22.25
N GLY A 7 -10.41 -2.75 -21.30
CA GLY A 7 -9.53 -2.85 -20.15
C GLY A 7 -10.12 -2.18 -18.92
N LYS A 8 -9.48 -2.40 -17.78
CA LYS A 8 -9.95 -1.82 -16.52
C LYS A 8 -8.96 -2.11 -15.39
N LYS A 9 -8.80 -1.14 -14.50
CA LYS A 9 -7.88 -1.29 -13.37
C LYS A 9 -8.64 -1.71 -12.11
N PRO A 10 -7.96 -2.50 -11.25
CA PRO A 10 -8.55 -2.99 -10.00
C PRO A 10 -8.75 -1.87 -8.98
N ALA A 11 -9.52 -2.15 -7.94
CA ALA A 11 -9.78 -1.17 -6.89
C ALA A 11 -8.78 -1.31 -5.75
N CYS A 12 -8.60 -0.23 -5.00
CA CYS A 12 -7.67 -0.23 -3.88
C CYS A 12 -8.26 -0.94 -2.66
N LYS A 13 -8.31 -2.27 -2.74
CA LYS A 13 -8.85 -3.07 -1.65
C LYS A 13 -8.38 -2.55 -0.30
N PHE A 14 -7.15 -2.04 -0.26
CA PHE A 14 -6.59 -1.50 0.98
C PHE A 14 -7.53 -0.47 1.60
N GLU A 15 -7.17 0.01 2.79
CA GLU A 15 -7.98 1.00 3.48
C GLU A 15 -7.11 2.14 4.01
N GLU A 16 -7.67 3.34 4.04
CA GLU A 16 -6.95 4.51 4.52
C GLU A 16 -6.98 4.59 6.05
N GLY A 17 -5.81 4.58 6.66
CA GLY A 17 -5.72 4.65 8.11
C GLY A 17 -5.68 3.29 8.75
N GLN A 18 -5.36 2.26 7.96
CA GLN A 18 -5.29 0.90 8.45
C GLN A 18 -3.85 0.52 8.79
N ASP A 19 -3.63 0.11 10.03
CA ASP A 19 -2.29 -0.28 10.49
C ASP A 19 -1.88 -1.63 9.88
N VAL A 20 -0.77 -1.62 9.15
CA VAL A 20 -0.27 -2.83 8.51
C VAL A 20 1.25 -2.91 8.58
N LEU A 21 1.81 -4.03 8.15
CA LEU A 21 3.25 -4.23 8.17
C LEU A 21 3.84 -4.06 6.76
N ALA A 22 4.65 -3.03 6.59
CA ALA A 22 5.28 -2.76 5.31
C ALA A 22 6.74 -3.20 5.31
N ARG A 23 7.19 -3.70 4.17
CA ARG A 23 8.57 -4.17 4.04
C ARG A 23 9.48 -3.04 3.55
N TRP A 24 10.40 -2.61 4.41
CA TRP A 24 11.33 -1.54 4.08
C TRP A 24 12.35 -2.02 3.03
N SER A 25 13.14 -1.08 2.52
CA SER A 25 14.14 -1.40 1.52
C SER A 25 15.10 -2.49 2.02
N ASP A 26 15.31 -2.51 3.33
CA ASP A 26 16.19 -3.50 3.94
C ASP A 26 15.68 -4.91 3.70
N GLY A 27 14.35 -5.06 3.68
CA GLY A 27 13.75 -6.37 3.45
C GLY A 27 12.91 -6.83 4.64
N LEU A 28 13.05 -6.14 5.76
CA LEU A 28 12.30 -6.48 6.96
C LEU A 28 10.96 -5.75 7.00
N PHE A 29 10.00 -6.30 7.72
CA PHE A 29 8.68 -5.69 7.84
C PHE A 29 8.59 -4.82 9.10
N TYR A 30 7.96 -3.66 8.95
CA TYR A 30 7.81 -2.74 10.07
C TYR A 30 6.35 -2.31 10.23
N LEU A 31 6.01 -1.80 11.41
CA LEU A 31 4.66 -1.35 11.68
C LEU A 31 4.40 0.03 11.09
N GLY A 32 3.25 0.20 10.46
CA GLY A 32 2.92 1.47 9.85
C GLY A 32 1.43 1.63 9.61
N THR A 33 1.00 2.85 9.33
CA THR A 33 -0.41 3.13 9.08
C THR A 33 -0.63 3.62 7.66
N ILE A 34 -1.59 3.03 6.97
CA ILE A 34 -1.91 3.41 5.60
C ILE A 34 -2.40 4.85 5.52
N LYS A 35 -1.79 5.64 4.65
CA LYS A 35 -2.18 7.04 4.49
C LYS A 35 -2.71 7.29 3.09
N LYS A 36 -2.11 6.63 2.10
CA LYS A 36 -2.53 6.79 0.71
C LYS A 36 -2.42 5.45 -0.04
N ILE A 37 -3.15 5.35 -1.15
CA ILE A 37 -3.13 4.13 -1.96
C ILE A 37 -3.05 4.47 -3.44
N ASN A 38 -1.89 4.20 -4.04
CA ASN A 38 -1.69 4.47 -5.46
C ASN A 38 -1.85 3.19 -6.28
N ILE A 39 -2.84 3.18 -7.16
CA ILE A 39 -3.10 2.02 -8.01
C ILE A 39 -2.18 2.01 -9.22
N LEU A 40 -1.86 3.19 -9.74
CA LEU A 40 -0.99 3.32 -10.90
C LEU A 40 0.39 2.73 -10.60
N LYS A 41 0.92 3.04 -9.41
CA LYS A 41 2.23 2.54 -9.02
C LYS A 41 2.09 1.30 -8.13
N GLN A 42 0.85 0.95 -7.80
CA GLN A 42 0.58 -0.21 -6.97
C GLN A 42 1.31 -0.10 -5.63
N SER A 43 1.26 1.09 -5.04
CA SER A 43 1.91 1.34 -3.75
C SER A 43 0.95 1.99 -2.77
N CYS A 44 1.43 2.24 -1.56
CA CYS A 44 0.62 2.86 -0.52
C CYS A 44 1.48 3.66 0.45
N PHE A 45 1.11 4.92 0.66
CA PHE A 45 1.85 5.78 1.56
C PHE A 45 1.54 5.45 3.02
N ILE A 46 2.41 4.65 3.63
CA ILE A 46 2.24 4.26 5.03
C ILE A 46 3.24 4.96 5.94
N ILE A 47 2.81 5.29 7.15
CA ILE A 47 3.68 5.96 8.12
C ILE A 47 4.13 5.00 9.20
N PHE A 48 5.42 4.67 9.21
CA PHE A 48 5.97 3.76 10.21
C PHE A 48 6.11 4.46 11.56
N GLU A 49 6.06 3.67 12.62
CA GLU A 49 6.18 4.21 13.98
C GLU A 49 7.33 5.21 14.08
N ASP A 50 8.26 5.11 13.13
CA ASP A 50 9.42 6.00 13.10
C ASP A 50 9.05 7.33 12.46
N SER A 51 7.76 7.59 12.32
CA SER A 51 7.28 8.82 11.73
C SER A 51 7.86 9.01 10.33
N SER A 52 8.22 7.90 9.69
CA SER A 52 8.80 7.94 8.35
C SER A 52 7.79 7.49 7.31
N LYS A 53 7.58 8.32 6.30
CA LYS A 53 6.63 8.01 5.23
C LYS A 53 7.35 7.39 4.03
N SER A 54 6.87 6.23 3.59
CA SER A 54 7.47 5.54 2.46
C SER A 54 6.40 4.80 1.65
N TRP A 55 6.45 4.96 0.33
CA TRP A 55 5.49 4.30 -0.55
C TRP A 55 5.79 2.81 -0.67
N VAL A 56 5.02 2.00 0.04
CA VAL A 56 5.20 0.56 0.02
C VAL A 56 4.38 -0.09 -1.10
N LEU A 57 4.93 -1.14 -1.70
CA LEU A 57 4.26 -1.83 -2.78
C LEU A 57 3.14 -2.72 -2.25
N TRP A 58 2.03 -2.78 -2.97
CA TRP A 58 0.90 -3.59 -2.57
C TRP A 58 1.34 -5.01 -2.21
N LYS A 59 2.41 -5.47 -2.85
CA LYS A 59 2.94 -6.81 -2.61
C LYS A 59 3.85 -6.81 -1.38
N ASP A 60 4.40 -5.65 -1.07
CA ASP A 60 5.30 -5.52 0.08
C ASP A 60 4.52 -5.16 1.34
N ILE A 61 3.25 -4.77 1.15
CA ILE A 61 2.41 -4.41 2.27
C ILE A 61 1.62 -5.61 2.80
N GLN A 62 1.98 -6.07 3.98
CA GLN A 62 1.32 -7.22 4.59
C GLN A 62 0.07 -6.78 5.35
N THR A 63 -1.07 -7.36 5.01
CA THR A 63 -2.33 -7.03 5.66
C THR A 63 -2.55 -7.91 6.88
N GLY A 64 -2.48 -7.31 8.07
CA GLY A 64 -2.69 -8.06 9.30
C GLY A 64 -4.13 -8.01 9.77
N ALA A 65 -4.54 -6.88 10.31
CA ALA A 65 -5.91 -6.72 10.81
C ALA A 65 -6.90 -7.39 9.88
N THR A 66 -7.54 -8.45 10.37
CA THR A 66 -8.53 -9.18 9.57
C THR A 66 -9.75 -8.32 9.27
N GLY A 1 -2.64 -19.92 -25.80
CA GLY A 1 -3.60 -18.84 -25.59
C GLY A 1 -3.14 -17.88 -24.51
N SER A 2 -3.83 -16.75 -24.40
CA SER A 2 -3.51 -15.74 -23.40
C SER A 2 -4.21 -16.02 -22.08
N SER A 3 -3.58 -15.63 -20.98
CA SER A 3 -4.15 -15.84 -19.65
C SER A 3 -4.61 -14.53 -19.04
N GLY A 4 -5.35 -14.62 -17.94
CA GLY A 4 -5.85 -13.42 -17.27
C GLY A 4 -7.26 -13.08 -17.69
N SER A 5 -7.74 -11.91 -17.26
CA SER A 5 -9.08 -11.46 -17.59
C SER A 5 -9.18 -9.94 -17.53
N SER A 6 -10.12 -9.39 -18.28
CA SER A 6 -10.32 -7.95 -18.32
C SER A 6 -11.80 -7.59 -18.22
N GLY A 7 -12.08 -6.33 -17.89
CA GLY A 7 -13.46 -5.89 -17.76
C GLY A 7 -13.56 -4.50 -17.18
N LYS A 8 -13.57 -4.42 -15.85
CA LYS A 8 -13.67 -3.13 -15.16
C LYS A 8 -12.31 -2.70 -14.61
N LYS A 9 -11.94 -1.46 -14.89
CA LYS A 9 -10.67 -0.91 -14.42
C LYS A 9 -10.35 -1.40 -13.01
N PRO A 10 -9.06 -1.67 -12.75
CA PRO A 10 -8.59 -2.14 -11.45
C PRO A 10 -8.69 -1.06 -10.37
N ALA A 11 -9.35 -1.39 -9.27
CA ALA A 11 -9.51 -0.45 -8.16
C ALA A 11 -8.72 -0.91 -6.94
N CYS A 12 -8.48 0.02 -6.02
CA CYS A 12 -7.73 -0.28 -4.80
C CYS A 12 -8.55 -1.16 -3.87
N LYS A 13 -7.90 -1.67 -2.82
CA LYS A 13 -8.56 -2.52 -1.86
C LYS A 13 -8.22 -2.11 -0.43
N PHE A 14 -6.96 -1.76 -0.21
CA PHE A 14 -6.49 -1.33 1.10
C PHE A 14 -7.43 -0.29 1.71
N GLU A 15 -7.19 0.05 2.96
CA GLU A 15 -8.02 1.05 3.65
C GLU A 15 -7.15 2.17 4.23
N GLU A 16 -7.68 3.39 4.18
CA GLU A 16 -6.95 4.55 4.69
C GLU A 16 -6.93 4.54 6.22
N GLY A 17 -5.75 4.71 6.79
CA GLY A 17 -5.61 4.72 8.24
C GLY A 17 -5.61 3.33 8.83
N GLN A 18 -5.18 2.35 8.04
CA GLN A 18 -5.13 0.96 8.49
C GLN A 18 -3.71 0.55 8.87
N ASP A 19 -3.53 0.13 10.11
CA ASP A 19 -2.21 -0.28 10.60
C ASP A 19 -1.82 -1.62 9.99
N VAL A 20 -0.74 -1.62 9.22
CA VAL A 20 -0.26 -2.84 8.57
C VAL A 20 1.26 -2.95 8.68
N LEU A 21 1.81 -4.03 8.12
CA LEU A 21 3.25 -4.24 8.15
C LEU A 21 3.85 -4.09 6.75
N ALA A 22 4.65 -3.04 6.58
CA ALA A 22 5.30 -2.77 5.30
C ALA A 22 6.75 -3.24 5.30
N ARG A 23 7.20 -3.75 4.16
CA ARG A 23 8.58 -4.23 4.03
C ARG A 23 9.50 -3.12 3.56
N TRP A 24 10.41 -2.70 4.43
CA TRP A 24 11.36 -1.64 4.09
C TRP A 24 12.38 -2.14 3.07
N SER A 25 13.19 -1.21 2.56
CA SER A 25 14.21 -1.54 1.57
C SER A 25 15.12 -2.65 2.08
N ASP A 26 15.33 -2.68 3.40
CA ASP A 26 16.17 -3.69 4.02
C ASP A 26 15.60 -5.09 3.80
N GLY A 27 14.29 -5.17 3.64
CA GLY A 27 13.65 -6.46 3.42
C GLY A 27 12.81 -6.89 4.61
N LEU A 28 12.99 -6.22 5.75
CA LEU A 28 12.25 -6.54 6.96
C LEU A 28 10.92 -5.79 6.99
N PHE A 29 9.96 -6.33 7.72
CA PHE A 29 8.65 -5.73 7.84
C PHE A 29 8.55 -4.87 9.10
N TYR A 30 7.93 -3.70 8.97
CA TYR A 30 7.78 -2.77 10.08
C TYR A 30 6.33 -2.33 10.23
N LEU A 31 5.97 -1.86 11.42
CA LEU A 31 4.62 -1.40 11.69
C LEU A 31 4.38 -0.01 11.11
N GLY A 32 3.25 0.16 10.43
CA GLY A 32 2.94 1.45 9.83
C GLY A 32 1.46 1.61 9.58
N THR A 33 1.02 2.85 9.34
CA THR A 33 -0.37 3.14 9.08
C THR A 33 -0.57 3.67 7.67
N ILE A 34 -1.54 3.09 6.95
CA ILE A 34 -1.83 3.50 5.59
C ILE A 34 -2.36 4.93 5.55
N LYS A 35 -1.84 5.72 4.62
CA LYS A 35 -2.26 7.12 4.48
C LYS A 35 -2.74 7.39 3.05
N LYS A 36 -2.19 6.67 2.09
CA LYS A 36 -2.56 6.83 0.69
C LYS A 36 -2.41 5.53 -0.07
N ILE A 37 -3.20 5.36 -1.13
CA ILE A 37 -3.15 4.16 -1.94
C ILE A 37 -3.03 4.50 -3.42
N ASN A 38 -1.92 4.10 -4.04
CA ASN A 38 -1.70 4.36 -5.45
C ASN A 38 -1.79 3.07 -6.26
N ILE A 39 -2.66 3.08 -7.27
CA ILE A 39 -2.84 1.91 -8.12
C ILE A 39 -1.88 1.94 -9.30
N LEU A 40 -1.65 3.14 -9.84
CA LEU A 40 -0.75 3.31 -10.98
C LEU A 40 0.62 2.73 -10.68
N LYS A 41 1.11 2.96 -9.47
CA LYS A 41 2.41 2.45 -9.06
C LYS A 41 2.25 1.22 -8.15
N GLN A 42 1.01 0.88 -7.83
CA GLN A 42 0.73 -0.26 -6.97
C GLN A 42 1.45 -0.13 -5.63
N SER A 43 1.33 1.05 -5.02
CA SER A 43 1.97 1.31 -3.74
C SER A 43 1.00 1.97 -2.77
N CYS A 44 1.46 2.24 -1.56
CA CYS A 44 0.64 2.88 -0.53
C CYS A 44 1.49 3.68 0.44
N PHE A 45 1.11 4.93 0.66
CA PHE A 45 1.84 5.80 1.57
C PHE A 45 1.53 5.45 3.02
N ILE A 46 2.39 4.65 3.63
CA ILE A 46 2.21 4.24 5.03
C ILE A 46 3.20 4.94 5.94
N ILE A 47 2.78 5.23 7.15
CA ILE A 47 3.63 5.90 8.13
C ILE A 47 4.12 4.93 9.20
N PHE A 48 5.41 4.61 9.17
CA PHE A 48 6.00 3.69 10.13
C PHE A 48 6.14 4.35 11.49
N GLU A 49 6.13 3.54 12.55
CA GLU A 49 6.25 4.05 13.91
C GLU A 49 7.38 5.08 14.00
N ASP A 50 8.30 5.02 13.05
CA ASP A 50 9.42 5.94 13.03
C ASP A 50 9.01 7.29 12.41
N SER A 51 7.70 7.51 12.30
CA SER A 51 7.19 8.74 11.73
C SER A 51 7.77 8.96 10.33
N SER A 52 8.17 7.88 9.67
CA SER A 52 8.73 7.96 8.34
C SER A 52 7.73 7.49 7.29
N LYS A 53 7.50 8.34 6.29
CA LYS A 53 6.57 8.01 5.22
C LYS A 53 7.28 7.42 4.01
N SER A 54 6.82 6.26 3.55
CA SER A 54 7.43 5.60 2.40
C SER A 54 6.39 4.81 1.62
N TRP A 55 6.40 5.00 0.30
CA TRP A 55 5.45 4.31 -0.57
C TRP A 55 5.80 2.83 -0.69
N VAL A 56 5.05 2.00 0.04
CA VAL A 56 5.28 0.56 0.02
C VAL A 56 4.43 -0.12 -1.05
N LEU A 57 5.04 -1.06 -1.78
CA LEU A 57 4.34 -1.78 -2.83
C LEU A 57 3.24 -2.66 -2.25
N TRP A 58 2.13 -2.77 -2.98
CA TRP A 58 1.00 -3.57 -2.53
C TRP A 58 1.46 -4.97 -2.13
N LYS A 59 2.51 -5.47 -2.78
CA LYS A 59 3.04 -6.78 -2.47
C LYS A 59 3.92 -6.74 -1.23
N ASP A 60 4.49 -5.58 -0.95
CA ASP A 60 5.35 -5.41 0.21
C ASP A 60 4.52 -5.08 1.46
N ILE A 61 3.28 -4.64 1.23
CA ILE A 61 2.39 -4.30 2.34
C ILE A 61 1.60 -5.51 2.81
N GLN A 62 1.97 -6.03 3.98
CA GLN A 62 1.30 -7.20 4.55
C GLN A 62 0.10 -6.77 5.37
N THR A 63 -1.06 -7.36 5.07
CA THR A 63 -2.29 -7.05 5.77
C THR A 63 -2.43 -7.90 7.04
N GLY A 64 -2.01 -7.35 8.16
CA GLY A 64 -2.10 -8.07 9.43
C GLY A 64 -1.33 -7.39 10.54
N ALA A 65 -1.08 -8.13 11.61
CA ALA A 65 -0.34 -7.59 12.75
C ALA A 65 0.31 -8.70 13.56
N THR A 66 1.16 -8.33 14.51
CA THR A 66 1.86 -9.29 15.35
C THR A 66 0.91 -9.90 16.37
N GLY A 1 -12.55 6.10 -25.39
CA GLY A 1 -13.48 5.40 -24.53
C GLY A 1 -14.61 6.30 -24.05
N SER A 2 -15.20 5.95 -22.91
CA SER A 2 -16.29 6.73 -22.34
C SER A 2 -16.27 6.69 -20.82
N SER A 3 -16.65 7.79 -20.19
CA SER A 3 -16.67 7.89 -18.74
C SER A 3 -18.09 8.07 -18.23
N GLY A 4 -18.29 7.78 -16.94
CA GLY A 4 -19.61 7.92 -16.35
C GLY A 4 -20.60 6.92 -16.91
N SER A 5 -21.89 7.15 -16.64
CA SER A 5 -22.94 6.27 -17.11
C SER A 5 -22.79 4.87 -16.51
N SER A 6 -22.24 4.81 -15.30
CA SER A 6 -22.04 3.53 -14.62
C SER A 6 -21.13 2.62 -15.44
N GLY A 7 -19.97 3.15 -15.84
CA GLY A 7 -19.03 2.37 -16.63
C GLY A 7 -18.03 1.62 -15.77
N LYS A 8 -16.79 2.09 -15.77
CA LYS A 8 -15.73 1.45 -14.99
C LYS A 8 -14.78 2.49 -14.43
N LYS A 9 -14.26 2.23 -13.23
CA LYS A 9 -13.32 3.15 -12.59
C LYS A 9 -12.36 2.39 -11.69
N PRO A 10 -11.20 3.01 -11.40
CA PRO A 10 -10.17 2.41 -10.54
C PRO A 10 -10.60 2.32 -9.09
N ALA A 11 -10.22 1.24 -8.42
CA ALA A 11 -10.57 1.04 -7.02
C ALA A 11 -9.43 0.37 -6.26
N CYS A 12 -9.37 0.63 -4.96
CA CYS A 12 -8.31 0.06 -4.12
C CYS A 12 -8.90 -0.91 -3.10
N LYS A 13 -8.09 -1.87 -2.68
CA LYS A 13 -8.53 -2.87 -1.71
C LYS A 13 -8.14 -2.45 -0.29
N PHE A 14 -6.96 -1.88 -0.14
CA PHE A 14 -6.47 -1.43 1.15
C PHE A 14 -7.43 -0.40 1.76
N GLU A 15 -7.23 -0.12 3.05
CA GLU A 15 -8.07 0.85 3.74
C GLU A 15 -7.24 2.02 4.27
N GLU A 16 -7.80 3.21 4.19
CA GLU A 16 -7.10 4.41 4.66
C GLU A 16 -7.04 4.44 6.19
N GLY A 17 -5.84 4.68 6.71
CA GLY A 17 -5.66 4.73 8.16
C GLY A 17 -5.69 3.35 8.79
N GLN A 18 -5.20 2.35 8.06
CA GLN A 18 -5.17 0.99 8.55
C GLN A 18 -3.75 0.56 8.89
N ASP A 19 -3.54 0.14 10.13
CA ASP A 19 -2.22 -0.29 10.58
C ASP A 19 -1.82 -1.61 9.92
N VAL A 20 -0.73 -1.58 9.16
CA VAL A 20 -0.25 -2.77 8.47
C VAL A 20 1.27 -2.87 8.54
N LEU A 21 1.80 -4.01 8.14
CA LEU A 21 3.24 -4.23 8.15
C LEU A 21 3.83 -4.01 6.76
N ALA A 22 4.64 -2.96 6.62
CA ALA A 22 5.26 -2.64 5.35
C ALA A 22 6.73 -3.08 5.34
N ARG A 23 7.17 -3.61 4.21
CA ARG A 23 8.56 -4.07 4.07
C ARG A 23 9.46 -2.94 3.58
N TRP A 24 10.38 -2.53 4.42
CA TRP A 24 11.31 -1.46 4.08
C TRP A 24 12.31 -1.92 3.03
N SER A 25 13.12 -0.98 2.52
CA SER A 25 14.11 -1.31 1.52
C SER A 25 15.05 -2.41 2.00
N ASP A 26 15.30 -2.42 3.31
CA ASP A 26 16.18 -3.42 3.91
C ASP A 26 15.64 -4.83 3.64
N GLY A 27 14.33 -4.97 3.62
CA GLY A 27 13.72 -6.27 3.39
C GLY A 27 12.88 -6.73 4.57
N LEU A 28 13.03 -6.06 5.70
CA LEU A 28 12.28 -6.41 6.90
C LEU A 28 10.94 -5.68 6.95
N PHE A 29 9.99 -6.25 7.67
CA PHE A 29 8.66 -5.66 7.79
C PHE A 29 8.55 -4.84 9.06
N TYR A 30 7.98 -3.64 8.95
CA TYR A 30 7.81 -2.75 10.09
C TYR A 30 6.36 -2.34 10.25
N LEU A 31 6.02 -1.84 11.43
CA LEU A 31 4.66 -1.39 11.72
C LEU A 31 4.40 0.00 11.14
N GLY A 32 3.27 0.16 10.47
CA GLY A 32 2.93 1.44 9.88
C GLY A 32 1.44 1.59 9.65
N THR A 33 1.03 2.81 9.31
CA THR A 33 -0.39 3.10 9.06
C THR A 33 -0.60 3.60 7.64
N ILE A 34 -1.57 3.02 6.94
CA ILE A 34 -1.88 3.43 5.57
C ILE A 34 -2.38 4.87 5.52
N LYS A 35 -1.77 5.67 4.66
CA LYS A 35 -2.15 7.06 4.51
C LYS A 35 -2.69 7.33 3.10
N LYS A 36 -2.09 6.66 2.11
CA LYS A 36 -2.51 6.82 0.72
C LYS A 36 -2.39 5.51 -0.04
N ILE A 37 -3.18 5.38 -1.11
CA ILE A 37 -3.15 4.17 -1.92
C ILE A 37 -3.06 4.51 -3.41
N ASN A 38 -1.95 4.11 -4.02
CA ASN A 38 -1.73 4.38 -5.44
C ASN A 38 -1.90 3.10 -6.26
N ILE A 39 -2.75 3.17 -7.27
CA ILE A 39 -3.01 2.02 -8.14
C ILE A 39 -2.04 2.00 -9.33
N LEU A 40 -1.73 3.18 -9.84
CA LEU A 40 -0.83 3.32 -10.97
C LEU A 40 0.54 2.73 -10.64
N LYS A 41 1.04 3.05 -9.45
CA LYS A 41 2.34 2.56 -9.01
C LYS A 41 2.18 1.31 -8.14
N GLN A 42 0.94 0.95 -7.85
CA GLN A 42 0.66 -0.23 -7.03
C GLN A 42 1.36 -0.12 -5.68
N SER A 43 1.33 1.07 -5.10
CA SER A 43 1.97 1.29 -3.80
C SER A 43 1.00 1.97 -2.83
N CYS A 44 1.46 2.22 -1.62
CA CYS A 44 0.64 2.85 -0.59
C CYS A 44 1.51 3.64 0.39
N PHE A 45 1.15 4.90 0.61
CA PHE A 45 1.89 5.76 1.52
C PHE A 45 1.56 5.42 2.96
N ILE A 46 2.41 4.62 3.60
CA ILE A 46 2.22 4.23 4.98
C ILE A 46 3.21 4.92 5.91
N ILE A 47 2.78 5.20 7.13
CA ILE A 47 3.64 5.85 8.11
C ILE A 47 4.10 4.88 9.18
N PHE A 48 5.41 4.60 9.19
CA PHE A 48 5.98 3.68 10.17
C PHE A 48 6.12 4.35 11.53
N GLU A 49 6.10 3.54 12.58
CA GLU A 49 6.23 4.06 13.94
C GLU A 49 7.37 5.07 14.03
N ASP A 50 8.30 4.99 13.08
CA ASP A 50 9.43 5.90 13.06
C ASP A 50 9.05 7.24 12.42
N SER A 51 7.75 7.50 12.34
CA SER A 51 7.25 8.74 11.75
C SER A 51 7.83 8.95 10.36
N SER A 52 8.19 7.85 9.70
CA SER A 52 8.77 7.91 8.37
C SER A 52 7.75 7.46 7.32
N LYS A 53 7.52 8.31 6.32
CA LYS A 53 6.57 8.00 5.25
C LYS A 53 7.29 7.42 4.04
N SER A 54 6.83 6.26 3.59
CA SER A 54 7.43 5.59 2.44
C SER A 54 6.38 4.84 1.64
N TRP A 55 6.45 4.95 0.32
CA TRP A 55 5.50 4.28 -0.57
C TRP A 55 5.81 2.79 -0.66
N VAL A 56 5.03 1.99 0.06
CA VAL A 56 5.22 0.54 0.05
C VAL A 56 4.41 -0.12 -1.05
N LEU A 57 4.99 -1.11 -1.71
CA LEU A 57 4.32 -1.82 -2.78
C LEU A 57 3.20 -2.69 -2.24
N TRP A 58 2.11 -2.80 -3.01
CA TRP A 58 0.97 -3.60 -2.61
C TRP A 58 1.40 -5.01 -2.21
N LYS A 59 2.51 -5.47 -2.79
CA LYS A 59 3.04 -6.79 -2.50
C LYS A 59 3.91 -6.77 -1.24
N ASP A 60 4.49 -5.61 -0.96
CA ASP A 60 5.34 -5.46 0.21
C ASP A 60 4.52 -5.10 1.44
N ILE A 61 3.26 -4.74 1.23
CA ILE A 61 2.38 -4.38 2.32
C ILE A 61 1.59 -5.58 2.83
N GLN A 62 1.92 -6.03 4.03
CA GLN A 62 1.25 -7.18 4.62
C GLN A 62 -0.08 -6.76 5.27
N THR A 63 -1.09 -7.60 5.09
CA THR A 63 -2.42 -7.32 5.65
C THR A 63 -2.74 -8.28 6.79
N GLY A 64 -2.48 -7.86 8.02
CA GLY A 64 -2.75 -8.70 9.17
C GLY A 64 -4.24 -8.87 9.42
N ALA A 65 -4.86 -9.75 8.64
CA ALA A 65 -6.30 -10.02 8.77
C ALA A 65 -6.56 -11.51 8.95
N THR A 66 -7.80 -11.83 9.32
CA THR A 66 -8.19 -13.22 9.52
C THR A 66 -7.52 -14.14 8.51
N GLY A 1 -2.78 2.73 -22.47
CA GLY A 1 -2.53 1.33 -22.17
C GLY A 1 -3.81 0.53 -22.06
N SER A 2 -4.64 0.87 -21.09
CA SER A 2 -5.90 0.18 -20.87
C SER A 2 -6.97 0.66 -21.84
N SER A 3 -7.63 -0.28 -22.51
CA SER A 3 -8.68 0.06 -23.47
C SER A 3 -9.99 -0.62 -23.10
N GLY A 4 -10.88 0.13 -22.47
CA GLY A 4 -12.17 -0.41 -22.08
C GLY A 4 -13.14 0.66 -21.63
N SER A 5 -14.43 0.35 -21.69
CA SER A 5 -15.46 1.30 -21.29
C SER A 5 -15.18 1.87 -19.90
N SER A 6 -14.79 3.13 -19.85
CA SER A 6 -14.47 3.78 -18.59
C SER A 6 -15.63 4.69 -18.14
N GLY A 7 -15.79 4.83 -16.83
CA GLY A 7 -16.85 5.67 -16.31
C GLY A 7 -16.49 6.30 -14.98
N LYS A 8 -16.44 5.50 -13.92
CA LYS A 8 -16.09 5.99 -12.60
C LYS A 8 -14.84 5.30 -12.06
N LYS A 9 -13.92 6.08 -11.54
CA LYS A 9 -12.68 5.55 -11.00
C LYS A 9 -12.93 4.24 -10.25
N PRO A 10 -11.99 3.30 -10.37
CA PRO A 10 -12.09 2.00 -9.70
C PRO A 10 -11.94 2.10 -8.19
N ALA A 11 -12.08 0.96 -7.51
CA ALA A 11 -11.96 0.92 -6.06
C ALA A 11 -10.69 0.19 -5.63
N CYS A 12 -10.18 0.54 -4.46
CA CYS A 12 -8.97 -0.08 -3.93
C CYS A 12 -9.31 -1.18 -2.92
N LYS A 13 -8.34 -2.04 -2.64
CA LYS A 13 -8.54 -3.14 -1.70
C LYS A 13 -8.14 -2.72 -0.29
N PHE A 14 -7.05 -1.97 -0.19
CA PHE A 14 -6.56 -1.49 1.10
C PHE A 14 -7.51 -0.46 1.70
N GLU A 15 -7.25 -0.08 2.94
CA GLU A 15 -8.07 0.90 3.63
C GLU A 15 -7.23 2.05 4.18
N GLU A 16 -7.79 3.25 4.19
CA GLU A 16 -7.08 4.42 4.70
C GLU A 16 -7.04 4.42 6.22
N GLY A 17 -5.85 4.64 6.78
CA GLY A 17 -5.70 4.67 8.22
C GLY A 17 -5.71 3.28 8.82
N GLN A 18 -5.27 2.30 8.03
CA GLN A 18 -5.22 0.91 8.50
C GLN A 18 -3.80 0.51 8.86
N ASP A 19 -3.59 0.12 10.11
CA ASP A 19 -2.27 -0.29 10.57
C ASP A 19 -1.87 -1.63 9.95
N VAL A 20 -0.77 -1.61 9.19
CA VAL A 20 -0.28 -2.82 8.54
C VAL A 20 1.24 -2.90 8.61
N LEU A 21 1.80 -4.01 8.13
CA LEU A 21 3.24 -4.22 8.15
C LEU A 21 3.82 -4.02 6.76
N ALA A 22 4.64 -2.97 6.61
CA ALA A 22 5.28 -2.67 5.33
C ALA A 22 6.73 -3.12 5.32
N ARG A 23 7.17 -3.67 4.20
CA ARG A 23 8.55 -4.14 4.06
C ARG A 23 9.46 -3.03 3.57
N TRP A 24 10.38 -2.61 4.43
CA TRP A 24 11.31 -1.54 4.09
C TRP A 24 12.31 -2.01 3.04
N SER A 25 13.12 -1.09 2.54
CA SER A 25 14.13 -1.41 1.52
C SER A 25 15.10 -2.47 2.04
N ASP A 26 15.28 -2.50 3.35
CA ASP A 26 16.18 -3.47 3.98
C ASP A 26 15.68 -4.89 3.76
N GLY A 27 14.37 -5.05 3.68
CA GLY A 27 13.79 -6.36 3.46
C GLY A 27 12.94 -6.81 4.64
N LEU A 28 13.06 -6.11 5.76
CA LEU A 28 12.30 -6.45 6.96
C LEU A 28 10.97 -5.71 6.99
N PHE A 29 10.00 -6.26 7.70
CA PHE A 29 8.68 -5.65 7.81
C PHE A 29 8.58 -4.78 9.06
N TYR A 30 7.93 -3.63 8.93
CA TYR A 30 7.77 -2.70 10.04
C TYR A 30 6.31 -2.28 10.19
N LEU A 31 5.96 -1.83 11.40
CA LEU A 31 4.59 -1.39 11.67
C LEU A 31 4.35 0.01 11.11
N GLY A 32 3.23 0.18 10.41
CA GLY A 32 2.91 1.48 9.83
C GLY A 32 1.42 1.64 9.59
N THR A 33 1.00 2.87 9.34
CA THR A 33 -0.41 3.16 9.08
C THR A 33 -0.62 3.66 7.66
N ILE A 34 -1.59 3.08 6.96
CA ILE A 34 -1.89 3.47 5.59
C ILE A 34 -2.39 4.91 5.53
N LYS A 35 -1.78 5.71 4.67
CA LYS A 35 -2.17 7.11 4.51
C LYS A 35 -2.71 7.37 3.10
N LYS A 36 -2.09 6.72 2.11
CA LYS A 36 -2.50 6.88 0.73
C LYS A 36 -2.37 5.57 -0.03
N ILE A 37 -3.19 5.41 -1.07
CA ILE A 37 -3.15 4.20 -1.88
C ILE A 37 -3.06 4.53 -3.37
N ASN A 38 -1.95 4.14 -3.99
CA ASN A 38 -1.75 4.40 -5.41
C ASN A 38 -1.86 3.11 -6.23
N ILE A 39 -2.77 3.11 -7.20
CA ILE A 39 -2.98 1.94 -8.04
C ILE A 39 -2.04 1.96 -9.23
N LEU A 40 -1.78 3.14 -9.78
CA LEU A 40 -0.89 3.28 -10.92
C LEU A 40 0.48 2.68 -10.62
N LYS A 41 1.01 2.96 -9.43
CA LYS A 41 2.31 2.45 -9.02
C LYS A 41 2.15 1.24 -8.11
N GLN A 42 0.90 0.88 -7.81
CA GLN A 42 0.60 -0.26 -6.95
C GLN A 42 1.33 -0.12 -5.61
N SER A 43 1.29 1.07 -5.05
CA SER A 43 1.94 1.34 -3.77
C SER A 43 0.97 1.99 -2.79
N CYS A 44 1.46 2.25 -1.57
CA CYS A 44 0.64 2.86 -0.54
C CYS A 44 1.49 3.66 0.43
N PHE A 45 1.12 4.92 0.65
CA PHE A 45 1.87 5.79 1.56
C PHE A 45 1.55 5.45 3.01
N ILE A 46 2.39 4.63 3.62
CA ILE A 46 2.20 4.23 5.01
C ILE A 46 3.21 4.91 5.92
N ILE A 47 2.78 5.23 7.14
CA ILE A 47 3.64 5.89 8.12
C ILE A 47 4.12 4.91 9.18
N PHE A 48 5.40 4.57 9.14
CA PHE A 48 5.98 3.64 10.11
C PHE A 48 6.12 4.31 11.48
N GLU A 49 6.09 3.48 12.53
CA GLU A 49 6.21 3.99 13.89
C GLU A 49 7.34 5.00 14.00
N ASP A 50 8.27 4.95 13.05
CA ASP A 50 9.41 5.86 13.04
C ASP A 50 9.02 7.19 12.42
N SER A 51 7.73 7.44 12.32
CA SER A 51 7.22 8.68 11.75
C SER A 51 7.81 8.91 10.36
N SER A 52 8.17 7.82 9.69
CA SER A 52 8.75 7.90 8.35
C SER A 52 7.74 7.45 7.30
N LYS A 53 7.53 8.29 6.29
CA LYS A 53 6.59 7.97 5.22
C LYS A 53 7.32 7.37 4.02
N SER A 54 6.83 6.23 3.55
CA SER A 54 7.45 5.57 2.41
C SER A 54 6.40 4.79 1.60
N TRP A 55 6.44 4.95 0.29
CA TRP A 55 5.48 4.27 -0.59
C TRP A 55 5.81 2.78 -0.68
N VAL A 56 5.05 1.97 0.05
CA VAL A 56 5.26 0.52 0.04
C VAL A 56 4.44 -0.14 -1.07
N LEU A 57 5.04 -1.13 -1.72
CA LEU A 57 4.37 -1.86 -2.79
C LEU A 57 3.26 -2.75 -2.25
N TRP A 58 2.15 -2.82 -2.97
CA TRP A 58 1.02 -3.64 -2.55
C TRP A 58 1.47 -5.05 -2.18
N LYS A 59 2.53 -5.52 -2.84
CA LYS A 59 3.06 -6.85 -2.57
C LYS A 59 3.95 -6.84 -1.34
N ASP A 60 4.50 -5.67 -1.01
CA ASP A 60 5.37 -5.52 0.14
C ASP A 60 4.56 -5.16 1.38
N ILE A 61 3.31 -4.78 1.18
CA ILE A 61 2.42 -4.41 2.29
C ILE A 61 1.66 -5.62 2.81
N GLN A 62 2.06 -6.09 3.99
CA GLN A 62 1.40 -7.25 4.61
C GLN A 62 0.17 -6.82 5.39
N THR A 63 -0.90 -7.60 5.25
CA THR A 63 -2.15 -7.30 5.95
C THR A 63 -2.43 -8.32 7.05
N GLY A 64 -2.03 -7.97 8.27
CA GLY A 64 -2.23 -8.86 9.40
C GLY A 64 -2.11 -10.32 9.02
N ALA A 65 -0.92 -10.73 8.58
CA ALA A 65 -0.67 -12.11 8.17
C ALA A 65 0.38 -12.75 9.05
N THR A 66 0.13 -13.99 9.48
CA THR A 66 1.07 -14.72 10.32
C THR A 66 1.64 -15.92 9.59
N GLY A 1 1.50 -13.25 -24.14
CA GLY A 1 0.87 -12.33 -25.08
C GLY A 1 0.54 -10.99 -24.45
N SER A 2 0.74 -9.92 -25.20
CA SER A 2 0.47 -8.58 -24.70
C SER A 2 -0.95 -8.48 -24.16
N SER A 3 -1.16 -7.60 -23.19
CA SER A 3 -2.48 -7.42 -22.58
C SER A 3 -3.55 -7.29 -23.64
N GLY A 4 -4.81 -7.36 -23.22
CA GLY A 4 -5.92 -7.25 -24.16
C GLY A 4 -6.48 -5.84 -24.22
N SER A 5 -7.80 -5.73 -24.27
CA SER A 5 -8.46 -4.44 -24.34
C SER A 5 -8.04 -3.55 -23.18
N SER A 6 -7.00 -2.74 -23.41
CA SER A 6 -6.49 -1.85 -22.38
C SER A 6 -7.37 -0.59 -22.27
N GLY A 7 -7.31 0.07 -21.12
CA GLY A 7 -8.09 1.27 -20.90
C GLY A 7 -7.97 1.79 -19.48
N LYS A 8 -9.10 1.87 -18.79
CA LYS A 8 -9.13 2.36 -17.41
C LYS A 8 -8.55 1.31 -16.46
N LYS A 9 -8.05 1.78 -15.33
CA LYS A 9 -7.47 0.89 -14.33
C LYS A 9 -8.50 0.56 -13.24
N PRO A 10 -8.27 -0.56 -12.54
CA PRO A 10 -9.16 -1.02 -11.46
C PRO A 10 -9.09 -0.11 -10.23
N ALA A 11 -9.74 -0.53 -9.16
CA ALA A 11 -9.76 0.24 -7.92
C ALA A 11 -8.83 -0.38 -6.87
N CYS A 12 -8.61 0.33 -5.78
CA CYS A 12 -7.74 -0.15 -4.71
C CYS A 12 -8.49 -1.14 -3.82
N LYS A 13 -7.75 -1.79 -2.92
CA LYS A 13 -8.34 -2.76 -2.00
C LYS A 13 -8.06 -2.37 -0.55
N PHE A 14 -6.86 -1.87 -0.30
CA PHE A 14 -6.47 -1.47 1.05
C PHE A 14 -7.43 -0.41 1.59
N GLU A 15 -7.26 -0.06 2.86
CA GLU A 15 -8.11 0.93 3.51
C GLU A 15 -7.28 2.09 4.03
N GLU A 16 -7.88 3.28 4.05
CA GLU A 16 -7.20 4.48 4.54
C GLU A 16 -7.17 4.52 6.06
N GLY A 17 -5.98 4.66 6.62
CA GLY A 17 -5.84 4.71 8.07
C GLY A 17 -5.83 3.33 8.70
N GLN A 18 -5.39 2.34 7.93
CA GLN A 18 -5.33 0.96 8.43
C GLN A 18 -3.90 0.56 8.74
N ASP A 19 -3.67 0.13 9.98
CA ASP A 19 -2.34 -0.29 10.40
C ASP A 19 -1.95 -1.62 9.75
N VAL A 20 -0.74 -1.66 9.19
CA VAL A 20 -0.25 -2.87 8.53
C VAL A 20 1.27 -2.94 8.60
N LEU A 21 1.81 -4.07 8.16
CA LEU A 21 3.26 -4.27 8.17
C LEU A 21 3.85 -4.08 6.79
N ALA A 22 4.64 -3.02 6.62
CA ALA A 22 5.27 -2.72 5.34
C ALA A 22 6.72 -3.17 5.33
N ARG A 23 7.16 -3.72 4.20
CA ARG A 23 8.53 -4.20 4.07
C ARG A 23 9.44 -3.08 3.55
N TRP A 24 10.37 -2.65 4.39
CA TRP A 24 11.30 -1.59 4.03
C TRP A 24 12.30 -2.07 2.98
N SER A 25 13.09 -1.15 2.45
CA SER A 25 14.07 -1.49 1.44
C SER A 25 15.03 -2.57 1.94
N ASP A 26 15.27 -2.57 3.24
CA ASP A 26 16.16 -3.56 3.85
C ASP A 26 15.63 -4.97 3.65
N GLY A 27 14.30 -5.08 3.52
CA GLY A 27 13.68 -6.38 3.33
C GLY A 27 12.86 -6.81 4.53
N LEU A 28 13.04 -6.12 5.65
CA LEU A 28 12.31 -6.45 6.87
C LEU A 28 10.97 -5.71 6.91
N PHE A 29 10.03 -6.26 7.67
CA PHE A 29 8.71 -5.66 7.80
C PHE A 29 8.61 -4.81 9.07
N TYR A 30 8.01 -3.64 8.95
CA TYR A 30 7.85 -2.73 10.08
C TYR A 30 6.39 -2.31 10.25
N LEU A 31 6.07 -1.79 11.42
CA LEU A 31 4.71 -1.36 11.71
C LEU A 31 4.44 0.02 11.12
N GLY A 32 3.28 0.18 10.48
CA GLY A 32 2.93 1.44 9.88
C GLY A 32 1.43 1.59 9.66
N THR A 33 1.00 2.79 9.31
CA THR A 33 -0.42 3.05 9.06
C THR A 33 -0.65 3.56 7.64
N ILE A 34 -1.60 2.95 6.94
CA ILE A 34 -1.91 3.33 5.57
C ILE A 34 -2.45 4.76 5.52
N LYS A 35 -1.83 5.59 4.70
CA LYS A 35 -2.24 6.98 4.55
C LYS A 35 -2.80 7.24 3.15
N LYS A 36 -2.17 6.63 2.15
CA LYS A 36 -2.60 6.79 0.76
C LYS A 36 -2.45 5.48 0.00
N ILE A 37 -3.11 5.40 -1.15
CA ILE A 37 -3.05 4.20 -1.99
C ILE A 37 -2.95 4.56 -3.46
N ASN A 38 -1.82 4.26 -4.07
CA ASN A 38 -1.60 4.55 -5.49
C ASN A 38 -1.73 3.29 -6.33
N ILE A 39 -2.80 3.22 -7.12
CA ILE A 39 -3.04 2.07 -7.98
C ILE A 39 -2.07 2.04 -9.15
N LEU A 40 -1.80 3.22 -9.71
CA LEU A 40 -0.89 3.33 -10.85
C LEU A 40 0.50 2.80 -10.49
N LYS A 41 0.98 3.18 -9.30
CA LYS A 41 2.29 2.73 -8.84
C LYS A 41 2.17 1.48 -8.00
N GLN A 42 0.93 1.04 -7.76
CA GLN A 42 0.68 -0.16 -6.97
C GLN A 42 1.37 -0.07 -5.61
N SER A 43 1.31 1.11 -5.00
CA SER A 43 1.95 1.33 -3.70
C SER A 43 0.97 2.01 -2.74
N CYS A 44 1.42 2.21 -1.50
CA CYS A 44 0.59 2.86 -0.49
C CYS A 44 1.45 3.68 0.47
N PHE A 45 1.05 4.92 0.69
CA PHE A 45 1.79 5.82 1.59
C PHE A 45 1.51 5.47 3.04
N ILE A 46 2.38 4.67 3.64
CA ILE A 46 2.22 4.27 5.03
C ILE A 46 3.23 4.99 5.93
N ILE A 47 2.82 5.26 7.16
CA ILE A 47 3.69 5.95 8.12
C ILE A 47 4.17 4.99 9.20
N PHE A 48 5.45 4.64 9.14
CA PHE A 48 6.03 3.73 10.12
C PHE A 48 6.17 4.40 11.48
N GLU A 49 6.13 3.61 12.54
CA GLU A 49 6.25 4.13 13.91
C GLU A 49 7.39 5.15 13.99
N ASP A 50 8.32 5.07 13.06
CA ASP A 50 9.46 5.99 13.03
C ASP A 50 9.06 7.31 12.40
N SER A 51 7.76 7.54 12.27
CA SER A 51 7.25 8.77 11.68
C SER A 51 7.82 8.99 10.28
N SER A 52 8.22 7.89 9.64
CA SER A 52 8.79 7.94 8.30
C SER A 52 7.77 7.49 7.25
N LYS A 53 7.56 8.33 6.25
CA LYS A 53 6.61 8.02 5.18
C LYS A 53 7.32 7.42 3.98
N SER A 54 6.83 6.28 3.51
CA SER A 54 7.43 5.61 2.36
C SER A 54 6.37 4.83 1.58
N TRP A 55 6.43 4.93 0.26
CA TRP A 55 5.48 4.25 -0.61
C TRP A 55 5.81 2.77 -0.70
N VAL A 56 5.06 1.95 0.04
CA VAL A 56 5.28 0.51 0.03
C VAL A 56 4.46 -0.16 -1.06
N LEU A 57 5.07 -1.15 -1.73
CA LEU A 57 4.39 -1.87 -2.80
C LEU A 57 3.25 -2.72 -2.25
N TRP A 58 2.16 -2.79 -3.00
CA TRP A 58 1.00 -3.58 -2.60
C TRP A 58 1.41 -4.98 -2.18
N LYS A 59 2.48 -5.49 -2.78
CA LYS A 59 2.98 -6.82 -2.48
C LYS A 59 3.85 -6.81 -1.23
N ASP A 60 4.40 -5.64 -0.91
CA ASP A 60 5.25 -5.48 0.26
C ASP A 60 4.42 -5.15 1.49
N ILE A 61 3.20 -4.67 1.27
CA ILE A 61 2.31 -4.31 2.36
C ILE A 61 1.53 -5.51 2.86
N GLN A 62 1.87 -5.98 4.06
CA GLN A 62 1.20 -7.14 4.64
C GLN A 62 0.01 -6.70 5.50
N THR A 63 -1.18 -7.16 5.12
CA THR A 63 -2.40 -6.81 5.85
C THR A 63 -2.46 -7.53 7.18
N GLY A 64 -1.96 -8.77 7.21
CA GLY A 64 -1.98 -9.55 8.42
C GLY A 64 -2.36 -11.00 8.19
N ALA A 65 -1.43 -11.91 8.43
CA ALA A 65 -1.68 -13.33 8.23
C ALA A 65 -2.92 -13.78 8.98
N THR A 66 -4.04 -13.89 8.26
CA THR A 66 -5.30 -14.31 8.86
C THR A 66 -5.16 -15.66 9.57
N GLY A 1 -11.30 0.49 -25.99
CA GLY A 1 -10.55 1.61 -25.44
C GLY A 1 -11.10 2.09 -24.11
N SER A 2 -12.22 2.80 -24.17
CA SER A 2 -12.86 3.32 -22.96
C SER A 2 -13.80 2.29 -22.35
N SER A 3 -13.30 1.57 -21.35
CA SER A 3 -14.10 0.56 -20.67
C SER A 3 -14.96 1.17 -19.57
N GLY A 4 -16.11 0.55 -19.31
CA GLY A 4 -17.00 1.05 -18.27
C GLY A 4 -18.41 0.53 -18.43
N SER A 5 -18.54 -0.81 -18.49
CA SER A 5 -19.85 -1.43 -18.64
C SER A 5 -20.46 -1.74 -17.29
N SER A 6 -21.74 -2.12 -17.29
CA SER A 6 -22.45 -2.44 -16.06
C SER A 6 -21.68 -3.47 -15.23
N GLY A 7 -21.61 -3.24 -13.93
CA GLY A 7 -20.90 -4.16 -13.05
C GLY A 7 -20.17 -3.44 -11.94
N LYS A 8 -20.92 -3.01 -10.92
CA LYS A 8 -20.34 -2.31 -9.79
C LYS A 8 -19.05 -2.99 -9.33
N LYS A 9 -17.97 -2.23 -9.27
CA LYS A 9 -16.68 -2.75 -8.84
C LYS A 9 -15.89 -1.68 -8.08
N PRO A 10 -15.13 -2.14 -7.07
CA PRO A 10 -14.31 -1.24 -6.25
C PRO A 10 -13.12 -0.67 -7.02
N ALA A 11 -12.30 0.12 -6.33
CA ALA A 11 -11.13 0.73 -6.95
C ALA A 11 -9.84 0.28 -6.26
N CYS A 12 -9.97 -0.14 -5.00
CA CYS A 12 -8.83 -0.59 -4.23
C CYS A 12 -9.23 -1.64 -3.20
N LYS A 13 -8.25 -2.29 -2.59
CA LYS A 13 -8.51 -3.32 -1.60
C LYS A 13 -8.08 -2.86 -0.22
N PHE A 14 -7.04 -2.03 -0.17
CA PHE A 14 -6.53 -1.52 1.09
C PHE A 14 -7.50 -0.50 1.70
N GLU A 15 -7.23 -0.10 2.95
CA GLU A 15 -8.08 0.86 3.64
C GLU A 15 -7.25 2.01 4.19
N GLU A 16 -7.84 3.21 4.19
CA GLU A 16 -7.15 4.40 4.70
C GLU A 16 -7.12 4.41 6.21
N GLY A 17 -5.93 4.62 6.78
CA GLY A 17 -5.79 4.65 8.22
C GLY A 17 -5.77 3.26 8.83
N GLN A 18 -5.30 2.28 8.06
CA GLN A 18 -5.24 0.91 8.54
C GLN A 18 -3.80 0.51 8.86
N ASP A 19 -3.55 0.15 10.11
CA ASP A 19 -2.23 -0.25 10.55
C ASP A 19 -1.83 -1.59 9.95
N VAL A 20 -0.73 -1.59 9.19
CA VAL A 20 -0.25 -2.81 8.55
C VAL A 20 1.27 -2.92 8.65
N LEU A 21 1.81 -4.01 8.12
CA LEU A 21 3.25 -4.24 8.15
C LEU A 21 3.85 -4.06 6.76
N ALA A 22 4.65 -3.01 6.60
CA ALA A 22 5.31 -2.72 5.32
C ALA A 22 6.76 -3.18 5.34
N ARG A 23 7.22 -3.68 4.18
CA ARG A 23 8.59 -4.15 4.07
C ARG A 23 9.52 -3.03 3.59
N TRP A 24 10.43 -2.61 4.46
CA TRP A 24 11.36 -1.54 4.14
C TRP A 24 12.39 -2.01 3.11
N SER A 25 13.22 -1.09 2.64
CA SER A 25 14.24 -1.42 1.65
C SER A 25 15.18 -2.51 2.18
N ASP A 26 15.38 -2.52 3.50
CA ASP A 26 16.24 -3.51 4.12
C ASP A 26 15.71 -4.92 3.90
N GLY A 27 14.40 -5.03 3.71
CA GLY A 27 13.78 -6.33 3.49
C GLY A 27 12.95 -6.78 4.67
N LEU A 28 13.06 -6.06 5.79
CA LEU A 28 12.30 -6.40 6.99
C LEU A 28 10.96 -5.67 7.01
N PHE A 29 10.02 -6.22 7.77
CA PHE A 29 8.69 -5.63 7.88
C PHE A 29 8.57 -4.78 9.14
N TYR A 30 7.98 -3.61 9.01
CA TYR A 30 7.81 -2.71 10.14
C TYR A 30 6.35 -2.30 10.29
N LEU A 31 6.00 -1.79 11.47
CA LEU A 31 4.63 -1.35 11.74
C LEU A 31 4.38 0.04 11.18
N GLY A 32 3.25 0.19 10.49
CA GLY A 32 2.90 1.48 9.91
C GLY A 32 1.41 1.62 9.67
N THR A 33 0.99 2.83 9.33
CA THR A 33 -0.43 3.11 9.08
C THR A 33 -0.64 3.60 7.66
N ILE A 34 -1.62 3.02 6.97
CA ILE A 34 -1.93 3.42 5.60
C ILE A 34 -2.43 4.86 5.54
N LYS A 35 -1.79 5.66 4.69
CA LYS A 35 -2.16 7.06 4.54
C LYS A 35 -2.72 7.32 3.14
N LYS A 36 -2.14 6.65 2.14
CA LYS A 36 -2.58 6.81 0.76
C LYS A 36 -2.47 5.49 0.01
N ILE A 37 -3.17 5.40 -1.12
CA ILE A 37 -3.15 4.19 -1.93
C ILE A 37 -3.03 4.53 -3.42
N ASN A 38 -1.87 4.26 -3.99
CA ASN A 38 -1.62 4.54 -5.40
C ASN A 38 -1.77 3.27 -6.24
N ILE A 39 -2.70 3.30 -7.19
CA ILE A 39 -2.94 2.16 -8.06
C ILE A 39 -1.98 2.15 -9.24
N LEU A 40 -1.69 3.34 -9.76
CA LEU A 40 -0.78 3.48 -10.89
C LEU A 40 0.57 2.85 -10.58
N LYS A 41 1.14 3.22 -9.44
CA LYS A 41 2.44 2.69 -9.02
C LYS A 41 2.27 1.44 -8.17
N GLN A 42 1.02 1.09 -7.87
CA GLN A 42 0.72 -0.08 -7.06
C GLN A 42 1.42 0.01 -5.71
N SER A 43 1.33 1.18 -5.08
CA SER A 43 1.96 1.38 -3.78
C SER A 43 1.00 2.06 -2.81
N CYS A 44 1.44 2.27 -1.58
CA CYS A 44 0.62 2.90 -0.56
C CYS A 44 1.48 3.71 0.41
N PHE A 45 1.09 4.95 0.64
CA PHE A 45 1.83 5.83 1.55
C PHE A 45 1.52 5.49 3.01
N ILE A 46 2.37 4.66 3.61
CA ILE A 46 2.19 4.26 4.99
C ILE A 46 3.20 4.95 5.91
N ILE A 47 2.77 5.25 7.13
CA ILE A 47 3.65 5.91 8.10
C ILE A 47 4.10 4.94 9.19
N PHE A 48 5.38 4.60 9.16
CA PHE A 48 5.94 3.67 10.14
C PHE A 48 6.06 4.34 11.51
N GLU A 49 6.13 3.53 12.56
CA GLU A 49 6.24 4.04 13.92
C GLU A 49 7.36 5.07 14.02
N ASP A 50 8.32 4.98 13.09
CA ASP A 50 9.45 5.90 13.09
C ASP A 50 9.05 7.24 12.47
N SER A 51 7.75 7.43 12.28
CA SER A 51 7.24 8.67 11.69
C SER A 51 7.81 8.90 10.30
N SER A 52 8.18 7.81 9.64
CA SER A 52 8.75 7.89 8.30
C SER A 52 7.75 7.42 7.25
N LYS A 53 7.53 8.24 6.23
CA LYS A 53 6.60 7.93 5.16
C LYS A 53 7.33 7.32 3.97
N SER A 54 6.86 6.15 3.53
CA SER A 54 7.46 5.46 2.39
C SER A 54 6.41 4.69 1.60
N TRP A 55 6.42 4.90 0.28
CA TRP A 55 5.46 4.23 -0.60
C TRP A 55 5.77 2.74 -0.71
N VAL A 56 5.03 1.92 0.02
CA VAL A 56 5.22 0.48 -0.01
C VAL A 56 4.40 -0.17 -1.12
N LEU A 57 5.01 -1.12 -1.81
CA LEU A 57 4.34 -1.82 -2.90
C LEU A 57 3.20 -2.69 -2.37
N TRP A 58 2.11 -2.74 -3.12
CA TRP A 58 0.94 -3.53 -2.73
C TRP A 58 1.36 -4.95 -2.34
N LYS A 59 2.52 -5.38 -2.83
CA LYS A 59 3.02 -6.71 -2.53
C LYS A 59 3.89 -6.70 -1.28
N ASP A 60 4.53 -5.57 -1.02
CA ASP A 60 5.39 -5.43 0.16
C ASP A 60 4.56 -5.10 1.40
N ILE A 61 3.30 -4.73 1.18
CA ILE A 61 2.40 -4.39 2.28
C ILE A 61 1.66 -5.63 2.78
N GLN A 62 1.98 -6.06 4.00
CA GLN A 62 1.33 -7.22 4.59
C GLN A 62 0.11 -6.82 5.39
N THR A 63 -0.98 -7.57 5.23
CA THR A 63 -2.22 -7.29 5.95
C THR A 63 -2.55 -8.40 6.93
N GLY A 64 -2.17 -8.21 8.18
CA GLY A 64 -2.43 -9.21 9.20
C GLY A 64 -3.91 -9.30 9.54
N ALA A 65 -4.24 -10.17 10.50
CA ALA A 65 -5.62 -10.35 10.92
C ALA A 65 -5.98 -9.41 12.06
N THR A 66 -6.62 -8.30 11.72
CA THR A 66 -7.01 -7.31 12.72
C THR A 66 -7.48 -7.98 14.00
N GLY A 1 -14.88 -0.56 -31.82
CA GLY A 1 -13.71 -1.40 -31.69
C GLY A 1 -13.98 -2.84 -32.06
N SER A 2 -12.92 -3.64 -32.17
CA SER A 2 -13.06 -5.05 -32.52
C SER A 2 -13.09 -5.92 -31.27
N SER A 3 -12.15 -5.65 -30.36
CA SER A 3 -12.08 -6.41 -29.11
C SER A 3 -12.88 -5.75 -28.01
N GLY A 4 -14.10 -6.25 -27.80
CA GLY A 4 -14.97 -5.68 -26.77
C GLY A 4 -15.46 -6.72 -25.80
N SER A 5 -15.46 -6.38 -24.51
CA SER A 5 -15.91 -7.31 -23.48
C SER A 5 -16.12 -6.57 -22.15
N SER A 6 -16.79 -7.23 -21.22
CA SER A 6 -17.08 -6.64 -19.92
C SER A 6 -16.20 -7.29 -18.84
N GLY A 7 -16.02 -6.57 -17.73
CA GLY A 7 -15.21 -7.09 -16.65
C GLY A 7 -15.00 -6.06 -15.54
N LYS A 8 -15.94 -5.99 -14.61
CA LYS A 8 -15.86 -5.04 -13.51
C LYS A 8 -14.81 -5.49 -12.50
N LYS A 9 -14.16 -4.52 -11.86
CA LYS A 9 -13.13 -4.82 -10.87
C LYS A 9 -12.80 -3.58 -10.04
N PRO A 10 -12.53 -3.77 -8.75
CA PRO A 10 -12.20 -2.68 -7.83
C PRO A 10 -10.83 -2.09 -8.11
N ALA A 11 -10.71 -0.77 -7.96
CA ALA A 11 -9.44 -0.09 -8.20
C ALA A 11 -8.47 -0.32 -7.04
N CYS A 12 -9.01 -0.65 -5.88
CA CYS A 12 -8.18 -0.90 -4.70
C CYS A 12 -8.97 -1.66 -3.64
N LYS A 13 -8.25 -2.23 -2.67
CA LYS A 13 -8.89 -2.99 -1.60
C LYS A 13 -8.42 -2.49 -0.24
N PHE A 14 -7.20 -1.96 -0.18
CA PHE A 14 -6.64 -1.46 1.06
C PHE A 14 -7.56 -0.41 1.68
N GLU A 15 -7.25 -0.01 2.91
CA GLU A 15 -8.04 0.98 3.62
C GLU A 15 -7.17 2.12 4.15
N GLU A 16 -7.72 3.32 4.17
CA GLU A 16 -6.99 4.49 4.64
C GLU A 16 -6.96 4.52 6.17
N GLY A 17 -5.76 4.69 6.72
CA GLY A 17 -5.60 4.73 8.16
C GLY A 17 -5.61 3.36 8.79
N GLN A 18 -5.26 2.34 8.00
CA GLN A 18 -5.22 0.97 8.48
C GLN A 18 -3.80 0.56 8.85
N ASP A 19 -3.61 0.13 10.09
CA ASP A 19 -2.30 -0.29 10.57
C ASP A 19 -1.91 -1.64 9.95
N VAL A 20 -0.77 -1.64 9.26
CA VAL A 20 -0.29 -2.86 8.62
C VAL A 20 1.23 -2.96 8.71
N LEU A 21 1.79 -4.01 8.12
CA LEU A 21 3.23 -4.23 8.14
C LEU A 21 3.83 -4.02 6.75
N ALA A 22 4.63 -2.97 6.60
CA ALA A 22 5.27 -2.67 5.32
C ALA A 22 6.72 -3.13 5.31
N ARG A 23 7.15 -3.68 4.19
CA ARG A 23 8.52 -4.16 4.04
C ARG A 23 9.44 -3.03 3.56
N TRP A 24 10.37 -2.63 4.41
CA TRP A 24 11.32 -1.57 4.08
C TRP A 24 12.32 -2.05 3.03
N SER A 25 13.13 -1.12 2.53
CA SER A 25 14.12 -1.44 1.52
C SER A 25 15.05 -2.56 2.00
N ASP A 26 15.33 -2.55 3.31
CA ASP A 26 16.20 -3.57 3.89
C ASP A 26 15.66 -4.97 3.65
N GLY A 27 14.34 -5.07 3.55
CA GLY A 27 13.71 -6.36 3.32
C GLY A 27 12.87 -6.82 4.49
N LEU A 28 13.03 -6.14 5.63
CA LEU A 28 12.28 -6.49 6.83
C LEU A 28 10.96 -5.74 6.88
N PHE A 29 10.00 -6.28 7.64
CA PHE A 29 8.70 -5.66 7.78
C PHE A 29 8.64 -4.79 9.03
N TYR A 30 7.93 -3.66 8.92
CA TYR A 30 7.80 -2.73 10.04
C TYR A 30 6.35 -2.30 10.22
N LEU A 31 6.03 -1.80 11.41
CA LEU A 31 4.68 -1.34 11.71
C LEU A 31 4.42 0.03 11.12
N GLY A 32 3.31 0.18 10.42
CA GLY A 32 2.96 1.46 9.81
C GLY A 32 1.47 1.60 9.57
N THR A 33 1.04 2.83 9.31
CA THR A 33 -0.38 3.11 9.06
C THR A 33 -0.59 3.63 7.65
N ILE A 34 -1.54 3.03 6.94
CA ILE A 34 -1.84 3.45 5.57
C ILE A 34 -2.34 4.89 5.54
N LYS A 35 -1.78 5.69 4.64
CA LYS A 35 -2.17 7.09 4.50
C LYS A 35 -2.68 7.37 3.10
N LYS A 36 -2.12 6.67 2.12
CA LYS A 36 -2.52 6.85 0.72
C LYS A 36 -2.42 5.53 -0.04
N ILE A 37 -3.14 5.44 -1.15
CA ILE A 37 -3.13 4.24 -1.97
C ILE A 37 -2.99 4.58 -3.46
N ASN A 38 -1.86 4.18 -4.05
CA ASN A 38 -1.60 4.45 -5.45
C ASN A 38 -1.77 3.18 -6.28
N ILE A 39 -2.60 3.25 -7.32
CA ILE A 39 -2.84 2.11 -8.18
C ILE A 39 -1.87 2.10 -9.36
N LEU A 40 -1.50 3.30 -9.82
CA LEU A 40 -0.57 3.42 -10.95
C LEU A 40 0.77 2.80 -10.61
N LYS A 41 1.25 3.04 -9.39
CA LYS A 41 2.53 2.50 -8.94
C LYS A 41 2.32 1.29 -8.04
N GLN A 42 1.06 0.92 -7.83
CA GLN A 42 0.73 -0.22 -6.99
C GLN A 42 1.42 -0.11 -5.63
N SER A 43 1.37 1.08 -5.04
CA SER A 43 2.00 1.31 -3.74
C SER A 43 1.04 1.98 -2.78
N CYS A 44 1.48 2.19 -1.55
CA CYS A 44 0.65 2.82 -0.54
C CYS A 44 1.51 3.62 0.44
N PHE A 45 1.15 4.88 0.66
CA PHE A 45 1.88 5.74 1.57
C PHE A 45 1.56 5.42 3.03
N ILE A 46 2.41 4.60 3.64
CA ILE A 46 2.22 4.21 5.03
C ILE A 46 3.23 4.89 5.95
N ILE A 47 2.78 5.29 7.12
CA ILE A 47 3.65 5.95 8.09
C ILE A 47 4.09 4.99 9.18
N PHE A 48 5.37 4.64 9.16
CA PHE A 48 5.93 3.72 10.15
C PHE A 48 6.06 4.40 11.51
N GLU A 49 5.99 3.60 12.57
CA GLU A 49 6.10 4.13 13.93
C GLU A 49 7.26 5.12 14.03
N ASP A 50 8.20 5.02 13.11
CA ASP A 50 9.37 5.91 13.10
C ASP A 50 9.02 7.25 12.46
N SER A 51 7.72 7.52 12.32
CA SER A 51 7.25 8.76 11.73
C SER A 51 7.84 8.95 10.33
N SER A 52 8.19 7.84 9.69
CA SER A 52 8.77 7.88 8.35
C SER A 52 7.75 7.46 7.31
N LYS A 53 7.55 8.31 6.30
CA LYS A 53 6.60 8.04 5.24
C LYS A 53 7.30 7.43 4.02
N SER A 54 6.80 6.29 3.56
CA SER A 54 7.38 5.61 2.41
C SER A 54 6.31 4.85 1.62
N TRP A 55 6.37 4.95 0.30
CA TRP A 55 5.41 4.28 -0.55
C TRP A 55 5.71 2.78 -0.66
N VAL A 56 4.96 1.97 0.08
CA VAL A 56 5.14 0.53 0.07
C VAL A 56 4.33 -0.12 -1.04
N LEU A 57 4.93 -1.12 -1.68
CA LEU A 57 4.26 -1.84 -2.77
C LEU A 57 3.15 -2.73 -2.23
N TRP A 58 2.04 -2.81 -2.96
CA TRP A 58 0.92 -3.64 -2.55
C TRP A 58 1.37 -5.05 -2.19
N LYS A 59 2.44 -5.50 -2.82
CA LYS A 59 2.99 -6.83 -2.56
C LYS A 59 3.88 -6.81 -1.33
N ASP A 60 4.46 -5.65 -1.02
CA ASP A 60 5.34 -5.50 0.13
C ASP A 60 4.54 -5.16 1.38
N ILE A 61 3.28 -4.79 1.19
CA ILE A 61 2.40 -4.43 2.30
C ILE A 61 1.64 -5.65 2.82
N GLN A 62 2.01 -6.11 4.01
CA GLN A 62 1.36 -7.27 4.61
C GLN A 62 0.09 -6.86 5.33
N THR A 63 -1.00 -7.58 5.07
CA THR A 63 -2.28 -7.29 5.70
C THR A 63 -2.55 -8.23 6.87
N GLY A 64 -2.24 -7.76 8.08
CA GLY A 64 -2.45 -8.58 9.25
C GLY A 64 -3.88 -9.08 9.37
N ALA A 65 -4.03 -10.40 9.49
CA ALA A 65 -5.36 -11.00 9.61
C ALA A 65 -5.46 -11.86 10.86
N THR A 66 -6.52 -11.65 11.63
CA THR A 66 -6.73 -12.41 12.86
C THR A 66 -7.96 -13.32 12.74
N GLY A 1 0.98 -9.08 -27.43
CA GLY A 1 -0.25 -8.36 -27.67
C GLY A 1 -0.04 -6.87 -27.77
N SER A 2 0.02 -6.36 -29.01
CA SER A 2 0.23 -4.93 -29.24
C SER A 2 -1.08 -4.26 -29.65
N SER A 3 -1.64 -3.48 -28.73
CA SER A 3 -2.89 -2.78 -28.99
C SER A 3 -3.16 -1.72 -27.92
N GLY A 4 -3.33 -0.48 -28.37
CA GLY A 4 -3.57 0.61 -27.44
C GLY A 4 -4.96 0.53 -26.83
N SER A 5 -5.03 0.60 -25.50
CA SER A 5 -6.29 0.55 -24.79
C SER A 5 -6.16 1.10 -23.37
N SER A 6 -7.01 2.07 -23.04
CA SER A 6 -6.97 2.69 -21.72
C SER A 6 -6.89 1.64 -20.63
N GLY A 7 -7.70 0.59 -20.76
CA GLY A 7 -7.71 -0.48 -19.77
C GLY A 7 -8.19 -0.01 -18.42
N LYS A 8 -9.38 -0.48 -18.02
CA LYS A 8 -9.95 -0.11 -16.74
C LYS A 8 -9.20 -0.75 -15.59
N LYS A 9 -9.44 -0.27 -14.37
CA LYS A 9 -8.79 -0.81 -13.20
C LYS A 9 -9.76 -0.86 -12.02
N PRO A 10 -9.62 -1.91 -11.19
CA PRO A 10 -10.48 -2.12 -10.01
C PRO A 10 -10.19 -1.09 -8.92
N ALA A 11 -11.06 -1.05 -7.92
CA ALA A 11 -10.91 -0.12 -6.80
C ALA A 11 -9.95 -0.66 -5.76
N CYS A 12 -9.07 0.21 -5.25
CA CYS A 12 -8.10 -0.19 -4.24
C CYS A 12 -8.73 -1.13 -3.21
N LYS A 13 -7.94 -2.07 -2.72
CA LYS A 13 -8.41 -3.03 -1.73
C LYS A 13 -8.07 -2.57 -0.32
N PHE A 14 -6.86 -2.04 -0.15
CA PHE A 14 -6.40 -1.56 1.15
C PHE A 14 -7.37 -0.52 1.71
N GLU A 15 -7.12 -0.11 2.95
CA GLU A 15 -7.96 0.89 3.60
C GLU A 15 -7.13 2.06 4.11
N GLU A 16 -7.73 3.24 4.13
CA GLU A 16 -7.05 4.44 4.60
C GLU A 16 -6.98 4.47 6.13
N GLY A 17 -5.79 4.73 6.65
CA GLY A 17 -5.60 4.78 8.09
C GLY A 17 -5.64 3.41 8.72
N GLN A 18 -5.18 2.40 7.99
CA GLN A 18 -5.17 1.04 8.49
C GLN A 18 -3.75 0.60 8.85
N ASP A 19 -3.55 0.18 10.10
CA ASP A 19 -2.24 -0.26 10.56
C ASP A 19 -1.86 -1.59 9.91
N VAL A 20 -0.72 -1.60 9.23
CA VAL A 20 -0.24 -2.81 8.56
C VAL A 20 1.28 -2.90 8.60
N LEU A 21 1.81 -4.04 8.20
CA LEU A 21 3.26 -4.25 8.20
C LEU A 21 3.83 -4.04 6.80
N ALA A 22 4.63 -2.99 6.66
CA ALA A 22 5.26 -2.67 5.38
C ALA A 22 6.72 -3.11 5.35
N ARG A 23 7.15 -3.64 4.21
CA ARG A 23 8.52 -4.10 4.06
C ARG A 23 9.42 -2.97 3.57
N TRP A 24 10.36 -2.54 4.41
CA TRP A 24 11.28 -1.47 4.06
C TRP A 24 12.28 -1.93 3.01
N SER A 25 13.07 -0.99 2.51
CA SER A 25 14.07 -1.31 1.49
C SER A 25 15.02 -2.39 1.97
N ASP A 26 15.23 -2.45 3.28
CA ASP A 26 16.12 -3.45 3.88
C ASP A 26 15.60 -4.86 3.63
N GLY A 27 14.28 -5.00 3.58
CA GLY A 27 13.68 -6.30 3.35
C GLY A 27 12.85 -6.77 4.52
N LEU A 28 13.01 -6.10 5.67
CA LEU A 28 12.26 -6.45 6.87
C LEU A 28 10.93 -5.71 6.93
N PHE A 29 9.98 -6.28 7.66
CA PHE A 29 8.66 -5.67 7.80
C PHE A 29 8.59 -4.81 9.06
N TYR A 30 7.94 -3.66 8.95
CA TYR A 30 7.80 -2.75 10.07
C TYR A 30 6.35 -2.30 10.24
N LEU A 31 6.01 -1.84 11.44
CA LEU A 31 4.66 -1.39 11.73
C LEU A 31 4.40 0.00 11.15
N GLY A 32 3.26 0.17 10.50
CA GLY A 32 2.93 1.45 9.91
C GLY A 32 1.45 1.62 9.68
N THR A 33 1.03 2.83 9.31
CA THR A 33 -0.38 3.11 9.05
C THR A 33 -0.59 3.63 7.63
N ILE A 34 -1.53 3.02 6.92
CA ILE A 34 -1.83 3.42 5.55
C ILE A 34 -2.34 4.86 5.50
N LYS A 35 -1.75 5.66 4.63
CA LYS A 35 -2.14 7.06 4.48
C LYS A 35 -2.67 7.33 3.08
N LYS A 36 -2.09 6.65 2.09
CA LYS A 36 -2.51 6.81 0.70
C LYS A 36 -2.39 5.49 -0.06
N ILE A 37 -3.18 5.35 -1.12
CA ILE A 37 -3.17 4.15 -1.93
C ILE A 37 -3.07 4.48 -3.41
N ASN A 38 -1.94 4.16 -4.01
CA ASN A 38 -1.72 4.44 -5.44
C ASN A 38 -1.87 3.16 -6.25
N ILE A 39 -2.84 3.16 -7.16
CA ILE A 39 -3.09 2.00 -8.01
C ILE A 39 -2.14 1.98 -9.21
N LEU A 40 -1.85 3.17 -9.74
CA LEU A 40 -0.96 3.29 -10.88
C LEU A 40 0.40 2.70 -10.57
N LYS A 41 0.97 3.09 -9.44
CA LYS A 41 2.27 2.59 -9.02
C LYS A 41 2.13 1.35 -8.13
N GLN A 42 0.89 0.98 -7.85
CA GLN A 42 0.62 -0.19 -7.02
C GLN A 42 1.34 -0.08 -5.68
N SER A 43 1.28 1.11 -5.08
CA SER A 43 1.93 1.34 -3.79
C SER A 43 0.97 2.00 -2.81
N CYS A 44 1.45 2.25 -1.59
CA CYS A 44 0.63 2.88 -0.56
C CYS A 44 1.50 3.66 0.41
N PHE A 45 1.14 4.93 0.63
CA PHE A 45 1.88 5.79 1.53
C PHE A 45 1.57 5.45 2.99
N ILE A 46 2.42 4.63 3.60
CA ILE A 46 2.23 4.23 4.98
C ILE A 46 3.23 4.94 5.90
N ILE A 47 2.81 5.21 7.13
CA ILE A 47 3.67 5.88 8.10
C ILE A 47 4.12 4.91 9.18
N PHE A 48 5.41 4.60 9.19
CA PHE A 48 5.97 3.69 10.17
C PHE A 48 6.10 4.36 11.53
N GLU A 49 6.09 3.56 12.60
CA GLU A 49 6.20 4.08 13.95
C GLU A 49 7.34 5.09 14.06
N ASP A 50 8.26 5.02 13.12
CA ASP A 50 9.41 5.93 13.10
C ASP A 50 9.03 7.26 12.46
N SER A 51 7.73 7.52 12.34
CA SER A 51 7.24 8.75 11.75
C SER A 51 7.82 8.95 10.36
N SER A 52 8.18 7.85 9.71
CA SER A 52 8.75 7.90 8.37
C SER A 52 7.73 7.47 7.33
N LYS A 53 7.52 8.31 6.32
CA LYS A 53 6.57 8.02 5.26
C LYS A 53 7.28 7.42 4.05
N SER A 54 6.80 6.27 3.59
CA SER A 54 7.40 5.60 2.44
C SER A 54 6.33 4.85 1.64
N TRP A 55 6.42 4.94 0.32
CA TRP A 55 5.47 4.26 -0.56
C TRP A 55 5.79 2.78 -0.68
N VAL A 56 5.04 1.95 0.04
CA VAL A 56 5.24 0.52 0.01
C VAL A 56 4.42 -0.14 -1.09
N LEU A 57 5.01 -1.12 -1.77
CA LEU A 57 4.34 -1.82 -2.85
C LEU A 57 3.21 -2.70 -2.31
N TRP A 58 2.12 -2.79 -3.07
CA TRP A 58 0.98 -3.59 -2.66
C TRP A 58 1.41 -5.00 -2.28
N LYS A 59 2.52 -5.44 -2.85
CA LYS A 59 3.05 -6.78 -2.56
C LYS A 59 3.93 -6.76 -1.32
N ASP A 60 4.48 -5.59 -1.00
CA ASP A 60 5.34 -5.44 0.17
C ASP A 60 4.53 -5.09 1.41
N ILE A 61 3.26 -4.74 1.20
CA ILE A 61 2.37 -4.40 2.30
C ILE A 61 1.61 -5.62 2.80
N GLN A 62 1.95 -6.06 4.00
CA GLN A 62 1.29 -7.23 4.60
C GLN A 62 -0.01 -6.83 5.28
N THR A 63 -1.06 -7.62 5.06
CA THR A 63 -2.36 -7.34 5.65
C THR A 63 -2.67 -8.33 6.77
N GLY A 64 -2.39 -7.93 8.00
CA GLY A 64 -2.65 -8.80 9.14
C GLY A 64 -3.99 -8.51 9.80
N ALA A 65 -4.27 -9.20 10.90
CA ALA A 65 -5.52 -9.01 11.62
C ALA A 65 -5.39 -9.44 13.08
N THR A 66 -6.29 -8.94 13.92
CA THR A 66 -6.26 -9.28 15.34
C THR A 66 -5.78 -10.70 15.57
N GLY A 1 -11.39 -8.96 -31.91
CA GLY A 1 -11.08 -8.00 -30.87
C GLY A 1 -9.61 -7.65 -30.84
N SER A 2 -9.23 -6.79 -29.90
CA SER A 2 -7.83 -6.37 -29.76
C SER A 2 -7.14 -7.14 -28.64
N SER A 3 -5.85 -6.89 -28.48
CA SER A 3 -5.06 -7.56 -27.45
C SER A 3 -5.34 -6.96 -26.08
N GLY A 4 -5.25 -5.64 -25.99
CA GLY A 4 -5.50 -4.96 -24.74
C GLY A 4 -4.23 -4.75 -23.94
N SER A 5 -4.23 -3.73 -23.07
CA SER A 5 -3.07 -3.44 -22.24
C SER A 5 -3.48 -3.22 -20.79
N SER A 6 -2.61 -3.64 -19.87
CA SER A 6 -2.89 -3.50 -18.44
C SER A 6 -3.62 -2.20 -18.15
N GLY A 7 -4.77 -2.30 -17.49
CA GLY A 7 -5.55 -1.13 -17.17
C GLY A 7 -5.88 -1.04 -15.69
N LYS A 8 -5.50 0.06 -15.06
CA LYS A 8 -5.75 0.27 -13.64
C LYS A 8 -7.25 0.13 -13.33
N LYS A 9 -7.56 -0.08 -12.06
CA LYS A 9 -8.95 -0.22 -11.62
C LYS A 9 -9.17 0.42 -10.26
N PRO A 10 -10.22 1.23 -10.15
CA PRO A 10 -10.57 1.91 -8.91
C PRO A 10 -11.07 0.96 -7.84
N ALA A 11 -11.54 1.51 -6.71
CA ALA A 11 -12.05 0.70 -5.62
C ALA A 11 -10.92 -0.03 -4.91
N CYS A 12 -9.83 0.69 -4.64
CA CYS A 12 -8.68 0.09 -3.97
C CYS A 12 -9.12 -0.90 -2.90
N LYS A 13 -8.33 -1.94 -2.69
CA LYS A 13 -8.63 -2.96 -1.71
C LYS A 13 -8.22 -2.51 -0.31
N PHE A 14 -7.07 -1.85 -0.22
CA PHE A 14 -6.56 -1.36 1.06
C PHE A 14 -7.50 -0.31 1.65
N GLU A 15 -7.22 0.10 2.88
CA GLU A 15 -8.04 1.10 3.56
C GLU A 15 -7.16 2.23 4.11
N GLU A 16 -7.72 3.43 4.13
CA GLU A 16 -6.99 4.59 4.63
C GLU A 16 -6.96 4.60 6.15
N GLY A 17 -5.78 4.81 6.71
CA GLY A 17 -5.63 4.83 8.16
C GLY A 17 -5.67 3.45 8.77
N GLN A 18 -5.27 2.45 7.99
CA GLN A 18 -5.26 1.08 8.46
C GLN A 18 -3.84 0.63 8.83
N ASP A 19 -3.67 0.22 10.08
CA ASP A 19 -2.36 -0.23 10.55
C ASP A 19 -1.97 -1.55 9.90
N VAL A 20 -0.80 -1.56 9.26
CA VAL A 20 -0.30 -2.77 8.59
C VAL A 20 1.22 -2.84 8.64
N LEU A 21 1.77 -3.95 8.18
CA LEU A 21 3.21 -4.14 8.17
C LEU A 21 3.78 -3.95 6.76
N ALA A 22 4.65 -2.95 6.61
CA ALA A 22 5.27 -2.67 5.32
C ALA A 22 6.71 -3.13 5.29
N ARG A 23 7.17 -3.59 4.12
CA ARG A 23 8.54 -4.05 3.96
C ARG A 23 9.44 -2.92 3.50
N TRP A 24 10.37 -2.52 4.36
CA TRP A 24 11.31 -1.45 4.04
C TRP A 24 12.31 -1.90 2.99
N SER A 25 13.12 -0.96 2.49
CA SER A 25 14.12 -1.27 1.49
C SER A 25 15.08 -2.35 1.98
N ASP A 26 15.25 -2.42 3.29
CA ASP A 26 16.13 -3.42 3.89
C ASP A 26 15.61 -4.83 3.66
N GLY A 27 14.28 -4.96 3.56
CA GLY A 27 13.69 -6.25 3.34
C GLY A 27 12.85 -6.72 4.51
N LEU A 28 13.01 -6.05 5.66
CA LEU A 28 12.28 -6.40 6.86
C LEU A 28 10.95 -5.66 6.92
N PHE A 29 9.99 -6.22 7.66
CA PHE A 29 8.67 -5.61 7.80
C PHE A 29 8.60 -4.75 9.07
N TYR A 30 7.98 -3.58 8.94
CA TYR A 30 7.84 -2.67 10.07
C TYR A 30 6.39 -2.25 10.26
N LEU A 31 6.07 -1.80 11.47
CA LEU A 31 4.72 -1.37 11.78
C LEU A 31 4.44 0.03 11.22
N GLY A 32 3.30 0.18 10.55
CA GLY A 32 2.95 1.46 9.99
C GLY A 32 1.46 1.59 9.73
N THR A 33 1.03 2.80 9.35
CA THR A 33 -0.37 3.06 9.08
C THR A 33 -0.58 3.58 7.67
N ILE A 34 -1.55 3.01 6.96
CA ILE A 34 -1.85 3.42 5.60
C ILE A 34 -2.32 4.87 5.56
N LYS A 35 -1.78 5.65 4.62
CA LYS A 35 -2.14 7.05 4.47
C LYS A 35 -2.66 7.33 3.07
N LYS A 36 -2.11 6.62 2.09
CA LYS A 36 -2.52 6.79 0.70
C LYS A 36 -2.41 5.48 -0.07
N ILE A 37 -3.18 5.35 -1.14
CA ILE A 37 -3.16 4.14 -1.96
C ILE A 37 -3.06 4.49 -3.44
N ASN A 38 -1.89 4.23 -4.03
CA ASN A 38 -1.67 4.51 -5.44
C ASN A 38 -1.82 3.24 -6.27
N ILE A 39 -2.78 3.26 -7.20
CA ILE A 39 -3.02 2.11 -8.07
C ILE A 39 -2.07 2.11 -9.26
N LEU A 40 -1.78 3.29 -9.78
CA LEU A 40 -0.88 3.43 -10.91
C LEU A 40 0.48 2.81 -10.61
N LYS A 41 1.04 3.14 -9.45
CA LYS A 41 2.33 2.61 -9.03
C LYS A 41 2.15 1.36 -8.17
N GLN A 42 0.91 1.02 -7.88
CA GLN A 42 0.61 -0.15 -7.06
C GLN A 42 1.32 -0.07 -5.71
N SER A 43 1.27 1.11 -5.10
CA SER A 43 1.91 1.31 -3.80
C SER A 43 0.95 1.98 -2.82
N CYS A 44 1.43 2.22 -1.60
CA CYS A 44 0.62 2.85 -0.57
C CYS A 44 1.48 3.63 0.41
N PHE A 45 1.11 4.89 0.64
CA PHE A 45 1.86 5.74 1.55
C PHE A 45 1.54 5.41 3.00
N ILE A 46 2.40 4.60 3.62
CA ILE A 46 2.21 4.20 5.01
C ILE A 46 3.21 4.89 5.93
N ILE A 47 2.76 5.23 7.14
CA ILE A 47 3.62 5.90 8.11
C ILE A 47 4.07 4.93 9.20
N PHE A 48 5.36 4.59 9.18
CA PHE A 48 5.92 3.67 10.17
C PHE A 48 6.03 4.36 11.54
N GLU A 49 5.98 3.56 12.60
CA GLU A 49 6.09 4.09 13.96
C GLU A 49 7.23 5.10 14.06
N ASP A 50 8.17 5.00 13.13
CA ASP A 50 9.31 5.91 13.12
C ASP A 50 8.95 7.24 12.47
N SER A 51 7.66 7.50 12.35
CA SER A 51 7.16 8.74 11.74
C SER A 51 7.77 8.93 10.35
N SER A 52 8.16 7.83 9.72
CA SER A 52 8.76 7.87 8.39
C SER A 52 7.76 7.41 7.33
N LYS A 53 7.55 8.23 6.31
CA LYS A 53 6.63 7.92 5.24
C LYS A 53 7.36 7.30 4.05
N SER A 54 6.88 6.16 3.59
CA SER A 54 7.49 5.47 2.45
C SER A 54 6.44 4.72 1.63
N TRP A 55 6.45 4.93 0.33
CA TRP A 55 5.51 4.28 -0.57
C TRP A 55 5.80 2.79 -0.69
N VAL A 56 5.03 1.98 0.02
CA VAL A 56 5.21 0.53 -0.01
C VAL A 56 4.38 -0.10 -1.13
N LEU A 57 4.95 -1.13 -1.76
CA LEU A 57 4.27 -1.83 -2.85
C LEU A 57 3.15 -2.71 -2.31
N TRP A 58 2.05 -2.78 -3.06
CA TRP A 58 0.91 -3.59 -2.66
C TRP A 58 1.35 -5.01 -2.29
N LYS A 59 2.41 -5.49 -2.94
CA LYS A 59 2.93 -6.82 -2.68
C LYS A 59 3.87 -6.81 -1.47
N ASP A 60 4.38 -5.63 -1.13
CA ASP A 60 5.29 -5.48 0.00
C ASP A 60 4.52 -5.11 1.27
N ILE A 61 3.24 -4.79 1.11
CA ILE A 61 2.40 -4.42 2.23
C ILE A 61 1.64 -5.63 2.78
N GLN A 62 2.03 -6.07 3.96
CA GLN A 62 1.39 -7.22 4.59
C GLN A 62 0.16 -6.80 5.37
N THR A 63 -0.89 -7.62 5.30
CA THR A 63 -2.15 -7.32 6.00
C THR A 63 -2.46 -8.39 7.04
N GLY A 64 -2.10 -8.11 8.29
CA GLY A 64 -2.35 -9.06 9.36
C GLY A 64 -3.71 -9.71 9.25
N ALA A 65 -4.71 -9.09 9.87
CA ALA A 65 -6.07 -9.62 9.84
C ALA A 65 -6.74 -9.33 8.50
N THR A 66 -6.92 -10.39 7.70
CA THR A 66 -7.53 -10.26 6.39
C THR A 66 -8.92 -9.64 6.50
N GLY A 1 -15.03 -3.20 -34.20
CA GLY A 1 -15.53 -4.34 -33.45
C GLY A 1 -15.67 -4.05 -31.96
N SER A 2 -14.53 -4.06 -31.27
CA SER A 2 -14.51 -3.81 -29.84
C SER A 2 -14.06 -2.39 -29.54
N SER A 3 -14.93 -1.60 -28.91
CA SER A 3 -14.61 -0.22 -28.57
C SER A 3 -14.00 -0.12 -27.17
N GLY A 4 -13.49 1.06 -26.83
CA GLY A 4 -12.88 1.25 -25.53
C GLY A 4 -13.91 1.30 -24.42
N SER A 5 -13.61 0.64 -23.30
CA SER A 5 -14.52 0.61 -22.17
C SER A 5 -14.27 1.79 -21.25
N SER A 6 -15.09 2.83 -21.39
CA SER A 6 -14.97 4.03 -20.58
C SER A 6 -16.13 4.14 -19.60
N GLY A 7 -16.00 3.48 -18.45
CA GLY A 7 -17.05 3.51 -17.45
C GLY A 7 -16.59 2.99 -16.11
N LYS A 8 -16.86 1.71 -15.85
CA LYS A 8 -16.47 1.08 -14.60
C LYS A 8 -14.98 1.26 -14.34
N LYS A 9 -14.63 1.63 -13.11
CA LYS A 9 -13.23 1.83 -12.74
C LYS A 9 -12.87 1.00 -11.51
N PRO A 10 -11.70 0.37 -11.55
CA PRO A 10 -11.20 -0.45 -10.44
C PRO A 10 -10.84 0.37 -9.20
N ALA A 11 -11.32 -0.06 -8.05
CA ALA A 11 -11.04 0.63 -6.80
C ALA A 11 -9.96 -0.08 -6.00
N CYS A 12 -9.39 0.63 -5.03
CA CYS A 12 -8.33 0.06 -4.21
C CYS A 12 -8.88 -1.01 -3.26
N LYS A 13 -8.00 -1.86 -2.75
CA LYS A 13 -8.40 -2.92 -1.85
C LYS A 13 -8.08 -2.55 -0.39
N PHE A 14 -6.95 -1.89 -0.20
CA PHE A 14 -6.53 -1.48 1.13
C PHE A 14 -7.49 -0.45 1.72
N GLU A 15 -7.29 -0.10 2.99
CA GLU A 15 -8.14 0.87 3.66
C GLU A 15 -7.31 2.03 4.20
N GLU A 16 -7.88 3.24 4.15
CA GLU A 16 -7.19 4.43 4.64
C GLU A 16 -7.15 4.45 6.17
N GLY A 17 -5.97 4.69 6.72
CA GLY A 17 -5.83 4.72 8.16
C GLY A 17 -5.81 3.34 8.79
N GLN A 18 -5.38 2.35 8.02
CA GLN A 18 -5.31 0.98 8.50
C GLN A 18 -3.88 0.57 8.82
N ASP A 19 -3.64 0.18 10.07
CA ASP A 19 -2.32 -0.24 10.50
C ASP A 19 -1.93 -1.57 9.85
N VAL A 20 -0.76 -1.59 9.22
CA VAL A 20 -0.28 -2.79 8.56
C VAL A 20 1.25 -2.87 8.61
N LEU A 21 1.79 -4.01 8.20
CA LEU A 21 3.24 -4.21 8.20
C LEU A 21 3.81 -4.02 6.81
N ALA A 22 4.61 -2.97 6.64
CA ALA A 22 5.23 -2.68 5.35
C ALA A 22 6.68 -3.13 5.33
N ARG A 23 7.12 -3.62 4.17
CA ARG A 23 8.50 -4.09 4.02
C ARG A 23 9.41 -2.97 3.53
N TRP A 24 10.34 -2.55 4.39
CA TRP A 24 11.26 -1.48 4.04
C TRP A 24 12.26 -1.94 2.98
N SER A 25 13.05 -1.00 2.47
CA SER A 25 14.04 -1.31 1.45
C SER A 25 14.99 -2.41 1.93
N ASP A 26 15.22 -2.45 3.24
CA ASP A 26 16.11 -3.44 3.82
C ASP A 26 15.59 -4.86 3.57
N GLY A 27 14.27 -5.00 3.56
CA GLY A 27 13.66 -6.30 3.33
C GLY A 27 12.83 -6.77 4.51
N LEU A 28 12.99 -6.09 5.64
CA LEU A 28 12.25 -6.44 6.85
C LEU A 28 10.92 -5.70 6.91
N PHE A 29 9.98 -6.25 7.67
CA PHE A 29 8.66 -5.64 7.81
C PHE A 29 8.59 -4.78 9.07
N TYR A 30 7.95 -3.63 8.95
CA TYR A 30 7.82 -2.71 10.08
C TYR A 30 6.37 -2.27 10.26
N LEU A 31 6.04 -1.80 11.45
CA LEU A 31 4.69 -1.35 11.76
C LEU A 31 4.43 0.03 11.16
N GLY A 32 3.27 0.19 10.53
CA GLY A 32 2.92 1.47 9.93
C GLY A 32 1.42 1.60 9.70
N THR A 33 1.00 2.81 9.33
CA THR A 33 -0.41 3.07 9.07
C THR A 33 -0.63 3.56 7.65
N ILE A 34 -1.62 2.97 6.97
CA ILE A 34 -1.93 3.35 5.60
C ILE A 34 -2.41 4.80 5.52
N LYS A 35 -1.70 5.61 4.74
CA LYS A 35 -2.05 7.01 4.58
C LYS A 35 -2.62 7.27 3.19
N LYS A 36 -2.03 6.63 2.18
CA LYS A 36 -2.48 6.79 0.80
C LYS A 36 -2.38 5.48 0.04
N ILE A 37 -3.09 5.39 -1.08
CA ILE A 37 -3.08 4.19 -1.89
C ILE A 37 -3.03 4.53 -3.39
N ASN A 38 -1.89 4.26 -4.01
CA ASN A 38 -1.71 4.54 -5.43
C ASN A 38 -1.88 3.27 -6.26
N ILE A 39 -2.97 3.21 -7.03
CA ILE A 39 -3.25 2.06 -7.87
C ILE A 39 -2.32 2.02 -9.08
N LEU A 40 -2.07 3.19 -9.65
CA LEU A 40 -1.20 3.30 -10.83
C LEU A 40 0.19 2.76 -10.51
N LYS A 41 0.74 3.18 -9.37
CA LYS A 41 2.07 2.74 -8.95
C LYS A 41 1.98 1.45 -8.14
N GLN A 42 0.76 1.04 -7.82
CA GLN A 42 0.54 -0.17 -7.05
C GLN A 42 1.25 -0.10 -5.69
N SER A 43 1.23 1.08 -5.08
CA SER A 43 1.87 1.29 -3.80
C SER A 43 0.92 1.94 -2.81
N CYS A 44 1.42 2.22 -1.61
CA CYS A 44 0.61 2.85 -0.57
C CYS A 44 1.48 3.63 0.41
N PHE A 45 1.14 4.90 0.62
CA PHE A 45 1.90 5.75 1.53
C PHE A 45 1.58 5.42 2.98
N ILE A 46 2.43 4.60 3.59
CA ILE A 46 2.24 4.20 4.98
C ILE A 46 3.23 4.92 5.90
N ILE A 47 2.79 5.23 7.11
CA ILE A 47 3.64 5.91 8.08
C ILE A 47 4.09 4.95 9.18
N PHE A 48 5.38 4.64 9.18
CA PHE A 48 5.95 3.74 10.18
C PHE A 48 6.07 4.42 11.53
N GLU A 49 6.04 3.63 12.60
CA GLU A 49 6.14 4.17 13.95
C GLU A 49 7.28 5.18 14.05
N ASP A 50 8.21 5.10 13.11
CA ASP A 50 9.35 6.01 13.09
C ASP A 50 8.98 7.34 12.43
N SER A 51 7.68 7.59 12.32
CA SER A 51 7.19 8.81 11.71
C SER A 51 7.77 9.00 10.31
N SER A 52 8.16 7.90 9.69
CA SER A 52 8.74 7.94 8.35
C SER A 52 7.73 7.49 7.30
N LYS A 53 7.52 8.32 6.29
CA LYS A 53 6.58 8.02 5.22
C LYS A 53 7.29 7.42 4.02
N SER A 54 6.82 6.27 3.57
CA SER A 54 7.42 5.59 2.42
C SER A 54 6.36 4.86 1.61
N TRP A 55 6.50 4.91 0.29
CA TRP A 55 5.56 4.25 -0.60
C TRP A 55 5.87 2.76 -0.73
N VAL A 56 5.10 1.94 -0.02
CA VAL A 56 5.29 0.50 -0.06
C VAL A 56 4.47 -0.14 -1.17
N LEU A 57 5.03 -1.17 -1.80
CA LEU A 57 4.35 -1.88 -2.88
C LEU A 57 3.22 -2.74 -2.34
N TRP A 58 2.12 -2.81 -3.08
CA TRP A 58 0.97 -3.61 -2.68
C TRP A 58 1.40 -5.03 -2.30
N LYS A 59 2.50 -5.48 -2.88
CA LYS A 59 3.02 -6.81 -2.60
C LYS A 59 3.90 -6.81 -1.36
N ASP A 60 4.47 -5.66 -1.04
CA ASP A 60 5.34 -5.51 0.12
C ASP A 60 4.52 -5.19 1.36
N ILE A 61 3.28 -4.77 1.16
CA ILE A 61 2.39 -4.42 2.26
C ILE A 61 1.65 -5.65 2.77
N GLN A 62 1.97 -6.07 4.00
CA GLN A 62 1.32 -7.23 4.60
C GLN A 62 0.04 -6.83 5.32
N THR A 63 -1.00 -7.64 5.16
CA THR A 63 -2.28 -7.36 5.79
C THR A 63 -2.62 -8.42 6.84
N GLY A 64 -2.31 -8.12 8.09
CA GLY A 64 -2.59 -9.05 9.17
C GLY A 64 -4.07 -9.22 9.43
N ALA A 65 -4.60 -8.44 10.37
CA ALA A 65 -6.02 -8.51 10.71
C ALA A 65 -6.64 -7.12 10.70
N THR A 66 -7.97 -7.06 10.84
CA THR A 66 -8.69 -5.81 10.86
C THR A 66 -9.27 -5.52 12.24
N GLY A 1 -22.29 7.23 -23.94
CA GLY A 1 -22.89 5.96 -24.27
C GLY A 1 -23.97 5.56 -23.28
N SER A 2 -23.57 5.04 -22.13
CA SER A 2 -24.51 4.61 -21.11
C SER A 2 -24.67 5.68 -20.03
N SER A 3 -25.81 5.67 -19.36
CA SER A 3 -26.08 6.65 -18.30
C SER A 3 -25.03 6.56 -17.20
N GLY A 4 -24.15 7.55 -17.16
CA GLY A 4 -23.10 7.57 -16.15
C GLY A 4 -23.66 7.55 -14.73
N SER A 5 -22.89 6.99 -13.81
CA SER A 5 -23.32 6.89 -12.41
C SER A 5 -22.33 7.62 -11.50
N SER A 6 -22.69 8.83 -11.09
CA SER A 6 -21.83 9.63 -10.22
C SER A 6 -21.44 8.84 -8.97
N GLY A 7 -20.14 8.71 -8.76
CA GLY A 7 -19.66 7.97 -7.60
C GLY A 7 -18.72 6.84 -7.98
N LYS A 8 -17.78 7.13 -8.88
CA LYS A 8 -16.82 6.13 -9.33
C LYS A 8 -16.34 5.27 -8.16
N LYS A 9 -16.83 4.04 -8.09
CA LYS A 9 -16.46 3.12 -7.04
C LYS A 9 -14.94 3.06 -6.88
N PRO A 10 -14.48 2.64 -5.69
CA PRO A 10 -13.06 2.53 -5.38
C PRO A 10 -12.38 1.40 -6.15
N ALA A 11 -11.23 1.70 -6.73
CA ALA A 11 -10.48 0.70 -7.49
C ALA A 11 -9.31 0.15 -6.68
N CYS A 12 -9.50 0.04 -5.38
CA CYS A 12 -8.46 -0.46 -4.49
C CYS A 12 -9.06 -1.39 -3.43
N LYS A 13 -8.18 -2.14 -2.76
CA LYS A 13 -8.62 -3.07 -1.72
C LYS A 13 -8.21 -2.57 -0.34
N PHE A 14 -6.99 -2.08 -0.23
CA PHE A 14 -6.48 -1.56 1.04
C PHE A 14 -7.43 -0.53 1.62
N GLU A 15 -7.17 -0.13 2.87
CA GLU A 15 -8.01 0.84 3.55
C GLU A 15 -7.18 2.02 4.05
N GLU A 16 -7.74 3.22 3.94
CA GLU A 16 -7.05 4.43 4.39
C GLU A 16 -7.02 4.52 5.91
N GLY A 17 -5.82 4.72 6.46
CA GLY A 17 -5.67 4.82 7.90
C GLY A 17 -5.71 3.46 8.58
N GLN A 18 -5.27 2.43 7.87
CA GLN A 18 -5.26 1.07 8.41
C GLN A 18 -3.84 0.64 8.77
N ASP A 19 -3.66 0.21 10.01
CA ASP A 19 -2.36 -0.25 10.48
C ASP A 19 -1.96 -1.57 9.83
N VAL A 20 -0.78 -1.61 9.24
CA VAL A 20 -0.30 -2.82 8.57
C VAL A 20 1.22 -2.90 8.64
N LEU A 21 1.77 -4.03 8.19
CA LEU A 21 3.21 -4.24 8.19
C LEU A 21 3.78 -4.06 6.80
N ALA A 22 4.59 -3.01 6.62
CA ALA A 22 5.20 -2.73 5.32
C ALA A 22 6.65 -3.21 5.30
N ARG A 23 7.07 -3.74 4.15
CA ARG A 23 8.44 -4.22 3.99
C ARG A 23 9.37 -3.12 3.49
N TRP A 24 10.31 -2.73 4.33
CA TRP A 24 11.26 -1.69 3.97
C TRP A 24 12.24 -2.18 2.91
N SER A 25 13.05 -1.26 2.39
CA SER A 25 14.03 -1.61 1.36
C SER A 25 14.94 -2.73 1.84
N ASP A 26 15.27 -2.71 3.12
CA ASP A 26 16.13 -3.73 3.71
C ASP A 26 15.56 -5.12 3.49
N GLY A 27 14.23 -5.21 3.42
CA GLY A 27 13.59 -6.49 3.22
C GLY A 27 12.77 -6.93 4.41
N LEU A 28 12.96 -6.24 5.53
CA LEU A 28 12.23 -6.57 6.76
C LEU A 28 10.91 -5.80 6.84
N PHE A 29 9.96 -6.33 7.59
CA PHE A 29 8.66 -5.71 7.75
C PHE A 29 8.63 -4.81 8.99
N TYR A 30 7.92 -3.70 8.88
CA TYR A 30 7.82 -2.75 9.99
C TYR A 30 6.36 -2.32 10.20
N LEU A 31 6.08 -1.80 11.39
CA LEU A 31 4.73 -1.34 11.72
C LEU A 31 4.48 0.06 11.15
N GLY A 32 3.34 0.21 10.48
CA GLY A 32 3.00 1.50 9.90
C GLY A 32 1.50 1.65 9.68
N THR A 33 1.08 2.87 9.36
CA THR A 33 -0.33 3.15 9.11
C THR A 33 -0.56 3.67 7.70
N ILE A 34 -1.49 3.04 6.99
CA ILE A 34 -1.81 3.44 5.63
C ILE A 34 -2.42 4.84 5.59
N LYS A 35 -1.93 5.67 4.67
CA LYS A 35 -2.44 7.03 4.52
C LYS A 35 -2.92 7.27 3.09
N LYS A 36 -2.28 6.61 2.13
CA LYS A 36 -2.65 6.76 0.73
C LYS A 36 -2.46 5.46 -0.03
N ILE A 37 -3.16 5.32 -1.14
CA ILE A 37 -3.06 4.12 -1.96
C ILE A 37 -2.94 4.46 -3.45
N ASN A 38 -1.79 4.15 -4.03
CA ASN A 38 -1.55 4.43 -5.44
C ASN A 38 -1.65 3.15 -6.27
N ILE A 39 -2.69 3.07 -7.10
CA ILE A 39 -2.90 1.91 -7.95
C ILE A 39 -1.92 1.89 -9.12
N LEU A 40 -1.69 3.07 -9.69
CA LEU A 40 -0.77 3.20 -10.82
C LEU A 40 0.63 2.72 -10.44
N LYS A 41 1.10 3.14 -9.29
CA LYS A 41 2.43 2.76 -8.80
C LYS A 41 2.34 1.49 -7.96
N GLN A 42 1.13 0.99 -7.76
CA GLN A 42 0.92 -0.22 -6.97
C GLN A 42 1.59 -0.10 -5.61
N SER A 43 1.46 1.07 -4.98
CA SER A 43 2.06 1.31 -3.67
C SER A 43 1.07 1.99 -2.73
N CYS A 44 1.49 2.23 -1.51
CA CYS A 44 0.64 2.87 -0.51
C CYS A 44 1.47 3.68 0.48
N PHE A 45 1.05 4.93 0.71
CA PHE A 45 1.75 5.81 1.63
C PHE A 45 1.46 5.43 3.08
N ILE A 46 2.37 4.67 3.67
CA ILE A 46 2.21 4.23 5.06
C ILE A 46 3.24 4.91 5.96
N ILE A 47 2.81 5.27 7.17
CA ILE A 47 3.69 5.92 8.13
C ILE A 47 4.18 4.93 9.17
N PHE A 48 5.46 4.60 9.12
CA PHE A 48 6.06 3.67 10.07
C PHE A 48 6.22 4.32 11.45
N GLU A 49 6.22 3.50 12.49
CA GLU A 49 6.36 4.00 13.85
C GLU A 49 7.48 5.03 13.94
N ASP A 50 8.40 4.98 12.98
CA ASP A 50 9.52 5.91 12.95
C ASP A 50 9.10 7.24 12.33
N SER A 51 7.79 7.47 12.26
CA SER A 51 7.27 8.71 11.69
C SER A 51 7.84 8.94 10.30
N SER A 52 8.22 7.86 9.63
CA SER A 52 8.78 7.95 8.29
C SER A 52 7.77 7.50 7.24
N LYS A 53 7.53 8.36 6.25
CA LYS A 53 6.58 8.05 5.19
C LYS A 53 7.30 7.48 3.97
N SER A 54 6.83 6.32 3.51
CA SER A 54 7.43 5.67 2.34
C SER A 54 6.38 4.87 1.58
N TRP A 55 6.40 5.00 0.25
CA TRP A 55 5.45 4.30 -0.60
C TRP A 55 5.77 2.80 -0.65
N VAL A 56 5.02 2.01 0.09
CA VAL A 56 5.22 0.57 0.13
C VAL A 56 4.46 -0.13 -0.99
N LEU A 57 5.11 -1.09 -1.64
CA LEU A 57 4.50 -1.83 -2.74
C LEU A 57 3.38 -2.72 -2.22
N TRP A 58 2.27 -2.77 -2.96
CA TRP A 58 1.13 -3.58 -2.58
C TRP A 58 1.57 -5.00 -2.19
N LYS A 59 2.66 -5.45 -2.79
CA LYS A 59 3.19 -6.78 -2.51
C LYS A 59 4.02 -6.78 -1.23
N ASP A 60 4.61 -5.63 -0.92
CA ASP A 60 5.43 -5.48 0.28
C ASP A 60 4.57 -5.15 1.49
N ILE A 61 3.33 -4.76 1.23
CA ILE A 61 2.40 -4.40 2.30
C ILE A 61 1.61 -5.61 2.78
N GLN A 62 1.90 -6.06 3.99
CA GLN A 62 1.23 -7.22 4.56
C GLN A 62 -0.10 -6.81 5.19
N THR A 63 -1.17 -7.51 4.82
CA THR A 63 -2.49 -7.22 5.35
C THR A 63 -2.85 -8.19 6.48
N GLY A 64 -2.70 -7.73 7.73
CA GLY A 64 -3.01 -8.56 8.87
C GLY A 64 -4.50 -8.79 9.03
N ALA A 65 -4.98 -9.93 8.57
CA ALA A 65 -6.40 -10.27 8.67
C ALA A 65 -6.61 -11.77 8.68
N THR A 66 -7.81 -12.19 9.07
CA THR A 66 -8.14 -13.61 9.14
C THR A 66 -7.60 -14.36 7.92
N GLY A 1 -1.28 0.49 -28.62
CA GLY A 1 -1.86 -0.74 -29.11
C GLY A 1 -3.21 -1.03 -28.51
N SER A 2 -3.74 -2.22 -28.77
CA SER A 2 -5.04 -2.62 -28.26
C SER A 2 -4.96 -4.01 -27.61
N SER A 3 -5.53 -4.11 -26.40
CA SER A 3 -5.52 -5.37 -25.67
C SER A 3 -6.95 -5.89 -25.48
N GLY A 4 -7.41 -6.68 -26.45
CA GLY A 4 -8.75 -7.23 -26.37
C GLY A 4 -9.82 -6.15 -26.21
N SER A 5 -10.91 -6.50 -25.55
CA SER A 5 -12.00 -5.57 -25.33
C SER A 5 -11.89 -4.89 -23.97
N SER A 6 -11.47 -3.63 -23.97
CA SER A 6 -11.31 -2.88 -22.73
C SER A 6 -12.60 -2.89 -21.92
N GLY A 7 -12.46 -2.78 -20.61
CA GLY A 7 -13.62 -2.79 -19.73
C GLY A 7 -13.25 -3.10 -18.29
N LYS A 8 -12.36 -2.30 -17.71
CA LYS A 8 -11.93 -2.50 -16.33
C LYS A 8 -11.59 -1.17 -15.68
N LYS A 9 -12.40 -0.77 -14.71
CA LYS A 9 -12.18 0.48 -13.99
C LYS A 9 -11.24 0.29 -12.81
N PRO A 10 -10.41 1.31 -12.53
CA PRO A 10 -9.44 1.26 -11.43
C PRO A 10 -10.12 1.31 -10.07
N ALA A 11 -9.58 0.55 -9.12
CA ALA A 11 -10.13 0.51 -7.76
C ALA A 11 -9.19 -0.22 -6.81
N CYS A 12 -8.77 0.48 -5.76
CA CYS A 12 -7.87 -0.11 -4.77
C CYS A 12 -8.60 -1.10 -3.88
N LYS A 13 -7.86 -1.79 -3.02
CA LYS A 13 -8.44 -2.77 -2.12
C LYS A 13 -8.10 -2.44 -0.67
N PHE A 14 -6.98 -1.76 -0.47
CA PHE A 14 -6.54 -1.38 0.88
C PHE A 14 -7.49 -0.34 1.48
N GLU A 15 -7.33 -0.09 2.77
CA GLU A 15 -8.17 0.88 3.48
C GLU A 15 -7.33 2.04 3.99
N GLU A 16 -7.89 3.24 3.90
CA GLU A 16 -7.19 4.44 4.36
C GLU A 16 -7.20 4.53 5.88
N GLY A 17 -6.02 4.59 6.47
CA GLY A 17 -5.91 4.68 7.92
C GLY A 17 -5.88 3.30 8.57
N GLN A 18 -5.51 2.29 7.80
CA GLN A 18 -5.45 0.93 8.32
C GLN A 18 -4.00 0.53 8.63
N ASP A 19 -3.77 0.12 9.87
CA ASP A 19 -2.43 -0.28 10.31
C ASP A 19 -2.03 -1.61 9.64
N VAL A 20 -0.79 -1.67 9.18
CA VAL A 20 -0.28 -2.88 8.54
C VAL A 20 1.24 -2.94 8.61
N LEU A 21 1.80 -4.08 8.20
CA LEU A 21 3.25 -4.27 8.21
C LEU A 21 3.83 -4.05 6.82
N ALA A 22 4.62 -2.98 6.67
CA ALA A 22 5.25 -2.67 5.39
C ALA A 22 6.70 -3.13 5.37
N ARG A 23 7.13 -3.68 4.25
CA ARG A 23 8.49 -4.17 4.09
C ARG A 23 9.41 -3.06 3.59
N TRP A 24 10.35 -2.64 4.43
CA TRP A 24 11.29 -1.59 4.06
C TRP A 24 12.27 -2.06 3.00
N SER A 25 13.08 -1.15 2.48
CA SER A 25 14.06 -1.48 1.46
C SER A 25 14.99 -2.60 1.93
N ASP A 26 15.27 -2.62 3.24
CA ASP A 26 16.13 -3.63 3.82
C ASP A 26 15.56 -5.03 3.61
N GLY A 27 14.24 -5.11 3.48
CA GLY A 27 13.58 -6.39 3.28
C GLY A 27 12.78 -6.83 4.48
N LEU A 28 12.97 -6.14 5.61
CA LEU A 28 12.25 -6.46 6.84
C LEU A 28 10.93 -5.72 6.91
N PHE A 29 9.98 -6.28 7.67
CA PHE A 29 8.66 -5.66 7.82
C PHE A 29 8.62 -4.79 9.07
N TYR A 30 7.93 -3.66 8.96
CA TYR A 30 7.81 -2.73 10.07
C TYR A 30 6.35 -2.30 10.27
N LEU A 31 6.06 -1.77 11.44
CA LEU A 31 4.70 -1.32 11.76
C LEU A 31 4.43 0.06 11.16
N GLY A 32 3.32 0.16 10.43
CA GLY A 32 2.97 1.43 9.81
C GLY A 32 1.48 1.56 9.59
N THR A 33 1.04 2.77 9.26
CA THR A 33 -0.37 3.04 9.03
C THR A 33 -0.62 3.56 7.62
N ILE A 34 -1.56 2.96 6.92
CA ILE A 34 -1.89 3.36 5.56
C ILE A 34 -2.42 4.79 5.52
N LYS A 35 -1.78 5.65 4.73
CA LYS A 35 -2.19 7.04 4.61
C LYS A 35 -2.74 7.31 3.21
N LYS A 36 -2.13 6.71 2.21
CA LYS A 36 -2.57 6.89 0.83
C LYS A 36 -2.51 5.57 0.06
N ILE A 37 -3.12 5.54 -1.12
CA ILE A 37 -3.15 4.36 -1.95
C ILE A 37 -2.98 4.71 -3.42
N ASN A 38 -1.96 4.12 -4.05
CA ASN A 38 -1.70 4.38 -5.47
C ASN A 38 -1.82 3.09 -6.28
N ILE A 39 -2.73 3.10 -7.25
CA ILE A 39 -2.95 1.95 -8.10
C ILE A 39 -1.99 1.94 -9.28
N LEU A 40 -1.68 3.12 -9.79
CA LEU A 40 -0.77 3.26 -10.93
C LEU A 40 0.60 2.69 -10.60
N LYS A 41 1.09 2.99 -9.40
CA LYS A 41 2.39 2.51 -8.95
C LYS A 41 2.23 1.32 -8.01
N GLN A 42 0.99 0.88 -7.82
CA GLN A 42 0.71 -0.25 -6.94
C GLN A 42 1.43 -0.10 -5.61
N SER A 43 1.34 1.09 -5.02
CA SER A 43 1.99 1.36 -3.74
C SER A 43 1.02 2.01 -2.76
N CYS A 44 1.49 2.25 -1.54
CA CYS A 44 0.66 2.86 -0.52
C CYS A 44 1.51 3.67 0.46
N PHE A 45 1.11 4.92 0.69
CA PHE A 45 1.85 5.80 1.59
C PHE A 45 1.55 5.44 3.04
N ILE A 46 2.41 4.60 3.63
CA ILE A 46 2.23 4.19 5.02
C ILE A 46 3.25 4.88 5.92
N ILE A 47 2.81 5.25 7.12
CA ILE A 47 3.67 5.92 8.08
C ILE A 47 4.16 4.94 9.16
N PHE A 48 5.45 4.61 9.11
CA PHE A 48 6.03 3.68 10.07
C PHE A 48 6.19 4.35 11.44
N GLU A 49 6.14 3.54 12.48
CA GLU A 49 6.26 4.05 13.84
C GLU A 49 7.41 5.06 13.94
N ASP A 50 8.34 4.97 13.01
CA ASP A 50 9.49 5.88 12.98
C ASP A 50 9.10 7.22 12.38
N SER A 51 7.80 7.46 12.26
CA SER A 51 7.30 8.71 11.69
C SER A 51 7.87 8.95 10.29
N SER A 52 8.24 7.85 9.64
CA SER A 52 8.80 7.94 8.30
C SER A 52 7.79 7.48 7.25
N LYS A 53 7.54 8.34 6.25
CA LYS A 53 6.60 8.02 5.20
C LYS A 53 7.31 7.44 3.98
N SER A 54 6.81 6.30 3.49
CA SER A 54 7.40 5.64 2.33
C SER A 54 6.35 4.86 1.56
N TRP A 55 6.39 4.97 0.24
CA TRP A 55 5.43 4.28 -0.61
C TRP A 55 5.76 2.80 -0.70
N VAL A 56 5.02 1.99 0.05
CA VAL A 56 5.23 0.54 0.06
C VAL A 56 4.43 -0.14 -1.04
N LEU A 57 5.05 -1.11 -1.71
CA LEU A 57 4.39 -1.84 -2.78
C LEU A 57 3.26 -2.71 -2.24
N TRP A 58 2.16 -2.79 -2.99
CA TRP A 58 1.01 -3.59 -2.58
C TRP A 58 1.45 -5.00 -2.20
N LYS A 59 2.61 -5.41 -2.70
CA LYS A 59 3.13 -6.75 -2.41
C LYS A 59 3.98 -6.73 -1.14
N ASP A 60 4.60 -5.59 -0.86
CA ASP A 60 5.44 -5.44 0.32
C ASP A 60 4.60 -5.06 1.53
N ILE A 61 3.33 -4.78 1.30
CA ILE A 61 2.42 -4.40 2.39
C ILE A 61 1.63 -5.60 2.89
N GLN A 62 1.99 -6.08 4.08
CA GLN A 62 1.32 -7.22 4.67
C GLN A 62 0.04 -6.79 5.39
N THR A 63 -1.09 -7.31 4.93
CA THR A 63 -2.37 -6.98 5.53
C THR A 63 -2.69 -7.90 6.70
N GLY A 64 -2.48 -7.39 7.91
CA GLY A 64 -2.74 -8.18 9.11
C GLY A 64 -4.03 -7.77 9.80
N ALA A 65 -4.70 -8.73 10.42
CA ALA A 65 -5.94 -8.46 11.12
C ALA A 65 -5.84 -8.84 12.59
N THR A 66 -6.48 -8.06 13.45
CA THR A 66 -6.46 -8.30 14.88
C THR A 66 -7.35 -9.48 15.26
N GLY A 1 8.96 4.10 -15.71
CA GLY A 1 8.29 3.36 -16.77
C GLY A 1 6.80 3.69 -16.85
N SER A 2 6.49 4.87 -17.39
CA SER A 2 5.10 5.30 -17.52
C SER A 2 4.20 4.11 -17.87
N SER A 3 3.29 3.78 -16.96
CA SER A 3 2.37 2.67 -17.18
C SER A 3 0.92 3.14 -17.08
N GLY A 4 0.32 3.41 -18.24
CA GLY A 4 -1.06 3.86 -18.27
C GLY A 4 -1.71 3.63 -19.62
N SER A 5 -2.50 4.62 -20.06
CA SER A 5 -3.19 4.52 -21.34
C SER A 5 -3.96 3.21 -21.45
N SER A 6 -4.63 2.84 -20.36
CA SER A 6 -5.40 1.61 -20.32
C SER A 6 -6.90 1.91 -20.32
N GLY A 7 -7.31 2.82 -19.43
CA GLY A 7 -8.72 3.19 -19.34
C GLY A 7 -9.40 2.54 -18.15
N LYS A 8 -10.52 1.86 -18.41
CA LYS A 8 -11.27 1.20 -17.35
C LYS A 8 -10.34 0.40 -16.44
N LYS A 9 -10.01 0.98 -15.30
CA LYS A 9 -9.13 0.33 -14.33
C LYS A 9 -9.90 -0.11 -13.09
N PRO A 10 -9.39 -1.13 -12.39
CA PRO A 10 -10.02 -1.65 -11.18
C PRO A 10 -9.92 -0.67 -10.01
N ALA A 11 -10.40 -1.10 -8.84
CA ALA A 11 -10.36 -0.27 -7.65
C ALA A 11 -9.36 -0.81 -6.63
N CYS A 12 -9.02 0.02 -5.65
CA CYS A 12 -8.07 -0.39 -4.61
C CYS A 12 -8.68 -1.44 -3.70
N LYS A 13 -7.89 -1.90 -2.73
CA LYS A 13 -8.35 -2.92 -1.78
C LYS A 13 -7.99 -2.52 -0.35
N PHE A 14 -6.84 -1.90 -0.18
CA PHE A 14 -6.39 -1.47 1.14
C PHE A 14 -7.34 -0.44 1.73
N GLU A 15 -7.13 -0.10 3.00
CA GLU A 15 -7.97 0.86 3.69
C GLU A 15 -7.14 2.04 4.20
N GLU A 16 -7.73 3.23 4.18
CA GLU A 16 -7.05 4.43 4.65
C GLU A 16 -6.97 4.46 6.17
N GLY A 17 -5.78 4.69 6.70
CA GLY A 17 -5.60 4.74 8.14
C GLY A 17 -5.60 3.36 8.76
N GLN A 18 -5.18 2.37 8.00
CA GLN A 18 -5.15 0.99 8.49
C GLN A 18 -3.72 0.57 8.84
N ASP A 19 -3.51 0.20 10.11
CA ASP A 19 -2.20 -0.22 10.57
C ASP A 19 -1.82 -1.56 9.96
N VAL A 20 -0.71 -1.59 9.22
CA VAL A 20 -0.24 -2.80 8.59
C VAL A 20 1.28 -2.91 8.66
N LEU A 21 1.82 -4.01 8.14
CA LEU A 21 3.26 -4.23 8.15
C LEU A 21 3.85 -4.03 6.75
N ALA A 22 4.66 -2.99 6.60
CA ALA A 22 5.29 -2.68 5.32
C ALA A 22 6.74 -3.15 5.30
N ARG A 23 7.17 -3.65 4.15
CA ARG A 23 8.54 -4.13 3.99
C ARG A 23 9.46 -3.02 3.52
N TRP A 24 10.38 -2.60 4.39
CA TRP A 24 11.32 -1.54 4.07
C TRP A 24 12.33 -2.01 3.03
N SER A 25 13.17 -1.10 2.55
CA SER A 25 14.18 -1.42 1.55
C SER A 25 15.11 -2.52 2.06
N ASP A 26 15.31 -2.54 3.38
CA ASP A 26 16.19 -3.54 3.99
C ASP A 26 15.63 -4.95 3.78
N GLY A 27 14.32 -5.04 3.60
CA GLY A 27 13.68 -6.33 3.39
C GLY A 27 12.84 -6.76 4.58
N LEU A 28 13.02 -6.07 5.71
CA LEU A 28 12.28 -6.40 6.92
C LEU A 28 10.93 -5.67 6.95
N PHE A 29 9.98 -6.22 7.70
CA PHE A 29 8.66 -5.63 7.82
C PHE A 29 8.54 -4.79 9.08
N TYR A 30 8.00 -3.60 8.95
CA TYR A 30 7.82 -2.70 10.10
C TYR A 30 6.36 -2.30 10.26
N LEU A 31 6.03 -1.79 11.44
CA LEU A 31 4.66 -1.37 11.74
C LEU A 31 4.39 0.03 11.19
N GLY A 32 3.28 0.19 10.48
CA GLY A 32 2.94 1.47 9.92
C GLY A 32 1.45 1.63 9.69
N THR A 33 1.03 2.83 9.33
CA THR A 33 -0.38 3.11 9.07
C THR A 33 -0.60 3.63 7.66
N ILE A 34 -1.56 3.04 6.95
CA ILE A 34 -1.86 3.45 5.58
C ILE A 34 -2.41 4.87 5.55
N LYS A 35 -1.89 5.67 4.62
CA LYS A 35 -2.32 7.06 4.48
C LYS A 35 -2.82 7.33 3.07
N LYS A 36 -2.18 6.69 2.09
CA LYS A 36 -2.57 6.87 0.69
C LYS A 36 -2.41 5.56 -0.08
N ILE A 37 -3.19 5.40 -1.15
CA ILE A 37 -3.13 4.20 -1.96
C ILE A 37 -3.02 4.55 -3.45
N ASN A 38 -1.88 4.21 -4.05
CA ASN A 38 -1.65 4.49 -5.46
C ASN A 38 -1.80 3.22 -6.29
N ILE A 39 -2.68 3.28 -7.29
CA ILE A 39 -2.92 2.15 -8.17
C ILE A 39 -1.93 2.12 -9.32
N LEU A 40 -1.61 3.30 -9.84
CA LEU A 40 -0.67 3.43 -10.95
C LEU A 40 0.67 2.79 -10.61
N LYS A 41 1.21 3.15 -9.45
CA LYS A 41 2.49 2.62 -9.00
C LYS A 41 2.28 1.39 -8.11
N GLN A 42 1.03 1.03 -7.89
CA GLN A 42 0.70 -0.12 -7.06
C GLN A 42 1.39 -0.03 -5.70
N SER A 43 1.33 1.15 -5.10
CA SER A 43 1.97 1.37 -3.81
C SER A 43 0.99 2.01 -2.82
N CYS A 44 1.46 2.24 -1.60
CA CYS A 44 0.62 2.86 -0.57
C CYS A 44 1.47 3.65 0.41
N PHE A 45 1.07 4.90 0.65
CA PHE A 45 1.80 5.76 1.56
C PHE A 45 1.49 5.41 3.02
N ILE A 46 2.37 4.63 3.62
CA ILE A 46 2.20 4.21 5.02
C ILE A 46 3.20 4.90 5.93
N ILE A 47 2.78 5.19 7.15
CA ILE A 47 3.65 5.84 8.13
C ILE A 47 4.11 4.86 9.19
N PHE A 48 5.42 4.59 9.21
CA PHE A 48 5.99 3.66 10.17
C PHE A 48 6.16 4.33 11.53
N GLU A 49 6.13 3.53 12.59
CA GLU A 49 6.27 4.04 13.95
C GLU A 49 7.41 5.05 14.03
N ASP A 50 8.34 4.97 13.08
CA ASP A 50 9.48 5.88 13.05
C ASP A 50 9.09 7.22 12.42
N SER A 51 7.79 7.47 12.34
CA SER A 51 7.29 8.71 11.75
C SER A 51 7.87 8.93 10.35
N SER A 52 8.20 7.83 9.69
CA SER A 52 8.77 7.90 8.34
C SER A 52 7.75 7.44 7.30
N LYS A 53 7.51 8.28 6.31
CA LYS A 53 6.57 7.97 5.24
C LYS A 53 7.28 7.38 4.03
N SER A 54 6.83 6.21 3.59
CA SER A 54 7.44 5.55 2.44
C SER A 54 6.38 4.80 1.64
N TRP A 55 6.44 4.94 0.31
CA TRP A 55 5.49 4.28 -0.57
C TRP A 55 5.81 2.79 -0.70
N VAL A 56 5.05 1.96 0.02
CA VAL A 56 5.25 0.52 -0.01
C VAL A 56 4.47 -0.12 -1.14
N LEU A 57 5.00 -1.20 -1.69
CA LEU A 57 4.35 -1.90 -2.79
C LEU A 57 3.21 -2.77 -2.27
N TRP A 58 2.12 -2.81 -3.03
CA TRP A 58 0.96 -3.60 -2.66
C TRP A 58 1.36 -5.02 -2.26
N LYS A 59 2.47 -5.49 -2.82
CA LYS A 59 2.96 -6.83 -2.51
C LYS A 59 3.85 -6.81 -1.27
N ASP A 60 4.46 -5.66 -1.00
CA ASP A 60 5.33 -5.50 0.16
C ASP A 60 4.52 -5.15 1.40
N ILE A 61 3.26 -4.78 1.20
CA ILE A 61 2.37 -4.42 2.30
C ILE A 61 1.61 -5.64 2.82
N GLN A 62 1.96 -6.07 4.02
CA GLN A 62 1.30 -7.23 4.63
C GLN A 62 0.00 -6.82 5.31
N THR A 63 -1.05 -7.60 5.08
CA THR A 63 -2.36 -7.32 5.67
C THR A 63 -2.69 -8.32 6.77
N GLY A 64 -2.51 -7.91 8.02
CA GLY A 64 -2.80 -8.78 9.14
C GLY A 64 -4.27 -9.12 9.24
N ALA A 65 -4.65 -10.28 8.68
CA ALA A 65 -6.03 -10.73 8.71
C ALA A 65 -6.12 -12.18 9.15
N THR A 66 -7.14 -12.48 9.96
CA THR A 66 -7.34 -13.84 10.46
C THR A 66 -8.60 -14.45 9.87
N GLY A 1 -0.14 13.81 -29.73
CA GLY A 1 -1.53 13.47 -29.54
C GLY A 1 -1.86 12.07 -30.02
N SER A 2 -2.80 11.41 -29.33
CA SER A 2 -3.20 10.07 -29.68
C SER A 2 -4.43 9.64 -28.89
N SER A 3 -5.19 8.70 -29.44
CA SER A 3 -6.39 8.19 -28.79
C SER A 3 -6.04 7.26 -27.64
N GLY A 4 -5.79 7.83 -26.47
CA GLY A 4 -5.44 7.03 -25.31
C GLY A 4 -6.39 5.88 -25.10
N SER A 5 -5.94 4.67 -25.43
CA SER A 5 -6.76 3.47 -25.28
C SER A 5 -6.93 3.11 -23.81
N SER A 6 -8.02 3.56 -23.22
CA SER A 6 -8.31 3.29 -21.82
C SER A 6 -9.73 3.71 -21.46
N GLY A 7 -10.25 3.13 -20.38
CA GLY A 7 -11.60 3.45 -19.94
C GLY A 7 -11.72 3.51 -18.43
N LYS A 8 -12.84 3.03 -17.91
CA LYS A 8 -13.08 3.03 -16.48
C LYS A 8 -11.79 2.78 -15.70
N LYS A 9 -11.48 3.68 -14.77
CA LYS A 9 -10.28 3.56 -13.97
C LYS A 9 -10.39 2.41 -12.97
N PRO A 10 -9.25 1.83 -12.60
CA PRO A 10 -9.19 0.70 -11.66
C PRO A 10 -9.56 1.12 -10.24
N ALA A 11 -9.43 0.20 -9.30
CA ALA A 11 -9.74 0.47 -7.89
C ALA A 11 -8.71 -0.17 -6.97
N CYS A 12 -8.84 0.11 -5.67
CA CYS A 12 -7.93 -0.45 -4.68
C CYS A 12 -8.68 -1.30 -3.67
N LYS A 13 -7.93 -2.08 -2.88
CA LYS A 13 -8.53 -2.95 -1.87
C LYS A 13 -8.15 -2.46 -0.47
N PHE A 14 -6.93 -1.98 -0.32
CA PHE A 14 -6.46 -1.48 0.98
C PHE A 14 -7.40 -0.43 1.53
N GLU A 15 -7.13 0.03 2.75
CA GLU A 15 -7.95 1.04 3.40
C GLU A 15 -7.10 2.19 3.90
N GLU A 16 -7.71 3.37 3.98
CA GLU A 16 -7.00 4.56 4.45
C GLU A 16 -7.02 4.64 5.98
N GLY A 17 -5.84 4.69 6.57
CA GLY A 17 -5.74 4.77 8.02
C GLY A 17 -5.74 3.40 8.68
N GLN A 18 -5.39 2.38 7.91
CA GLN A 18 -5.36 1.01 8.42
C GLN A 18 -3.93 0.58 8.74
N ASP A 19 -3.70 0.18 9.98
CA ASP A 19 -2.38 -0.26 10.42
C ASP A 19 -2.00 -1.58 9.77
N VAL A 20 -0.81 -1.62 9.18
CA VAL A 20 -0.32 -2.82 8.52
C VAL A 20 1.21 -2.92 8.60
N LEU A 21 1.74 -4.03 8.11
CA LEU A 21 3.19 -4.25 8.13
C LEU A 21 3.79 -4.06 6.74
N ALA A 22 4.61 -3.03 6.59
CA ALA A 22 5.26 -2.74 5.32
C ALA A 22 6.71 -3.22 5.31
N ARG A 23 7.16 -3.69 4.16
CA ARG A 23 8.54 -4.17 4.02
C ARG A 23 9.47 -3.06 3.54
N TRP A 24 10.40 -2.66 4.39
CA TRP A 24 11.35 -1.60 4.05
C TRP A 24 12.35 -2.09 3.01
N SER A 25 13.17 -1.17 2.52
CA SER A 25 14.17 -1.50 1.52
C SER A 25 15.09 -2.61 2.01
N ASP A 26 15.34 -2.63 3.33
CA ASP A 26 16.20 -3.63 3.93
C ASP A 26 15.63 -5.03 3.71
N GLY A 27 14.32 -5.12 3.57
CA GLY A 27 13.68 -6.41 3.36
C GLY A 27 12.88 -6.85 4.55
N LEU A 28 13.00 -6.14 5.66
CA LEU A 28 12.27 -6.47 6.88
C LEU A 28 10.95 -5.73 6.94
N PHE A 29 10.00 -6.27 7.70
CA PHE A 29 8.68 -5.66 7.84
C PHE A 29 8.62 -4.80 9.09
N TYR A 30 7.99 -3.63 8.97
CA TYR A 30 7.85 -2.71 10.09
C TYR A 30 6.40 -2.28 10.27
N LEU A 31 6.09 -1.74 11.45
CA LEU A 31 4.74 -1.29 11.75
C LEU A 31 4.48 0.08 11.15
N GLY A 32 3.31 0.25 10.54
CA GLY A 32 2.97 1.53 9.93
C GLY A 32 1.48 1.66 9.70
N THR A 33 1.04 2.88 9.38
CA THR A 33 -0.38 3.14 9.12
C THR A 33 -0.59 3.67 7.70
N ILE A 34 -1.54 3.06 7.00
CA ILE A 34 -1.85 3.46 5.63
C ILE A 34 -2.44 4.87 5.60
N LYS A 35 -1.95 5.70 4.69
CA LYS A 35 -2.43 7.07 4.54
C LYS A 35 -2.94 7.31 3.13
N LYS A 36 -2.33 6.66 2.15
CA LYS A 36 -2.73 6.81 0.76
C LYS A 36 -2.58 5.49 0.00
N ILE A 37 -3.22 5.40 -1.16
CA ILE A 37 -3.17 4.19 -1.97
C ILE A 37 -3.01 4.54 -3.45
N ASN A 38 -1.85 4.19 -4.00
CA ASN A 38 -1.56 4.47 -5.40
C ASN A 38 -1.69 3.20 -6.24
N ILE A 39 -2.57 3.24 -7.24
CA ILE A 39 -2.79 2.10 -8.12
C ILE A 39 -1.82 2.11 -9.29
N LEU A 40 -1.48 3.31 -9.76
CA LEU A 40 -0.56 3.45 -10.87
C LEU A 40 0.82 2.88 -10.53
N LYS A 41 1.31 3.23 -9.34
CA LYS A 41 2.61 2.75 -8.89
C LYS A 41 2.46 1.47 -8.06
N GLN A 42 1.23 1.10 -7.77
CA GLN A 42 0.95 -0.10 -7.00
C GLN A 42 1.61 -0.02 -5.62
N SER A 43 1.50 1.14 -4.98
CA SER A 43 2.09 1.35 -3.66
C SER A 43 1.09 2.03 -2.72
N CYS A 44 1.49 2.20 -1.48
CA CYS A 44 0.64 2.84 -0.48
C CYS A 44 1.47 3.67 0.48
N PHE A 45 1.03 4.91 0.70
CA PHE A 45 1.72 5.82 1.61
C PHE A 45 1.45 5.47 3.06
N ILE A 46 2.36 4.72 3.67
CA ILE A 46 2.21 4.31 5.06
C ILE A 46 3.24 4.99 5.94
N ILE A 47 2.83 5.35 7.15
CA ILE A 47 3.72 6.02 8.09
C ILE A 47 4.19 5.06 9.18
N PHE A 48 5.46 4.69 9.14
CA PHE A 48 6.03 3.77 10.12
C PHE A 48 6.17 4.45 11.48
N GLU A 49 6.13 3.64 12.54
CA GLU A 49 6.24 4.16 13.90
C GLU A 49 7.39 5.17 13.99
N ASP A 50 8.32 5.09 13.06
CA ASP A 50 9.47 5.99 13.03
C ASP A 50 9.10 7.32 12.39
N SER A 51 7.80 7.58 12.27
CA SER A 51 7.32 8.81 11.67
C SER A 51 7.94 9.02 10.29
N SER A 52 8.25 7.92 9.61
CA SER A 52 8.84 7.98 8.29
C SER A 52 7.89 7.45 7.23
N LYS A 53 7.55 8.29 6.27
CA LYS A 53 6.63 7.91 5.19
C LYS A 53 7.39 7.25 4.04
N SER A 54 6.86 6.14 3.55
CA SER A 54 7.48 5.41 2.46
C SER A 54 6.43 4.63 1.65
N TRP A 55 6.39 4.89 0.35
CA TRP A 55 5.44 4.22 -0.52
C TRP A 55 5.76 2.73 -0.65
N VAL A 56 5.01 1.91 0.07
CA VAL A 56 5.23 0.46 0.04
C VAL A 56 4.40 -0.19 -1.06
N LEU A 57 5.02 -1.13 -1.78
CA LEU A 57 4.35 -1.83 -2.86
C LEU A 57 3.24 -2.73 -2.32
N TRP A 58 2.12 -2.77 -3.04
CA TRP A 58 0.99 -3.60 -2.64
C TRP A 58 1.43 -5.01 -2.28
N LYS A 59 2.48 -5.48 -2.96
CA LYS A 59 3.00 -6.82 -2.71
C LYS A 59 3.90 -6.84 -1.49
N ASP A 60 4.48 -5.67 -1.17
CA ASP A 60 5.35 -5.56 0.00
C ASP A 60 4.56 -5.22 1.26
N ILE A 61 3.30 -4.83 1.06
CA ILE A 61 2.44 -4.48 2.19
C ILE A 61 1.67 -5.70 2.69
N GLN A 62 2.01 -6.15 3.90
CA GLN A 62 1.35 -7.30 4.49
C GLN A 62 0.06 -6.90 5.20
N THR A 63 -0.99 -7.69 4.99
CA THR A 63 -2.29 -7.41 5.61
C THR A 63 -2.63 -8.44 6.68
N GLY A 64 -2.32 -8.11 7.93
CA GLY A 64 -2.60 -9.02 9.02
C GLY A 64 -3.94 -9.72 8.87
N ALA A 65 -5.00 -9.05 9.28
CA ALA A 65 -6.35 -9.61 9.19
C ALA A 65 -7.34 -8.57 8.68
N THR A 66 -8.36 -9.04 7.95
CA THR A 66 -9.37 -8.16 7.40
C THR A 66 -10.38 -7.75 8.46
N GLY A 1 -14.34 -8.20 -26.01
CA GLY A 1 -15.57 -7.74 -25.38
C GLY A 1 -15.63 -8.11 -23.90
N SER A 2 -16.32 -9.19 -23.59
CA SER A 2 -16.45 -9.64 -22.21
C SER A 2 -15.40 -10.69 -21.86
N SER A 3 -15.32 -11.73 -22.69
CA SER A 3 -14.35 -12.80 -22.48
C SER A 3 -13.01 -12.45 -23.09
N GLY A 4 -11.93 -12.71 -22.35
CA GLY A 4 -10.60 -12.42 -22.84
C GLY A 4 -9.87 -11.43 -21.96
N SER A 5 -8.56 -11.34 -22.15
CA SER A 5 -7.74 -10.42 -21.36
C SER A 5 -7.87 -8.99 -21.88
N SER A 6 -8.54 -8.14 -21.12
CA SER A 6 -8.74 -6.75 -21.50
C SER A 6 -7.96 -5.81 -20.58
N GLY A 7 -6.73 -6.20 -20.26
CA GLY A 7 -5.90 -5.39 -19.38
C GLY A 7 -6.33 -5.48 -17.93
N LYS A 8 -6.12 -4.39 -17.18
CA LYS A 8 -6.48 -4.35 -15.77
C LYS A 8 -7.34 -3.12 -15.47
N LYS A 9 -8.15 -3.21 -14.42
CA LYS A 9 -9.02 -2.11 -14.02
C LYS A 9 -8.52 -1.47 -12.73
N PRO A 10 -8.66 -0.14 -12.64
CA PRO A 10 -8.23 0.62 -11.45
C PRO A 10 -9.10 0.35 -10.24
N ALA A 11 -8.56 -0.38 -9.27
CA ALA A 11 -9.29 -0.71 -8.06
C ALA A 11 -8.34 -0.94 -6.88
N CYS A 12 -8.84 -0.73 -5.67
CA CYS A 12 -8.04 -0.90 -4.47
C CYS A 12 -8.87 -1.53 -3.35
N LYS A 13 -8.23 -2.40 -2.58
CA LYS A 13 -8.90 -3.08 -1.47
C LYS A 13 -8.40 -2.55 -0.13
N PHE A 14 -7.18 -2.05 -0.12
CA PHE A 14 -6.59 -1.51 1.10
C PHE A 14 -7.52 -0.49 1.76
N GLU A 15 -7.20 -0.12 2.99
CA GLU A 15 -8.02 0.84 3.74
C GLU A 15 -7.17 2.01 4.23
N GLU A 16 -7.72 3.21 4.15
CA GLU A 16 -7.02 4.41 4.58
C GLU A 16 -6.93 4.48 6.10
N GLY A 17 -5.73 4.78 6.61
CA GLY A 17 -5.54 4.87 8.04
C GLY A 17 -5.56 3.51 8.71
N GLN A 18 -5.23 2.46 7.95
CA GLN A 18 -5.22 1.11 8.48
C GLN A 18 -3.80 0.66 8.81
N ASP A 19 -3.60 0.20 10.04
CA ASP A 19 -2.30 -0.26 10.48
C ASP A 19 -1.92 -1.57 9.79
N VAL A 20 -0.69 -1.63 9.27
CA VAL A 20 -0.21 -2.82 8.58
C VAL A 20 1.31 -2.91 8.64
N LEU A 21 1.85 -4.04 8.19
CA LEU A 21 3.29 -4.26 8.19
C LEU A 21 3.86 -4.07 6.79
N ALA A 22 4.68 -3.03 6.63
CA ALA A 22 5.30 -2.74 5.34
C ALA A 22 6.76 -3.20 5.32
N ARG A 23 7.20 -3.68 4.16
CA ARG A 23 8.57 -4.16 4.01
C ARG A 23 9.50 -3.04 3.54
N TRP A 24 10.40 -2.61 4.41
CA TRP A 24 11.33 -1.54 4.08
C TRP A 24 12.36 -2.02 3.05
N SER A 25 13.16 -1.08 2.56
CA SER A 25 14.18 -1.40 1.56
C SER A 25 15.11 -2.50 2.06
N ASP A 26 15.29 -2.56 3.38
CA ASP A 26 16.16 -3.56 3.98
C ASP A 26 15.58 -4.97 3.77
N GLY A 27 14.27 -5.05 3.61
CA GLY A 27 13.62 -6.33 3.40
C GLY A 27 12.79 -6.76 4.59
N LEU A 28 13.00 -6.09 5.72
CA LEU A 28 12.26 -6.42 6.95
C LEU A 28 10.91 -5.70 6.97
N PHE A 29 9.98 -6.23 7.74
CA PHE A 29 8.65 -5.63 7.86
C PHE A 29 8.54 -4.80 9.13
N TYR A 30 8.00 -3.59 8.98
CA TYR A 30 7.84 -2.68 10.12
C TYR A 30 6.38 -2.29 10.30
N LEU A 31 6.05 -1.80 11.48
CA LEU A 31 4.68 -1.36 11.78
C LEU A 31 4.42 0.03 11.22
N GLY A 32 3.28 0.19 10.55
CA GLY A 32 2.93 1.48 9.99
C GLY A 32 1.44 1.62 9.75
N THR A 33 1.02 2.81 9.34
CA THR A 33 -0.40 3.07 9.07
C THR A 33 -0.60 3.60 7.65
N ILE A 34 -1.55 3.02 6.94
CA ILE A 34 -1.84 3.43 5.57
C ILE A 34 -2.34 4.87 5.53
N LYS A 35 -1.77 5.66 4.62
CA LYS A 35 -2.17 7.05 4.48
C LYS A 35 -2.70 7.32 3.08
N LYS A 36 -2.11 6.67 2.09
CA LYS A 36 -2.52 6.85 0.69
C LYS A 36 -2.38 5.53 -0.07
N ILE A 37 -3.16 5.40 -1.14
CA ILE A 37 -3.12 4.19 -1.97
C ILE A 37 -3.03 4.54 -3.45
N ASN A 38 -1.87 4.30 -4.04
CA ASN A 38 -1.66 4.59 -5.45
C ASN A 38 -1.86 3.34 -6.30
N ILE A 39 -2.91 3.34 -7.11
CA ILE A 39 -3.21 2.20 -7.97
C ILE A 39 -2.27 2.17 -9.18
N LEU A 40 -1.95 3.34 -9.71
CA LEU A 40 -1.05 3.44 -10.86
C LEU A 40 0.32 2.89 -10.52
N LYS A 41 0.84 3.26 -9.35
CA LYS A 41 2.15 2.80 -8.92
C LYS A 41 2.04 1.51 -8.12
N GLN A 42 0.81 1.14 -7.79
CA GLN A 42 0.56 -0.09 -7.02
C GLN A 42 1.26 -0.03 -5.68
N SER A 43 1.25 1.14 -5.06
CA SER A 43 1.89 1.34 -3.76
C SER A 43 0.92 1.98 -2.76
N CYS A 44 1.41 2.23 -1.56
CA CYS A 44 0.60 2.86 -0.52
C CYS A 44 1.46 3.65 0.45
N PHE A 45 1.09 4.91 0.67
CA PHE A 45 1.84 5.77 1.57
C PHE A 45 1.53 5.44 3.02
N ILE A 46 2.38 4.63 3.64
CA ILE A 46 2.19 4.24 5.02
C ILE A 46 3.19 4.94 5.94
N ILE A 47 2.76 5.22 7.16
CA ILE A 47 3.63 5.90 8.13
C ILE A 47 4.09 4.94 9.21
N PHE A 48 5.38 4.61 9.18
CA PHE A 48 5.95 3.70 10.17
C PHE A 48 6.09 4.37 11.53
N GLU A 49 6.06 3.59 12.59
CA GLU A 49 6.18 4.11 13.94
C GLU A 49 7.33 5.12 14.03
N ASP A 50 8.25 5.03 13.08
CA ASP A 50 9.39 5.94 13.06
C ASP A 50 9.01 7.28 12.41
N SER A 51 7.72 7.53 12.31
CA SER A 51 7.22 8.75 11.71
C SER A 51 7.81 8.96 10.31
N SER A 52 8.15 7.86 9.66
CA SER A 52 8.73 7.91 8.32
C SER A 52 7.71 7.45 7.27
N LYS A 53 7.50 8.29 6.27
CA LYS A 53 6.55 7.96 5.19
C LYS A 53 7.28 7.37 3.99
N SER A 54 6.83 6.20 3.55
CA SER A 54 7.44 5.53 2.41
C SER A 54 6.37 4.78 1.60
N TRP A 55 6.46 4.90 0.28
CA TRP A 55 5.51 4.24 -0.61
C TRP A 55 5.81 2.74 -0.71
N VAL A 56 5.03 1.94 0.01
CA VAL A 56 5.21 0.49 0.01
C VAL A 56 4.39 -0.16 -1.10
N LEU A 57 4.99 -1.14 -1.77
CA LEU A 57 4.31 -1.85 -2.85
C LEU A 57 3.17 -2.71 -2.31
N TRP A 58 2.06 -2.75 -3.04
CA TRP A 58 0.91 -3.55 -2.63
C TRP A 58 1.33 -4.96 -2.24
N LYS A 59 2.38 -5.47 -2.88
CA LYS A 59 2.89 -6.80 -2.60
C LYS A 59 3.80 -6.78 -1.38
N ASP A 60 4.41 -5.62 -1.12
CA ASP A 60 5.31 -5.48 0.02
C ASP A 60 4.53 -5.11 1.29
N ILE A 61 3.25 -4.79 1.12
CA ILE A 61 2.41 -4.42 2.25
C ILE A 61 1.64 -5.63 2.77
N GLN A 62 1.99 -6.06 3.98
CA GLN A 62 1.34 -7.21 4.60
C GLN A 62 0.06 -6.78 5.32
N THR A 63 -1.06 -7.43 4.97
CA THR A 63 -2.34 -7.11 5.59
C THR A 63 -2.67 -8.09 6.70
N GLY A 64 -2.42 -7.68 7.94
CA GLY A 64 -2.69 -8.54 9.08
C GLY A 64 -4.15 -8.96 9.14
N ALA A 65 -4.38 -10.26 9.20
CA ALA A 65 -5.73 -10.80 9.25
C ALA A 65 -6.05 -11.35 10.65
N THR A 66 -7.22 -11.00 11.16
CA THR A 66 -7.64 -11.45 12.49
C THR A 66 -8.88 -12.33 12.40
N GLY A 1 -10.86 -1.73 -30.70
CA GLY A 1 -9.74 -2.26 -29.94
C GLY A 1 -10.19 -2.96 -28.68
N SER A 2 -9.33 -3.82 -28.14
CA SER A 2 -9.64 -4.55 -26.92
C SER A 2 -9.36 -3.71 -25.68
N SER A 3 -10.40 -3.11 -25.13
CA SER A 3 -10.26 -2.27 -23.94
C SER A 3 -8.98 -1.45 -24.01
N GLY A 4 -8.69 -0.92 -25.20
CA GLY A 4 -7.49 -0.12 -25.38
C GLY A 4 -7.71 1.34 -25.02
N SER A 5 -8.70 1.96 -25.65
CA SER A 5 -9.00 3.36 -25.40
C SER A 5 -9.57 3.55 -24.00
N SER A 6 -10.59 2.77 -23.65
CA SER A 6 -11.21 2.85 -22.34
C SER A 6 -12.11 1.64 -22.08
N GLY A 7 -12.34 1.36 -20.81
CA GLY A 7 -13.18 0.22 -20.46
C GLY A 7 -13.46 0.15 -18.97
N LYS A 8 -12.74 -0.73 -18.27
CA LYS A 8 -12.91 -0.89 -16.84
C LYS A 8 -12.06 0.11 -16.06
N LYS A 9 -12.53 0.51 -14.89
CA LYS A 9 -11.80 1.45 -14.05
C LYS A 9 -11.08 0.74 -12.92
N PRO A 10 -9.84 1.18 -12.63
CA PRO A 10 -9.03 0.60 -11.56
C PRO A 10 -9.58 0.91 -10.18
N ALA A 11 -9.29 0.03 -9.22
CA ALA A 11 -9.75 0.21 -7.85
C ALA A 11 -8.74 -0.36 -6.85
N CYS A 12 -8.79 0.15 -5.62
CA CYS A 12 -7.88 -0.30 -4.58
C CYS A 12 -8.57 -1.31 -3.66
N LYS A 13 -7.80 -1.90 -2.75
CA LYS A 13 -8.33 -2.88 -1.81
C LYS A 13 -8.00 -2.50 -0.38
N PHE A 14 -6.83 -1.89 -0.18
CA PHE A 14 -6.40 -1.47 1.15
C PHE A 14 -7.37 -0.44 1.73
N GLU A 15 -7.18 -0.10 3.00
CA GLU A 15 -8.02 0.87 3.66
C GLU A 15 -7.20 2.04 4.19
N GLU A 16 -7.79 3.24 4.17
CA GLU A 16 -7.10 4.44 4.65
C GLU A 16 -7.01 4.45 6.17
N GLY A 17 -5.82 4.74 6.69
CA GLY A 17 -5.63 4.78 8.12
C GLY A 17 -5.66 3.40 8.75
N GLN A 18 -5.22 2.40 7.99
CA GLN A 18 -5.20 1.02 8.48
C GLN A 18 -3.79 0.60 8.83
N ASP A 19 -3.59 0.18 10.08
CA ASP A 19 -2.28 -0.27 10.54
C ASP A 19 -1.89 -1.59 9.89
N VAL A 20 -0.78 -1.59 9.17
CA VAL A 20 -0.29 -2.79 8.49
C VAL A 20 1.23 -2.89 8.57
N LEU A 21 1.76 -4.00 8.10
CA LEU A 21 3.21 -4.23 8.12
C LEU A 21 3.81 -4.03 6.73
N ALA A 22 4.64 -3.01 6.60
CA ALA A 22 5.29 -2.71 5.33
C ALA A 22 6.76 -3.14 5.35
N ARG A 23 7.22 -3.68 4.23
CA ARG A 23 8.60 -4.14 4.12
C ARG A 23 9.50 -3.01 3.62
N TRP A 24 10.42 -2.59 4.47
CA TRP A 24 11.35 -1.50 4.12
C TRP A 24 12.36 -1.98 3.08
N SER A 25 13.14 -1.04 2.55
CA SER A 25 14.13 -1.35 1.54
C SER A 25 15.08 -2.43 2.04
N ASP A 26 15.29 -2.48 3.35
CA ASP A 26 16.18 -3.47 3.95
C ASP A 26 15.66 -4.88 3.71
N GLY A 27 14.34 -5.03 3.68
CA GLY A 27 13.75 -6.33 3.45
C GLY A 27 12.90 -6.78 4.62
N LEU A 28 13.05 -6.12 5.75
CA LEU A 28 12.29 -6.47 6.96
C LEU A 28 10.95 -5.73 6.99
N PHE A 29 10.00 -6.28 7.72
CA PHE A 29 8.67 -5.66 7.84
C PHE A 29 8.58 -4.80 9.09
N TYR A 30 7.96 -3.65 8.96
CA TYR A 30 7.80 -2.73 10.08
C TYR A 30 6.35 -2.29 10.24
N LEU A 31 6.00 -1.83 11.43
CA LEU A 31 4.64 -1.38 11.71
C LEU A 31 4.40 0.01 11.15
N GLY A 32 3.25 0.19 10.49
CA GLY A 32 2.92 1.48 9.91
C GLY A 32 1.43 1.64 9.65
N THR A 33 1.02 2.85 9.33
CA THR A 33 -0.39 3.13 9.07
C THR A 33 -0.58 3.64 7.64
N ILE A 34 -1.56 3.06 6.94
CA ILE A 34 -1.85 3.46 5.57
C ILE A 34 -2.37 4.89 5.51
N LYS A 35 -1.77 5.70 4.64
CA LYS A 35 -2.17 7.09 4.49
C LYS A 35 -2.69 7.35 3.07
N LYS A 36 -2.11 6.64 2.10
CA LYS A 36 -2.53 6.81 0.71
C LYS A 36 -2.44 5.47 -0.03
N ILE A 37 -3.22 5.35 -1.11
CA ILE A 37 -3.24 4.13 -1.90
C ILE A 37 -3.14 4.44 -3.39
N ASN A 38 -1.97 4.16 -3.97
CA ASN A 38 -1.76 4.41 -5.40
C ASN A 38 -1.90 3.12 -6.20
N ILE A 39 -2.84 3.13 -7.14
CA ILE A 39 -3.08 1.96 -7.98
C ILE A 39 -2.16 1.97 -9.20
N LEU A 40 -1.87 3.15 -9.71
CA LEU A 40 -1.00 3.30 -10.87
C LEU A 40 0.39 2.75 -10.59
N LYS A 41 0.92 3.07 -9.41
CA LYS A 41 2.24 2.60 -9.01
C LYS A 41 2.14 1.35 -8.14
N GLN A 42 0.91 0.96 -7.82
CA GLN A 42 0.69 -0.23 -7.00
C GLN A 42 1.40 -0.11 -5.67
N SER A 43 1.32 1.07 -5.05
CA SER A 43 1.96 1.31 -3.77
C SER A 43 0.99 1.96 -2.79
N CYS A 44 1.48 2.23 -1.58
CA CYS A 44 0.66 2.85 -0.55
C CYS A 44 1.52 3.65 0.43
N PHE A 45 1.14 4.91 0.64
CA PHE A 45 1.88 5.78 1.53
C PHE A 45 1.57 5.45 2.99
N ILE A 46 2.43 4.65 3.61
CA ILE A 46 2.24 4.25 5.00
C ILE A 46 3.25 4.94 5.91
N ILE A 47 2.83 5.25 7.12
CA ILE A 47 3.70 5.91 8.09
C ILE A 47 4.15 4.94 9.18
N PHE A 48 5.44 4.60 9.19
CA PHE A 48 5.99 3.70 10.17
C PHE A 48 6.12 4.38 11.53
N GLU A 49 6.07 3.57 12.59
CA GLU A 49 6.18 4.11 13.94
C GLU A 49 7.33 5.09 14.05
N ASP A 50 8.27 5.00 13.11
CA ASP A 50 9.42 5.90 13.10
C ASP A 50 9.07 7.24 12.47
N SER A 51 7.77 7.49 12.34
CA SER A 51 7.30 8.75 11.75
C SER A 51 7.88 8.94 10.36
N SER A 52 8.22 7.83 9.70
CA SER A 52 8.79 7.88 8.36
C SER A 52 7.77 7.47 7.31
N LYS A 53 7.57 8.31 6.31
CA LYS A 53 6.62 8.03 5.25
C LYS A 53 7.32 7.44 4.03
N SER A 54 6.83 6.30 3.58
CA SER A 54 7.42 5.62 2.42
C SER A 54 6.34 4.86 1.64
N TRP A 55 6.42 4.94 0.31
CA TRP A 55 5.46 4.26 -0.55
C TRP A 55 5.77 2.78 -0.65
N VAL A 56 5.02 1.97 0.09
CA VAL A 56 5.21 0.53 0.08
C VAL A 56 4.40 -0.14 -1.03
N LEU A 57 5.01 -1.07 -1.73
CA LEU A 57 4.33 -1.79 -2.82
C LEU A 57 3.23 -2.68 -2.28
N TRP A 58 2.13 -2.77 -3.02
CA TRP A 58 1.01 -3.61 -2.61
C TRP A 58 1.46 -5.02 -2.25
N LYS A 59 2.53 -5.47 -2.91
CA LYS A 59 3.07 -6.80 -2.66
C LYS A 59 3.96 -6.81 -1.42
N ASP A 60 4.50 -5.63 -1.09
CA ASP A 60 5.38 -5.50 0.08
C ASP A 60 4.56 -5.14 1.32
N ILE A 61 3.30 -4.83 1.12
CA ILE A 61 2.42 -4.46 2.22
C ILE A 61 1.64 -5.67 2.74
N GLN A 62 1.97 -6.10 3.96
CA GLN A 62 1.30 -7.25 4.57
C GLN A 62 -0.03 -6.83 5.19
N THR A 63 -1.03 -7.68 5.03
CA THR A 63 -2.36 -7.41 5.58
C THR A 63 -2.69 -8.35 6.72
N GLY A 64 -2.43 -7.90 7.95
CA GLY A 64 -2.71 -8.72 9.12
C GLY A 64 -4.18 -8.72 9.50
N ALA A 65 -4.49 -9.34 10.63
CA ALA A 65 -5.87 -9.41 11.10
C ALA A 65 -6.20 -8.24 12.01
N THR A 66 -7.46 -8.13 12.40
CA THR A 66 -7.90 -7.06 13.28
C THR A 66 -7.51 -7.33 14.73
N GLY A 1 -6.06 -21.18 -29.09
CA GLY A 1 -6.76 -21.53 -27.87
C GLY A 1 -8.03 -20.72 -27.68
N SER A 2 -8.97 -21.28 -26.94
CA SER A 2 -10.25 -20.60 -26.70
C SER A 2 -10.38 -20.22 -25.22
N SER A 3 -9.29 -19.73 -24.65
CA SER A 3 -9.28 -19.32 -23.25
C SER A 3 -8.89 -17.86 -23.10
N GLY A 4 -9.89 -17.01 -22.88
CA GLY A 4 -9.64 -15.59 -22.73
C GLY A 4 -10.55 -14.93 -21.71
N SER A 5 -10.05 -14.80 -20.48
CA SER A 5 -10.83 -14.20 -19.41
C SER A 5 -10.14 -12.95 -18.87
N SER A 6 -10.64 -11.79 -19.26
CA SER A 6 -10.07 -10.51 -18.82
C SER A 6 -11.14 -9.44 -18.73
N GLY A 7 -11.16 -8.73 -17.60
CA GLY A 7 -12.14 -7.68 -17.41
C GLY A 7 -12.35 -7.34 -15.94
N LYS A 8 -11.44 -6.57 -15.38
CA LYS A 8 -11.52 -6.18 -13.97
C LYS A 8 -10.94 -4.79 -13.76
N LYS A 9 -11.76 -3.88 -13.24
CA LYS A 9 -11.33 -2.51 -12.99
C LYS A 9 -10.34 -2.47 -11.82
N PRO A 10 -9.49 -1.44 -11.82
CA PRO A 10 -8.48 -1.24 -10.77
C PRO A 10 -9.10 -0.86 -9.43
N ALA A 11 -8.94 -1.74 -8.44
CA ALA A 11 -9.50 -1.50 -7.11
C ALA A 11 -8.41 -1.57 -6.05
N CYS A 12 -8.58 -0.81 -4.98
CA CYS A 12 -7.61 -0.79 -3.89
C CYS A 12 -8.14 -1.53 -2.67
N LYS A 13 -8.03 -2.85 -2.69
CA LYS A 13 -8.50 -3.68 -1.59
C LYS A 13 -8.06 -3.11 -0.25
N PHE A 14 -6.99 -2.31 -0.27
CA PHE A 14 -6.46 -1.70 0.95
C PHE A 14 -7.45 -0.68 1.50
N GLU A 15 -7.16 -0.18 2.70
CA GLU A 15 -8.02 0.81 3.34
C GLU A 15 -7.21 1.99 3.87
N GLU A 16 -7.82 3.17 3.90
CA GLU A 16 -7.15 4.37 4.38
C GLU A 16 -7.17 4.42 5.91
N GLY A 17 -6.00 4.67 6.50
CA GLY A 17 -5.89 4.74 7.94
C GLY A 17 -5.92 3.37 8.59
N GLN A 18 -5.42 2.36 7.88
CA GLN A 18 -5.39 1.00 8.39
C GLN A 18 -3.96 0.58 8.70
N ASP A 19 -3.73 0.15 9.94
CA ASP A 19 -2.41 -0.29 10.37
C ASP A 19 -2.02 -1.59 9.70
N VAL A 20 -0.78 -1.66 9.22
CA VAL A 20 -0.29 -2.86 8.55
C VAL A 20 1.24 -2.94 8.64
N LEU A 21 1.79 -4.04 8.13
CA LEU A 21 3.24 -4.25 8.15
C LEU A 21 3.83 -4.04 6.76
N ALA A 22 4.64 -3.00 6.62
CA ALA A 22 5.29 -2.70 5.35
C ALA A 22 6.73 -3.18 5.33
N ARG A 23 7.16 -3.67 4.18
CA ARG A 23 8.52 -4.18 4.02
C ARG A 23 9.47 -3.07 3.55
N TRP A 24 10.38 -2.67 4.42
CA TRP A 24 11.34 -1.63 4.10
C TRP A 24 12.35 -2.11 3.07
N SER A 25 13.17 -1.19 2.57
CA SER A 25 14.18 -1.52 1.57
C SER A 25 15.04 -2.70 2.03
N ASP A 26 15.41 -2.68 3.31
CA ASP A 26 16.23 -3.74 3.88
C ASP A 26 15.59 -5.11 3.65
N GLY A 27 14.28 -5.12 3.45
CA GLY A 27 13.58 -6.37 3.22
C GLY A 27 12.77 -6.81 4.42
N LEU A 28 12.95 -6.11 5.54
CA LEU A 28 12.23 -6.44 6.77
C LEU A 28 10.89 -5.71 6.83
N PHE A 29 9.97 -6.23 7.63
CA PHE A 29 8.65 -5.63 7.79
C PHE A 29 8.59 -4.77 9.05
N TYR A 30 7.91 -3.65 8.97
CA TYR A 30 7.77 -2.74 10.10
C TYR A 30 6.32 -2.31 10.28
N LEU A 31 6.01 -1.81 11.47
CA LEU A 31 4.65 -1.34 11.77
C LEU A 31 4.40 0.04 11.18
N GLY A 32 3.26 0.20 10.53
CA GLY A 32 2.92 1.48 9.92
C GLY A 32 1.43 1.64 9.72
N THR A 33 1.02 2.83 9.29
CA THR A 33 -0.39 3.12 9.05
C THR A 33 -0.62 3.61 7.63
N ILE A 34 -1.59 3.00 6.94
CA ILE A 34 -1.91 3.38 5.58
C ILE A 34 -2.48 4.80 5.52
N LYS A 35 -1.89 5.63 4.67
CA LYS A 35 -2.35 7.01 4.51
C LYS A 35 -2.85 7.26 3.10
N LYS A 36 -2.24 6.57 2.12
CA LYS A 36 -2.64 6.72 0.72
C LYS A 36 -2.52 5.39 -0.02
N ILE A 37 -3.26 5.26 -1.11
CA ILE A 37 -3.22 4.04 -1.90
C ILE A 37 -3.14 4.36 -3.39
N ASN A 38 -1.96 4.11 -3.97
CA ASN A 38 -1.74 4.37 -5.39
C ASN A 38 -1.87 3.09 -6.20
N ILE A 39 -2.84 3.06 -7.11
CA ILE A 39 -3.06 1.89 -7.95
C ILE A 39 -2.13 1.90 -9.16
N LEU A 40 -1.86 3.09 -9.67
CA LEU A 40 -0.98 3.24 -10.83
C LEU A 40 0.41 2.69 -10.53
N LYS A 41 0.96 3.06 -9.38
CA LYS A 41 2.28 2.60 -8.98
C LYS A 41 2.18 1.36 -8.10
N GLN A 42 0.95 0.94 -7.82
CA GLN A 42 0.71 -0.24 -6.99
C GLN A 42 1.43 -0.11 -5.65
N SER A 43 1.33 1.08 -5.05
CA SER A 43 1.97 1.34 -3.76
C SER A 43 1.00 1.99 -2.79
N CYS A 44 1.46 2.24 -1.57
CA CYS A 44 0.63 2.87 -0.55
C CYS A 44 1.48 3.68 0.42
N PHE A 45 1.07 4.93 0.65
CA PHE A 45 1.79 5.81 1.56
C PHE A 45 1.51 5.45 3.01
N ILE A 46 2.43 4.70 3.62
CA ILE A 46 2.27 4.30 5.01
C ILE A 46 3.28 5.01 5.92
N ILE A 47 2.89 5.24 7.16
CA ILE A 47 3.76 5.91 8.12
C ILE A 47 4.22 4.95 9.20
N PHE A 48 5.51 4.63 9.19
CA PHE A 48 6.09 3.72 10.18
C PHE A 48 6.22 4.40 11.53
N GLU A 49 6.17 3.61 12.61
CA GLU A 49 6.29 4.14 13.96
C GLU A 49 7.44 5.14 14.05
N ASP A 50 8.38 5.04 13.11
CA ASP A 50 9.52 5.94 13.08
C ASP A 50 9.16 7.27 12.44
N SER A 51 7.86 7.52 12.32
CA SER A 51 7.38 8.77 11.72
C SER A 51 7.96 8.96 10.33
N SER A 52 8.33 7.86 9.69
CA SER A 52 8.90 7.91 8.35
C SER A 52 7.88 7.46 7.30
N LYS A 53 7.67 8.31 6.30
CA LYS A 53 6.72 8.01 5.23
C LYS A 53 7.43 7.42 4.02
N SER A 54 6.95 6.26 3.57
CA SER A 54 7.55 5.59 2.42
C SER A 54 6.48 4.82 1.63
N TRP A 55 6.48 5.00 0.32
CA TRP A 55 5.53 4.32 -0.54
C TRP A 55 5.86 2.85 -0.68
N VAL A 56 5.11 2.01 0.04
CA VAL A 56 5.33 0.57 0.00
C VAL A 56 4.50 -0.08 -1.09
N LEU A 57 5.08 -1.07 -1.77
CA LEU A 57 4.39 -1.78 -2.84
C LEU A 57 3.28 -2.67 -2.28
N TRP A 58 2.19 -2.79 -3.02
CA TRP A 58 1.06 -3.61 -2.60
C TRP A 58 1.53 -5.01 -2.21
N LYS A 59 2.62 -5.46 -2.82
CA LYS A 59 3.16 -6.77 -2.54
C LYS A 59 4.02 -6.75 -1.28
N ASP A 60 4.52 -5.57 -0.93
CA ASP A 60 5.36 -5.41 0.26
C ASP A 60 4.50 -5.08 1.47
N ILE A 61 3.27 -4.64 1.24
CA ILE A 61 2.37 -4.29 2.32
C ILE A 61 1.58 -5.52 2.78
N GLN A 62 1.87 -5.99 3.99
CA GLN A 62 1.19 -7.14 4.55
C GLN A 62 -0.09 -6.73 5.27
N THR A 63 -1.21 -7.32 4.87
CA THR A 63 -2.50 -7.02 5.47
C THR A 63 -2.79 -7.94 6.64
N GLY A 64 -2.53 -7.45 7.85
CA GLY A 64 -2.78 -8.26 9.04
C GLY A 64 -4.14 -8.01 9.63
N ALA A 65 -4.20 -7.91 10.95
CA ALA A 65 -5.46 -7.67 11.64
C ALA A 65 -6.35 -8.92 11.63
N THR A 66 -5.73 -10.08 11.82
CA THR A 66 -6.46 -11.34 11.82
C THR A 66 -6.34 -12.04 13.17
N GLY A 1 -16.05 18.87 -27.93
CA GLY A 1 -16.28 17.73 -27.06
C GLY A 1 -15.34 16.58 -27.33
N SER A 2 -14.84 15.96 -26.26
CA SER A 2 -13.90 14.84 -26.39
C SER A 2 -14.50 13.58 -25.79
N SER A 3 -13.87 12.44 -26.08
CA SER A 3 -14.34 11.15 -25.59
C SER A 3 -14.54 11.20 -24.08
N GLY A 4 -13.55 11.76 -23.37
CA GLY A 4 -13.64 11.85 -21.93
C GLY A 4 -13.33 10.54 -21.23
N SER A 5 -13.90 9.46 -21.75
CA SER A 5 -13.69 8.14 -21.17
C SER A 5 -12.68 7.34 -22.00
N SER A 6 -11.43 7.32 -21.53
CA SER A 6 -10.37 6.60 -22.22
C SER A 6 -9.70 5.60 -21.30
N GLY A 7 -9.85 4.32 -21.61
CA GLY A 7 -9.26 3.28 -20.79
C GLY A 7 -9.89 3.18 -19.42
N LYS A 8 -9.42 2.23 -18.62
CA LYS A 8 -9.95 2.04 -17.26
C LYS A 8 -8.96 1.26 -16.41
N LYS A 9 -8.88 1.62 -15.13
CA LYS A 9 -7.98 0.94 -14.20
C LYS A 9 -8.76 0.34 -13.04
N PRO A 10 -8.23 -0.75 -12.47
CA PRO A 10 -8.85 -1.45 -11.35
C PRO A 10 -8.78 -0.64 -10.05
N ALA A 11 -9.75 -0.85 -9.18
CA ALA A 11 -9.79 -0.15 -7.90
C ALA A 11 -8.87 -0.80 -6.88
N CYS A 12 -8.72 -0.15 -5.72
CA CYS A 12 -7.86 -0.66 -4.67
C CYS A 12 -8.65 -1.55 -3.70
N LYS A 13 -7.96 -2.10 -2.72
CA LYS A 13 -8.58 -2.98 -1.74
C LYS A 13 -8.23 -2.54 -0.32
N PHE A 14 -7.04 -2.00 -0.15
CA PHE A 14 -6.57 -1.54 1.16
C PHE A 14 -7.56 -0.54 1.76
N GLU A 15 -7.30 -0.13 3.00
CA GLU A 15 -8.16 0.82 3.68
C GLU A 15 -7.36 1.98 4.24
N GLU A 16 -7.91 3.19 4.09
CA GLU A 16 -7.24 4.39 4.57
C GLU A 16 -7.20 4.43 6.09
N GLY A 17 -6.01 4.67 6.64
CA GLY A 17 -5.85 4.72 8.08
C GLY A 17 -5.87 3.34 8.71
N GLN A 18 -5.36 2.36 7.99
CA GLN A 18 -5.33 0.98 8.49
C GLN A 18 -3.90 0.56 8.80
N ASP A 19 -3.68 0.12 10.04
CA ASP A 19 -2.35 -0.31 10.47
C ASP A 19 -1.96 -1.61 9.79
N VAL A 20 -0.73 -1.67 9.29
CA VAL A 20 -0.23 -2.86 8.61
C VAL A 20 1.29 -2.93 8.66
N LEU A 21 1.85 -4.03 8.19
CA LEU A 21 3.29 -4.22 8.18
C LEU A 21 3.86 -4.01 6.78
N ALA A 22 4.68 -2.99 6.62
CA ALA A 22 5.29 -2.69 5.33
C ALA A 22 6.76 -3.14 5.30
N ARG A 23 7.19 -3.63 4.14
CA ARG A 23 8.56 -4.10 3.98
C ARG A 23 9.47 -2.97 3.50
N TRP A 24 10.38 -2.55 4.37
CA TRP A 24 11.32 -1.47 4.04
C TRP A 24 12.32 -1.93 2.99
N SER A 25 13.12 -0.98 2.50
CA SER A 25 14.13 -1.29 1.49
C SER A 25 15.05 -2.41 1.97
N ASP A 26 15.30 -2.46 3.27
CA ASP A 26 16.16 -3.47 3.85
C ASP A 26 15.60 -4.87 3.62
N GLY A 27 14.28 -4.94 3.47
CA GLY A 27 13.63 -6.23 3.25
C GLY A 27 12.81 -6.68 4.44
N LEU A 28 13.01 -6.03 5.58
CA LEU A 28 12.28 -6.37 6.80
C LEU A 28 10.93 -5.65 6.86
N PHE A 29 10.02 -6.19 7.63
CA PHE A 29 8.68 -5.60 7.78
C PHE A 29 8.60 -4.75 9.04
N TYR A 30 7.96 -3.59 8.93
CA TYR A 30 7.82 -2.68 10.06
C TYR A 30 6.37 -2.27 10.24
N LEU A 31 6.03 -1.80 11.43
CA LEU A 31 4.68 -1.35 11.74
C LEU A 31 4.41 0.03 11.16
N GLY A 32 3.27 0.18 10.49
CA GLY A 32 2.92 1.46 9.90
C GLY A 32 1.42 1.59 9.67
N THR A 33 1.00 2.79 9.28
CA THR A 33 -0.42 3.05 9.04
C THR A 33 -0.64 3.58 7.62
N ILE A 34 -1.61 3.00 6.92
CA ILE A 34 -1.93 3.41 5.56
C ILE A 34 -2.39 4.86 5.52
N LYS A 35 -1.74 5.66 4.68
CA LYS A 35 -2.10 7.07 4.54
C LYS A 35 -2.63 7.36 3.15
N LYS A 36 -2.11 6.64 2.15
CA LYS A 36 -2.53 6.82 0.77
C LYS A 36 -2.48 5.50 0.01
N ILE A 37 -3.12 5.47 -1.15
CA ILE A 37 -3.16 4.26 -1.97
C ILE A 37 -3.03 4.61 -3.46
N ASN A 38 -1.87 4.32 -4.04
CA ASN A 38 -1.62 4.60 -5.44
C ASN A 38 -1.84 3.35 -6.29
N ILE A 39 -2.89 3.37 -7.10
CA ILE A 39 -3.19 2.23 -7.97
C ILE A 39 -2.22 2.15 -9.14
N LEU A 40 -1.88 3.30 -9.70
CA LEU A 40 -0.96 3.36 -10.83
C LEU A 40 0.41 2.81 -10.44
N LYS A 41 0.92 3.26 -9.30
CA LYS A 41 2.21 2.81 -8.81
C LYS A 41 2.08 1.51 -8.02
N GLN A 42 0.84 1.10 -7.77
CA GLN A 42 0.57 -0.13 -7.03
C GLN A 42 1.23 -0.08 -5.66
N SER A 43 1.31 1.11 -5.08
CA SER A 43 1.93 1.28 -3.77
C SER A 43 0.97 1.95 -2.80
N CYS A 44 1.44 2.21 -1.59
CA CYS A 44 0.62 2.85 -0.56
C CYS A 44 1.49 3.64 0.41
N PHE A 45 1.12 4.90 0.63
CA PHE A 45 1.88 5.76 1.53
C PHE A 45 1.56 5.44 2.99
N ILE A 46 2.40 4.61 3.60
CA ILE A 46 2.21 4.21 4.99
C ILE A 46 3.21 4.92 5.90
N ILE A 47 2.77 5.22 7.11
CA ILE A 47 3.63 5.89 8.09
C ILE A 47 4.08 4.93 9.18
N PHE A 48 5.38 4.63 9.19
CA PHE A 48 5.95 3.73 10.18
C PHE A 48 6.08 4.42 11.53
N GLU A 49 6.03 3.62 12.61
CA GLU A 49 6.14 4.16 13.95
C GLU A 49 7.28 5.17 14.05
N ASP A 50 8.22 5.08 13.12
CA ASP A 50 9.37 5.98 13.09
C ASP A 50 9.00 7.31 12.45
N SER A 51 7.69 7.55 12.32
CA SER A 51 7.20 8.79 11.72
C SER A 51 7.79 8.99 10.32
N SER A 52 8.17 7.88 9.69
CA SER A 52 8.74 7.93 8.35
C SER A 52 7.75 7.46 7.31
N LYS A 53 7.51 8.29 6.29
CA LYS A 53 6.59 7.97 5.23
C LYS A 53 7.31 7.37 4.03
N SER A 54 6.83 6.20 3.58
CA SER A 54 7.45 5.52 2.45
C SER A 54 6.39 4.78 1.62
N TRP A 55 6.49 4.89 0.30
CA TRP A 55 5.55 4.24 -0.59
C TRP A 55 5.83 2.74 -0.69
N VAL A 56 5.03 1.95 0.01
CA VAL A 56 5.19 0.50 0.02
C VAL A 56 4.41 -0.14 -1.13
N LEU A 57 4.95 -1.24 -1.65
CA LEU A 57 4.30 -1.95 -2.75
C LEU A 57 3.13 -2.79 -2.25
N TRP A 58 2.05 -2.82 -3.02
CA TRP A 58 0.88 -3.59 -2.64
C TRP A 58 1.26 -5.01 -2.26
N LYS A 59 2.33 -5.51 -2.85
CA LYS A 59 2.81 -6.87 -2.56
C LYS A 59 3.73 -6.87 -1.34
N ASP A 60 4.32 -5.72 -1.05
CA ASP A 60 5.22 -5.59 0.09
C ASP A 60 4.46 -5.21 1.36
N ILE A 61 3.20 -4.82 1.18
CA ILE A 61 2.35 -4.43 2.30
C ILE A 61 1.59 -5.62 2.85
N GLN A 62 1.98 -6.07 4.04
CA GLN A 62 1.33 -7.21 4.69
C GLN A 62 0.12 -6.75 5.50
N THR A 63 -1.04 -7.33 5.19
CA THR A 63 -2.27 -6.98 5.89
C THR A 63 -2.52 -7.92 7.07
N GLY A 64 -2.09 -7.50 8.25
CA GLY A 64 -2.29 -8.32 9.43
C GLY A 64 -3.71 -8.80 9.59
N ALA A 65 -3.99 -10.01 9.13
CA ALA A 65 -5.32 -10.58 9.22
C ALA A 65 -5.44 -11.54 10.40
N THR A 66 -4.81 -11.16 11.52
CA THR A 66 -4.84 -11.98 12.72
C THR A 66 -6.24 -12.53 12.98
N GLY A 1 -7.03 20.39 -20.68
CA GLY A 1 -7.34 20.39 -22.10
C GLY A 1 -8.82 20.41 -22.38
N SER A 2 -9.52 19.38 -21.93
CA SER A 2 -10.97 19.27 -22.14
C SER A 2 -11.70 19.17 -20.81
N SER A 3 -10.95 18.86 -19.76
CA SER A 3 -11.53 18.71 -18.42
C SER A 3 -12.89 18.01 -18.49
N GLY A 4 -12.94 16.92 -19.26
CA GLY A 4 -14.19 16.18 -19.39
C GLY A 4 -14.21 14.93 -18.54
N SER A 5 -15.36 14.26 -18.51
CA SER A 5 -15.50 13.04 -17.72
C SER A 5 -14.34 12.09 -17.96
N SER A 6 -14.21 11.09 -17.09
CA SER A 6 -13.13 10.11 -17.21
C SER A 6 -13.64 8.70 -16.94
N GLY A 7 -13.07 7.73 -17.64
CA GLY A 7 -13.48 6.35 -17.47
C GLY A 7 -12.71 5.65 -16.38
N LYS A 8 -12.46 6.35 -15.28
CA LYS A 8 -11.73 5.79 -14.15
C LYS A 8 -12.60 5.72 -12.90
N LYS A 9 -12.31 4.75 -12.04
CA LYS A 9 -13.06 4.58 -10.80
C LYS A 9 -12.16 4.07 -9.68
N PRO A 10 -12.35 4.64 -8.48
CA PRO A 10 -11.56 4.27 -7.30
C PRO A 10 -11.89 2.86 -6.80
N ALA A 11 -11.01 1.91 -7.10
CA ALA A 11 -11.21 0.53 -6.68
C ALA A 11 -9.94 -0.05 -6.08
N CYS A 12 -9.77 0.15 -4.77
CA CYS A 12 -8.59 -0.36 -4.08
C CYS A 12 -8.98 -1.42 -3.05
N LYS A 13 -8.01 -2.25 -2.68
CA LYS A 13 -8.24 -3.32 -1.71
C LYS A 13 -7.86 -2.87 -0.30
N PHE A 14 -6.82 -2.05 -0.21
CA PHE A 14 -6.35 -1.54 1.07
C PHE A 14 -7.33 -0.52 1.65
N GLU A 15 -7.11 -0.15 2.90
CA GLU A 15 -7.97 0.83 3.56
C GLU A 15 -7.16 2.02 4.06
N GLU A 16 -7.78 3.20 4.05
CA GLU A 16 -7.12 4.41 4.51
C GLU A 16 -7.09 4.48 6.03
N GLY A 17 -5.90 4.70 6.58
CA GLY A 17 -5.75 4.79 8.02
C GLY A 17 -5.77 3.43 8.68
N GLN A 18 -5.33 2.41 7.96
CA GLN A 18 -5.30 1.05 8.49
C GLN A 18 -3.87 0.61 8.80
N ASP A 19 -3.64 0.20 10.04
CA ASP A 19 -2.32 -0.25 10.46
C ASP A 19 -1.95 -1.58 9.79
N VAL A 20 -0.74 -1.63 9.24
CA VAL A 20 -0.26 -2.84 8.58
C VAL A 20 1.26 -2.95 8.65
N LEU A 21 1.79 -4.06 8.16
CA LEU A 21 3.23 -4.29 8.16
C LEU A 21 3.82 -4.08 6.78
N ALA A 22 4.66 -3.06 6.65
CA ALA A 22 5.29 -2.75 5.37
C ALA A 22 6.74 -3.23 5.35
N ARG A 23 7.18 -3.72 4.20
CA ARG A 23 8.55 -4.22 4.05
C ARG A 23 9.47 -3.10 3.57
N TRP A 24 10.39 -2.69 4.44
CA TRP A 24 11.34 -1.64 4.10
C TRP A 24 12.35 -2.12 3.07
N SER A 25 13.17 -1.20 2.57
CA SER A 25 14.18 -1.52 1.58
C SER A 25 15.09 -2.64 2.08
N ASP A 26 15.33 -2.67 3.38
CA ASP A 26 16.17 -3.68 3.99
C ASP A 26 15.60 -5.07 3.76
N GLY A 27 14.28 -5.15 3.62
CA GLY A 27 13.64 -6.43 3.41
C GLY A 27 12.82 -6.88 4.60
N LEU A 28 12.95 -6.15 5.71
CA LEU A 28 12.22 -6.48 6.93
C LEU A 28 10.88 -5.74 6.98
N PHE A 29 9.94 -6.29 7.74
CA PHE A 29 8.62 -5.68 7.88
C PHE A 29 8.55 -4.82 9.13
N TYR A 30 7.92 -3.66 9.00
CA TYR A 30 7.78 -2.73 10.12
C TYR A 30 6.32 -2.30 10.29
N LEU A 31 6.01 -1.79 11.47
CA LEU A 31 4.65 -1.33 11.78
C LEU A 31 4.40 0.05 11.19
N GLY A 32 3.28 0.20 10.49
CA GLY A 32 2.94 1.48 9.89
C GLY A 32 1.45 1.63 9.65
N THR A 33 1.02 2.85 9.32
CA THR A 33 -0.38 3.13 9.07
C THR A 33 -0.61 3.64 7.65
N ILE A 34 -1.57 3.04 6.96
CA ILE A 34 -1.87 3.44 5.59
C ILE A 34 -2.45 4.84 5.53
N LYS A 35 -1.90 5.67 4.65
CA LYS A 35 -2.36 7.05 4.49
C LYS A 35 -2.87 7.29 3.09
N LYS A 36 -2.23 6.65 2.11
CA LYS A 36 -2.62 6.81 0.71
C LYS A 36 -2.51 5.47 -0.03
N ILE A 37 -3.26 5.35 -1.12
CA ILE A 37 -3.25 4.13 -1.92
C ILE A 37 -3.16 4.45 -3.40
N ASN A 38 -1.98 4.22 -3.98
CA ASN A 38 -1.76 4.48 -5.40
C ASN A 38 -1.93 3.20 -6.22
N ILE A 39 -2.83 3.25 -7.21
CA ILE A 39 -3.08 2.10 -8.07
C ILE A 39 -2.14 2.10 -9.27
N LEU A 40 -1.77 3.28 -9.74
CA LEU A 40 -0.87 3.40 -10.88
C LEU A 40 0.50 2.83 -10.56
N LYS A 41 1.02 3.17 -9.38
CA LYS A 41 2.32 2.68 -8.95
C LYS A 41 2.18 1.43 -8.09
N GLN A 42 0.94 1.04 -7.81
CA GLN A 42 0.66 -0.14 -7.00
C GLN A 42 1.36 -0.04 -5.65
N SER A 43 1.35 1.16 -5.07
CA SER A 43 2.00 1.39 -3.78
C SER A 43 1.01 2.02 -2.80
N CYS A 44 1.48 2.28 -1.58
CA CYS A 44 0.65 2.87 -0.55
C CYS A 44 1.49 3.70 0.42
N PHE A 45 1.08 4.93 0.65
CA PHE A 45 1.80 5.82 1.56
C PHE A 45 1.51 5.48 3.00
N ILE A 46 2.40 4.69 3.62
CA ILE A 46 2.23 4.29 5.01
C ILE A 46 3.24 4.98 5.91
N ILE A 47 2.85 5.24 7.14
CA ILE A 47 3.73 5.91 8.11
C ILE A 47 4.19 4.93 9.18
N PHE A 48 5.48 4.60 9.17
CA PHE A 48 6.05 3.69 10.14
C PHE A 48 6.20 4.37 11.51
N GLU A 49 6.15 3.56 12.57
CA GLU A 49 6.28 4.08 13.92
C GLU A 49 7.43 5.09 14.02
N ASP A 50 8.36 4.99 13.07
CA ASP A 50 9.51 5.88 13.05
C ASP A 50 9.15 7.22 12.41
N SER A 51 7.85 7.48 12.31
CA SER A 51 7.37 8.73 11.72
C SER A 51 7.96 8.94 10.32
N SER A 52 8.26 7.83 9.66
CA SER A 52 8.83 7.89 8.31
C SER A 52 7.80 7.46 7.27
N LYS A 53 7.59 8.32 6.27
CA LYS A 53 6.64 8.03 5.21
C LYS A 53 7.35 7.44 3.98
N SER A 54 6.88 6.27 3.54
CA SER A 54 7.47 5.60 2.38
C SER A 54 6.41 4.84 1.60
N TRP A 55 6.48 4.94 0.28
CA TRP A 55 5.53 4.26 -0.59
C TRP A 55 5.84 2.77 -0.68
N VAL A 56 5.08 1.96 0.06
CA VAL A 56 5.28 0.52 0.05
C VAL A 56 4.46 -0.15 -1.04
N LEU A 57 5.09 -1.07 -1.76
CA LEU A 57 4.41 -1.79 -2.84
C LEU A 57 3.31 -2.69 -2.29
N TRP A 58 2.20 -2.77 -3.02
CA TRP A 58 1.07 -3.60 -2.61
C TRP A 58 1.54 -4.99 -2.23
N LYS A 59 2.62 -5.45 -2.85
CA LYS A 59 3.17 -6.78 -2.58
C LYS A 59 4.04 -6.76 -1.33
N ASP A 60 4.59 -5.59 -1.01
CA ASP A 60 5.44 -5.44 0.16
C ASP A 60 4.61 -5.11 1.40
N ILE A 61 3.34 -4.75 1.18
CA ILE A 61 2.45 -4.41 2.27
C ILE A 61 1.67 -5.64 2.74
N GLN A 62 1.97 -6.08 3.96
CA GLN A 62 1.31 -7.24 4.53
C GLN A 62 0.02 -6.84 5.24
N THR A 63 -1.02 -7.65 5.09
CA THR A 63 -2.30 -7.37 5.71
C THR A 63 -2.63 -8.40 6.78
N GLY A 64 -2.31 -8.07 8.03
CA GLY A 64 -2.58 -8.98 9.13
C GLY A 64 -4.05 -9.27 9.30
N ALA A 65 -4.44 -9.73 10.49
CA ALA A 65 -5.82 -10.05 10.77
C ALA A 65 -6.56 -8.85 11.38
N THR A 66 -7.80 -8.64 10.95
CA THR A 66 -8.60 -7.53 11.43
C THR A 66 -9.18 -7.83 12.81
N GLY A 1 0.47 -6.04 -31.50
CA GLY A 1 -0.92 -5.97 -31.89
C GLY A 1 -1.63 -4.77 -31.29
N SER A 2 -2.92 -4.62 -31.57
CA SER A 2 -3.70 -3.51 -31.06
C SER A 2 -3.85 -3.59 -29.55
N SER A 3 -4.18 -2.47 -28.92
CA SER A 3 -4.34 -2.42 -27.48
C SER A 3 -5.63 -3.13 -27.05
N GLY A 4 -5.55 -3.90 -25.97
CA GLY A 4 -6.70 -4.62 -25.49
C GLY A 4 -6.81 -4.59 -23.97
N SER A 5 -6.07 -5.46 -23.30
CA SER A 5 -6.09 -5.52 -21.84
C SER A 5 -7.49 -5.26 -21.31
N SER A 6 -8.49 -5.84 -21.97
CA SER A 6 -9.89 -5.67 -21.57
C SER A 6 -10.33 -6.83 -20.68
N GLY A 7 -11.17 -6.51 -19.69
CA GLY A 7 -11.66 -7.53 -18.79
C GLY A 7 -12.02 -6.98 -17.42
N LYS A 8 -11.07 -7.03 -16.50
CA LYS A 8 -11.28 -6.54 -15.14
C LYS A 8 -11.00 -5.04 -15.07
N LYS A 9 -11.59 -4.39 -14.07
CA LYS A 9 -11.40 -2.95 -13.88
C LYS A 9 -10.39 -2.67 -12.78
N PRO A 10 -9.54 -1.65 -12.99
CA PRO A 10 -8.52 -1.26 -12.01
C PRO A 10 -9.12 -0.63 -10.77
N ALA A 11 -8.62 -1.04 -9.60
CA ALA A 11 -9.11 -0.52 -8.33
C ALA A 11 -8.30 -1.07 -7.16
N CYS A 12 -8.21 -0.29 -6.09
CA CYS A 12 -7.47 -0.70 -4.90
C CYS A 12 -8.36 -1.48 -3.95
N LYS A 13 -7.73 -2.14 -2.97
CA LYS A 13 -8.46 -2.93 -1.99
C LYS A 13 -8.11 -2.49 -0.57
N PHE A 14 -6.91 -1.92 -0.41
CA PHE A 14 -6.45 -1.46 0.90
C PHE A 14 -7.42 -0.42 1.47
N GLU A 15 -7.25 -0.11 2.75
CA GLU A 15 -8.10 0.87 3.42
C GLU A 15 -7.28 2.05 3.93
N GLU A 16 -7.89 3.22 3.92
CA GLU A 16 -7.21 4.43 4.37
C GLU A 16 -7.19 4.50 5.90
N GLY A 17 -6.00 4.66 6.46
CA GLY A 17 -5.86 4.74 7.90
C GLY A 17 -5.87 3.37 8.56
N GLN A 18 -5.45 2.35 7.82
CA GLN A 18 -5.41 0.99 8.34
C GLN A 18 -3.97 0.57 8.67
N ASP A 19 -3.77 0.14 9.91
CA ASP A 19 -2.45 -0.29 10.36
C ASP A 19 -2.05 -1.59 9.68
N VAL A 20 -0.81 -1.65 9.20
CA VAL A 20 -0.30 -2.84 8.52
C VAL A 20 1.23 -2.90 8.62
N LEU A 21 1.79 -4.00 8.13
CA LEU A 21 3.23 -4.20 8.15
C LEU A 21 3.84 -3.98 6.77
N ALA A 22 4.62 -2.91 6.62
CA ALA A 22 5.26 -2.61 5.35
C ALA A 22 6.71 -3.05 5.33
N ARG A 23 7.15 -3.58 4.20
CA ARG A 23 8.53 -4.05 4.06
C ARG A 23 9.44 -2.92 3.57
N TRP A 24 10.38 -2.52 4.42
CA TRP A 24 11.31 -1.46 4.08
C TRP A 24 12.30 -1.91 3.02
N SER A 25 13.11 -0.98 2.52
CA SER A 25 14.10 -1.29 1.50
C SER A 25 15.00 -2.44 1.95
N ASP A 26 15.31 -2.47 3.24
CA ASP A 26 16.16 -3.50 3.81
C ASP A 26 15.58 -4.89 3.55
N GLY A 27 14.26 -4.96 3.45
CA GLY A 27 13.60 -6.23 3.21
C GLY A 27 12.80 -6.70 4.39
N LEU A 28 12.96 -6.03 5.53
CA LEU A 28 12.24 -6.39 6.74
C LEU A 28 10.91 -5.65 6.82
N PHE A 29 9.98 -6.21 7.58
CA PHE A 29 8.65 -5.61 7.75
C PHE A 29 8.60 -4.76 9.02
N TYR A 30 7.93 -3.62 8.93
CA TYR A 30 7.80 -2.72 10.06
C TYR A 30 6.35 -2.29 10.26
N LEU A 31 6.04 -1.80 11.45
CA LEU A 31 4.69 -1.35 11.77
C LEU A 31 4.42 0.03 11.19
N GLY A 32 3.30 0.16 10.48
CA GLY A 32 2.94 1.43 9.87
C GLY A 32 1.45 1.56 9.64
N THR A 33 1.02 2.76 9.27
CA THR A 33 -0.40 3.02 9.02
C THR A 33 -0.62 3.53 7.59
N ILE A 34 -1.59 2.95 6.91
CA ILE A 34 -1.90 3.35 5.54
C ILE A 34 -2.43 4.78 5.50
N LYS A 35 -1.75 5.63 4.73
CA LYS A 35 -2.15 7.03 4.59
C LYS A 35 -2.70 7.30 3.20
N LYS A 36 -2.13 6.63 2.20
CA LYS A 36 -2.55 6.80 0.82
C LYS A 36 -2.51 5.48 0.07
N ILE A 37 -3.15 5.44 -1.10
CA ILE A 37 -3.18 4.23 -1.91
C ILE A 37 -3.06 4.57 -3.39
N ASN A 38 -1.96 4.13 -4.00
CA ASN A 38 -1.72 4.38 -5.42
C ASN A 38 -1.86 3.10 -6.23
N ILE A 39 -2.70 3.15 -7.26
CA ILE A 39 -2.92 1.99 -8.13
C ILE A 39 -1.96 1.99 -9.31
N LEU A 40 -1.65 3.18 -9.80
CA LEU A 40 -0.75 3.32 -10.94
C LEU A 40 0.62 2.73 -10.63
N LYS A 41 1.10 2.96 -9.41
CA LYS A 41 2.40 2.44 -8.98
C LYS A 41 2.22 1.25 -8.05
N GLN A 42 0.97 0.86 -7.82
CA GLN A 42 0.67 -0.27 -6.95
C GLN A 42 1.38 -0.13 -5.61
N SER A 43 1.36 1.07 -5.06
CA SER A 43 2.00 1.33 -3.78
C SER A 43 1.03 1.98 -2.80
N CYS A 44 1.51 2.25 -1.59
CA CYS A 44 0.68 2.87 -0.56
C CYS A 44 1.54 3.67 0.41
N PHE A 45 1.15 4.93 0.64
CA PHE A 45 1.88 5.80 1.54
C PHE A 45 1.58 5.45 3.00
N ILE A 46 2.44 4.63 3.59
CA ILE A 46 2.26 4.22 4.98
C ILE A 46 3.26 4.92 5.89
N ILE A 47 2.83 5.21 7.11
CA ILE A 47 3.70 5.88 8.08
C ILE A 47 4.15 4.91 9.17
N PHE A 48 5.44 4.59 9.16
CA PHE A 48 6.02 3.68 10.14
C PHE A 48 6.13 4.34 11.50
N GLU A 49 6.13 3.54 12.56
CA GLU A 49 6.24 4.05 13.92
C GLU A 49 7.38 5.07 14.03
N ASP A 50 8.33 4.99 13.10
CA ASP A 50 9.47 5.90 13.09
C ASP A 50 9.08 7.24 12.48
N SER A 51 7.78 7.46 12.31
CA SER A 51 7.28 8.70 11.73
C SER A 51 7.86 8.92 10.33
N SER A 52 8.23 7.83 9.67
CA SER A 52 8.81 7.90 8.33
C SER A 52 7.79 7.45 7.28
N LYS A 53 7.57 8.30 6.29
CA LYS A 53 6.63 7.99 5.22
C LYS A 53 7.34 7.40 4.01
N SER A 54 6.87 6.25 3.54
CA SER A 54 7.47 5.58 2.40
C SER A 54 6.41 4.81 1.61
N TRP A 55 6.44 4.97 0.29
CA TRP A 55 5.48 4.28 -0.58
C TRP A 55 5.80 2.79 -0.67
N VAL A 56 5.03 1.97 0.04
CA VAL A 56 5.22 0.53 0.03
C VAL A 56 4.43 -0.13 -1.08
N LEU A 57 4.99 -1.18 -1.66
CA LEU A 57 4.32 -1.90 -2.74
C LEU A 57 3.19 -2.77 -2.20
N TRP A 58 2.10 -2.83 -2.95
CA TRP A 58 0.95 -3.63 -2.54
C TRP A 58 1.37 -5.05 -2.16
N LYS A 59 2.41 -5.55 -2.83
CA LYS A 59 2.91 -6.89 -2.56
C LYS A 59 3.83 -6.89 -1.34
N ASP A 60 4.35 -5.72 -1.01
CA ASP A 60 5.25 -5.59 0.14
C ASP A 60 4.46 -5.21 1.40
N ILE A 61 3.23 -4.76 1.21
CA ILE A 61 2.38 -4.37 2.32
C ILE A 61 1.59 -5.56 2.86
N GLN A 62 1.97 -6.03 4.05
CA GLN A 62 1.30 -7.16 4.67
C GLN A 62 0.10 -6.70 5.50
N THR A 63 -1.09 -7.07 5.05
CA THR A 63 -2.32 -6.68 5.73
C THR A 63 -2.43 -7.38 7.08
N GLY A 64 -2.10 -6.66 8.14
CA GLY A 64 -2.17 -7.24 9.48
C GLY A 64 -3.19 -6.53 10.36
N ALA A 65 -4.45 -6.91 10.20
CA ALA A 65 -5.53 -6.30 10.98
C ALA A 65 -6.22 -7.34 11.85
N THR A 66 -6.25 -7.09 13.16
CA THR A 66 -6.88 -8.00 14.10
C THR A 66 -8.22 -8.51 13.56
#